data_9FOJ
#
_entry.id   9FOJ
#
loop_
_entity.id
_entity.type
_entity.pdbx_description
1 polymer 'Envelope protein E'
2 polymer 'Small envelope protein M'
3 branched 2-acetamido-2-deoxy-beta-D-glucopyranose-(1-4)-2-acetamido-2-deoxy-beta-D-glucopyranose
4 non-polymer 1-PALMITOYL-2-LINOLEOYL-SN-GLYCERO-3-PHOSPHOCHOLINE
#
loop_
_entity_poly.entity_id
_entity_poly.type
_entity_poly.pdbx_seq_one_letter_code
_entity_poly.pdbx_strand_id
1 'polypeptide(L)'
;SRCTHLENRDFVTGVQGTTRLTLVLELGGCVTVTADGKPSLDVWLDSIYQESPAQTREYCLHAKLTGTKVAARCPTMGPA
TLPEEHQSGTVCKRDQSDRGWGNHCGLFGKGSIVTCVKFTCEDKKKATGHVYDVNKITYTIKVEPHTGEFVAANETHSGR
KSASFTVSSEKTILTLGDYGDVSLLCRVASGVDLAQTVVLALDKTHEHLPTAWQVHRDWFNDLALPWKHDGAEAWNEAGR
LVEFGTPHAVKMDVFNLGDQTGVLLKSLAGVPVASIEGTKYHLKSGHVTCEVGLEKLKMKGLTYTVCDKTKFTWKRAPTD
SGHDTVVMEVGFSGTRPCRIPVRAVAHGVPEVNVAMLITPNPTMENNGGGFIEMQLPPGDNIIYVGDLNHQWFQKGSSIG
RVLQKTRKGIERLTVLGEHAWDFGSVGGVMTSIGRAMHTVLGGAFNTLLGGVGFLPKILLGVAMAWLGLNMRNPTLSMGF
LLSGGLVLAMTLGVGA
;
A,B,C
2 'polypeptide(L)' VLIPSHAQRDLTGRGHQWLEGEAVKAHLTRVEGWVWKNKLFTLSLVMVAWLMVDGLLPRILIVVVALALAPAYA D,E,F
#
loop_
_chem_comp.id
_chem_comp.type
_chem_comp.name
_chem_comp.formula
CPL non-polymer 1-PALMITOYL-2-LINOLEOYL-SN-GLYCERO-3-PHOSPHOCHOLINE 'C42 H80 N O8 P'
NAG D-saccharide, beta linking 2-acetamido-2-deoxy-beta-D-glucopyranose 'C8 H15 N O6'
#
# COMPACT_ATOMS: atom_id res chain seq x y z
N SER A 1 38.68 -39.40 33.70
CA SER A 1 37.45 -38.61 33.90
C SER A 1 37.34 -37.53 32.82
N ARG A 2 36.13 -37.22 32.37
CA ARG A 2 35.79 -35.96 31.70
C ARG A 2 35.13 -34.96 32.63
N CYS A 3 34.48 -35.40 33.71
CA CYS A 3 33.92 -34.47 34.69
C CYS A 3 34.96 -33.48 35.26
N THR A 4 36.21 -33.89 35.41
CA THR A 4 37.33 -33.01 35.80
C THR A 4 37.68 -31.93 34.77
N HIS A 5 37.27 -32.07 33.52
CA HIS A 5 37.69 -31.22 32.40
C HIS A 5 36.61 -30.22 31.96
N LEU A 6 35.46 -30.19 32.63
CA LEU A 6 34.27 -29.46 32.21
C LEU A 6 33.83 -28.42 33.24
N GLU A 7 33.22 -27.36 32.76
CA GLU A 7 32.80 -26.21 33.58
C GLU A 7 31.60 -26.54 34.48
N ASN A 8 30.90 -27.64 34.20
CA ASN A 8 29.66 -28.05 34.85
C ASN A 8 29.66 -29.55 35.19
N ARG A 9 29.19 -29.88 36.41
CA ARG A 9 29.00 -31.24 36.96
C ARG A 9 27.76 -31.26 37.85
N ASP A 10 27.05 -32.37 37.87
CA ASP A 10 26.11 -32.75 38.93
C ASP A 10 26.39 -34.18 39.41
N PHE A 11 26.10 -34.46 40.68
CA PHE A 11 26.35 -35.74 41.33
C PHE A 11 25.04 -36.46 41.66
N VAL A 12 24.95 -37.76 41.38
CA VAL A 12 23.84 -38.62 41.82
C VAL A 12 24.35 -39.79 42.65
N THR A 13 23.59 -40.19 43.66
CA THR A 13 23.94 -41.35 44.50
C THR A 13 22.75 -42.26 44.79
N GLY A 14 22.92 -43.57 44.61
CA GLY A 14 21.94 -44.59 44.96
C GLY A 14 22.25 -45.28 46.29
N VAL A 15 21.25 -45.43 47.16
CA VAL A 15 21.36 -46.26 48.38
C VAL A 15 21.51 -47.74 48.02
N GLN A 16 22.10 -48.54 48.92
CA GLN A 16 22.40 -49.96 48.68
C GLN A 16 21.17 -50.73 48.15
N GLY A 17 21.37 -51.50 47.07
CA GLY A 17 20.31 -52.25 46.39
C GLY A 17 19.51 -51.47 45.34
N THR A 18 19.76 -50.17 45.13
CA THR A 18 19.13 -49.38 44.06
C THR A 18 19.67 -49.81 42.68
N THR A 19 18.82 -50.36 41.82
CA THR A 19 19.23 -50.93 40.53
C THR A 19 19.24 -49.94 39.37
N ARG A 20 18.40 -48.90 39.40
CA ARG A 20 18.18 -47.94 38.31
C ARG A 20 18.22 -46.49 38.79
N LEU A 21 18.82 -45.60 38.00
CA LEU A 21 18.75 -44.15 38.18
C LEU A 21 18.27 -43.48 36.89
N THR A 22 17.53 -42.37 37.01
CA THR A 22 17.00 -41.60 35.88
C THR A 22 17.78 -40.30 35.69
N LEU A 23 18.30 -40.08 34.49
CA LEU A 23 19.13 -38.93 34.14
C LEU A 23 18.50 -38.09 33.02
N VAL A 24 18.77 -36.79 33.06
CA VAL A 24 18.40 -35.83 32.01
C VAL A 24 19.68 -35.15 31.54
N LEU A 25 20.39 -35.82 30.65
CA LEU A 25 21.68 -35.39 30.12
C LEU A 25 21.50 -34.18 29.19
N GLU A 26 22.29 -33.14 29.40
CA GLU A 26 22.36 -31.95 28.53
C GLU A 26 23.65 -31.96 27.73
N LEU A 27 23.62 -31.55 26.46
CA LEU A 27 24.84 -31.47 25.68
C LEU A 27 25.84 -30.49 26.31
N GLY A 28 27.10 -30.90 26.43
CA GLY A 28 28.16 -30.11 27.09
C GLY A 28 28.15 -30.18 28.62
N GLY A 29 27.12 -30.74 29.25
CA GLY A 29 27.12 -31.12 30.66
C GLY A 29 27.68 -32.54 30.87
N CYS A 30 27.81 -32.95 32.14
CA CYS A 30 28.17 -34.32 32.51
C CYS A 30 27.61 -34.66 33.90
N VAL A 31 27.45 -35.96 34.19
CA VAL A 31 26.93 -36.45 35.48
C VAL A 31 27.93 -37.43 36.08
N THR A 32 28.21 -37.29 37.37
CA THR A 32 28.98 -38.26 38.16
C THR A 32 28.01 -39.20 38.87
N VAL A 33 28.03 -40.48 38.52
CA VAL A 33 27.09 -41.50 39.00
C VAL A 33 27.77 -42.36 40.05
N THR A 34 27.11 -42.56 41.19
CA THR A 34 27.63 -43.34 42.32
C THR A 34 26.54 -44.20 42.97
N ALA A 35 26.92 -45.26 43.68
CA ALA A 35 26.05 -45.96 44.61
C ALA A 35 26.89 -46.59 45.74
N ASP A 36 26.30 -46.78 46.92
CA ASP A 36 27.02 -47.29 48.08
C ASP A 36 27.63 -48.67 47.81
N GLY A 37 28.96 -48.76 47.79
CA GLY A 37 29.69 -50.01 47.54
C GLY A 37 29.77 -50.45 46.07
N LYS A 38 29.51 -49.57 45.11
CA LYS A 38 29.67 -49.83 43.66
C LYS A 38 30.55 -48.77 42.98
N PRO A 39 31.33 -49.12 41.94
CA PRO A 39 32.24 -48.18 41.29
C PRO A 39 31.49 -47.03 40.63
N SER A 40 32.11 -45.86 40.59
CA SER A 40 31.54 -44.64 40.02
C SER A 40 31.82 -44.49 38.52
N LEU A 41 30.91 -43.82 37.81
CA LEU A 41 30.97 -43.57 36.36
C LEU A 41 30.85 -42.08 36.04
N ASP A 42 31.52 -41.63 34.97
CA ASP A 42 31.17 -40.41 34.24
C ASP A 42 30.21 -40.76 33.09
N VAL A 43 29.13 -39.99 32.92
CA VAL A 43 28.18 -40.12 31.80
C VAL A 43 27.97 -38.77 31.12
N TRP A 44 27.97 -38.72 29.78
CA TRP A 44 27.64 -37.48 29.04
C TRP A 44 27.02 -37.73 27.65
N LEU A 45 26.27 -36.74 27.16
CA LEU A 45 25.72 -36.67 25.81
C LEU A 45 26.79 -36.08 24.88
N ASP A 46 27.09 -36.73 23.76
CA ASP A 46 28.27 -36.43 22.95
C ASP A 46 27.95 -35.82 21.58
N SER A 47 26.83 -36.19 20.97
CA SER A 47 26.30 -35.55 19.76
C SER A 47 24.82 -35.87 19.54
N ILE A 48 24.17 -35.03 18.73
CA ILE A 48 22.78 -35.19 18.28
C ILE A 48 22.76 -34.81 16.80
N TYR A 49 22.62 -35.78 15.88
CA TYR A 49 22.91 -35.53 14.46
C TYR A 49 22.14 -36.40 13.46
N GLN A 50 22.18 -36.01 12.19
CA GLN A 50 21.67 -36.76 11.04
C GLN A 50 22.60 -36.60 9.83
N GLU A 51 22.58 -37.56 8.91
CA GLU A 51 23.26 -37.46 7.60
C GLU A 51 22.28 -37.04 6.52
N SER A 52 22.63 -36.01 5.73
CA SER A 52 21.82 -35.45 4.64
C SER A 52 20.33 -35.20 4.97
N PRO A 53 20.00 -34.27 5.87
CA PRO A 53 18.61 -33.90 6.19
C PRO A 53 17.78 -33.45 4.99
N ALA A 54 16.46 -33.44 5.12
CA ALA A 54 15.54 -33.00 4.09
C ALA A 54 15.56 -31.47 3.92
N GLN A 55 15.52 -31.00 2.67
CA GLN A 55 15.42 -29.57 2.36
C GLN A 55 13.99 -29.04 2.50
N THR A 56 13.85 -27.73 2.69
CA THR A 56 12.57 -27.01 2.66
C THR A 56 12.75 -25.70 1.85
N ARG A 57 12.27 -24.55 2.32
CA ARG A 57 12.39 -23.26 1.64
C ARG A 57 13.85 -22.92 1.30
N GLU A 58 14.10 -22.43 0.10
CA GLU A 58 15.25 -21.60 -0.24
C GLU A 58 14.80 -20.14 -0.40
N TYR A 59 15.58 -19.20 0.12
CA TYR A 59 15.35 -17.76 -0.01
C TYR A 59 16.53 -17.07 -0.73
N CYS A 60 16.25 -15.97 -1.41
CA CYS A 60 17.26 -15.11 -2.05
C CYS A 60 17.58 -13.89 -1.17
N LEU A 61 18.84 -13.70 -0.77
CA LEU A 61 19.24 -12.53 0.03
C LEU A 61 19.73 -11.33 -0.80
N HIS A 62 20.01 -11.49 -2.10
CA HIS A 62 20.50 -10.40 -2.96
C HIS A 62 20.13 -10.64 -4.43
N ALA A 63 19.33 -9.76 -5.02
CA ALA A 63 18.87 -9.87 -6.39
C ALA A 63 19.91 -9.41 -7.43
N LYS A 64 19.87 -10.04 -8.60
CA LYS A 64 20.57 -9.63 -9.83
C LYS A 64 19.54 -9.46 -10.94
N LEU A 65 19.67 -8.39 -11.74
CA LEU A 65 18.68 -7.95 -12.72
C LEU A 65 19.30 -7.83 -14.11
N THR A 66 18.53 -8.06 -15.17
CA THR A 66 19.00 -7.98 -16.58
C THR A 66 17.86 -7.68 -17.55
N GLY A 67 18.18 -7.06 -18.69
CA GLY A 67 17.33 -7.06 -19.89
C GLY A 67 16.00 -6.32 -19.76
N THR A 68 15.93 -5.24 -18.98
CA THR A 68 14.66 -4.54 -18.74
C THR A 68 14.07 -3.90 -20.00
N LYS A 69 12.74 -3.84 -20.09
CA LYS A 69 11.96 -3.26 -21.21
C LYS A 69 10.81 -2.40 -20.70
N VAL A 70 10.38 -1.46 -21.54
CA VAL A 70 9.35 -0.45 -21.23
C VAL A 70 8.45 -0.24 -22.43
N ALA A 71 7.15 -0.03 -22.22
CA ALA A 71 6.22 0.41 -23.25
C ALA A 71 5.11 1.30 -22.66
N ALA A 72 4.52 2.18 -23.46
CA ALA A 72 3.48 3.11 -23.01
C ALA A 72 2.46 3.46 -24.11
N ARG A 73 1.26 3.84 -23.69
CA ARG A 73 0.12 4.22 -24.55
C ARG A 73 -0.42 5.59 -24.17
N CYS A 74 -0.94 6.32 -25.15
CA CYS A 74 -1.62 7.60 -24.96
C CYS A 74 -2.94 7.43 -24.18
N PRO A 75 -3.55 8.52 -23.66
CA PRO A 75 -4.76 8.44 -22.86
C PRO A 75 -5.99 7.76 -23.51
N THR A 76 -6.04 7.65 -24.85
CA THR A 76 -7.17 7.03 -25.57
C THR A 76 -6.97 5.54 -25.83
N MET A 77 -5.80 5.11 -26.30
CA MET A 77 -5.59 3.78 -26.90
C MET A 77 -5.34 2.63 -25.89
N GLY A 78 -6.09 2.61 -24.79
CA GLY A 78 -6.14 1.47 -23.87
C GLY A 78 -4.85 1.18 -23.08
N PRO A 79 -4.77 0.03 -22.39
CA PRO A 79 -3.61 -0.37 -21.60
C PRO A 79 -2.46 -0.87 -22.48
N ALA A 80 -1.23 -0.49 -22.14
CA ALA A 80 -0.02 -1.03 -22.75
C ALA A 80 0.25 -2.47 -22.29
N THR A 81 0.90 -3.29 -23.11
CA THR A 81 1.26 -4.69 -22.79
C THR A 81 2.59 -5.11 -23.41
N LEU A 82 3.27 -6.09 -22.80
CA LEU A 82 4.54 -6.67 -23.28
C LEU A 82 4.56 -8.21 -23.20
N PRO A 83 5.21 -8.92 -24.14
CA PRO A 83 5.31 -10.39 -24.12
C PRO A 83 5.86 -10.96 -22.81
N GLU A 84 6.87 -10.31 -22.23
CA GLU A 84 7.52 -10.72 -20.99
C GLU A 84 6.60 -10.66 -19.75
N GLU A 85 5.40 -10.10 -19.82
CA GLU A 85 4.43 -10.24 -18.73
C GLU A 85 3.95 -11.68 -18.50
N HIS A 86 4.19 -12.58 -19.48
CA HIS A 86 3.66 -13.95 -19.51
C HIS A 86 4.77 -15.02 -19.59
N GLN A 87 5.91 -14.79 -18.93
CA GLN A 87 7.06 -15.72 -18.93
C GLN A 87 7.70 -15.87 -17.55
N SER A 88 8.38 -16.99 -17.31
CA SER A 88 9.03 -17.31 -16.05
C SER A 88 10.23 -16.40 -15.71
N GLY A 89 10.47 -16.19 -14.41
CA GLY A 89 11.61 -15.40 -13.94
C GLY A 89 11.54 -13.92 -14.30
N THR A 90 10.33 -13.37 -14.43
CA THR A 90 10.08 -11.96 -14.74
C THR A 90 9.39 -11.25 -13.58
N VAL A 91 9.68 -9.98 -13.40
CA VAL A 91 8.94 -9.07 -12.51
C VAL A 91 8.43 -7.90 -13.34
N CYS A 92 7.16 -7.55 -13.19
CA CYS A 92 6.51 -6.53 -14.00
C CYS A 92 5.66 -5.58 -13.14
N LYS A 93 5.58 -4.31 -13.53
CA LYS A 93 4.72 -3.30 -12.90
C LYS A 93 4.10 -2.37 -13.95
N ARG A 94 2.87 -1.93 -13.69
CA ARG A 94 2.01 -1.14 -14.58
C ARG A 94 1.42 0.03 -13.81
N ASP A 95 1.46 1.23 -14.38
CA ASP A 95 0.98 2.45 -13.72
C ASP A 95 0.58 3.55 -14.72
N GLN A 96 -0.15 4.56 -14.26
CA GLN A 96 -0.47 5.76 -15.03
C GLN A 96 0.73 6.70 -15.10
N SER A 97 0.83 7.49 -16.18
CA SER A 97 1.88 8.50 -16.38
C SER A 97 1.35 9.72 -17.13
N ASP A 98 1.97 10.87 -16.95
CA ASP A 98 1.52 12.12 -17.55
C ASP A 98 1.99 12.26 -19.01
N ARG A 99 1.13 12.75 -19.90
CA ARG A 99 1.37 12.80 -21.35
C ARG A 99 0.79 14.07 -21.97
N GLY A 100 1.39 14.55 -23.05
CA GLY A 100 0.92 15.74 -23.79
C GLY A 100 1.60 15.94 -25.14
N TRP A 101 1.22 16.98 -25.89
CA TRP A 101 1.73 17.21 -27.26
C TRP A 101 3.26 17.31 -27.31
N GLY A 102 3.90 17.78 -26.24
CA GLY A 102 5.36 17.85 -26.14
C GLY A 102 6.08 16.50 -26.28
N ASN A 103 5.43 15.39 -25.89
CA ASN A 103 5.99 14.04 -25.99
C ASN A 103 5.56 13.32 -27.30
N HIS A 104 5.02 14.04 -28.27
CA HIS A 104 4.44 13.50 -29.51
C HIS A 104 3.13 12.71 -29.30
N CYS A 105 2.33 13.06 -28.30
CA CYS A 105 1.02 12.44 -28.02
C CYS A 105 -0.12 13.03 -28.87
N GLY A 106 -1.29 12.39 -28.85
CA GLY A 106 -2.52 12.91 -29.47
C GLY A 106 -3.29 13.91 -28.60
N LEU A 107 -3.42 13.66 -27.30
CA LEU A 107 -4.19 14.46 -26.34
C LEU A 107 -3.51 14.52 -24.98
N PHE A 108 -3.76 15.57 -24.20
CA PHE A 108 -3.23 15.72 -22.85
C PHE A 108 -4.01 14.88 -21.82
N GLY A 109 -3.32 14.30 -20.84
CA GLY A 109 -3.94 13.55 -19.74
C GLY A 109 -3.09 12.41 -19.21
N LYS A 110 -3.69 11.54 -18.38
CA LYS A 110 -3.06 10.31 -17.88
C LYS A 110 -3.05 9.24 -18.96
N GLY A 111 -1.87 8.77 -19.37
CA GLY A 111 -1.68 7.58 -20.20
C GLY A 111 -1.51 6.32 -19.36
N SER A 112 -0.90 5.28 -19.92
CA SER A 112 -0.43 4.11 -19.14
C SER A 112 0.94 3.63 -19.61
N ILE A 113 1.74 3.12 -18.67
CA ILE A 113 3.10 2.62 -18.89
C ILE A 113 3.26 1.26 -18.21
N VAL A 114 4.00 0.34 -18.84
CA VAL A 114 4.29 -0.99 -18.31
C VAL A 114 5.77 -1.28 -18.43
N THR A 115 6.31 -2.00 -17.44
CA THR A 115 7.74 -2.29 -17.31
C THR A 115 7.98 -3.74 -16.90
N CYS A 116 9.07 -4.32 -17.40
CA CYS A 116 9.45 -5.72 -17.16
C CYS A 116 10.96 -5.84 -16.90
N VAL A 117 11.38 -6.80 -16.08
CA VAL A 117 12.80 -7.14 -15.86
C VAL A 117 12.97 -8.63 -15.50
N LYS A 118 14.10 -9.25 -15.87
CA LYS A 118 14.44 -10.63 -15.46
C LYS A 118 15.06 -10.62 -14.05
N PHE A 119 14.73 -11.63 -13.24
CA PHE A 119 15.17 -11.75 -11.84
C PHE A 119 15.95 -13.04 -11.60
N THR A 120 17.01 -13.00 -10.79
CA THR A 120 17.79 -14.17 -10.34
C THR A 120 18.52 -13.84 -9.03
N CYS A 121 18.81 -14.84 -8.19
CA CYS A 121 19.64 -14.67 -6.99
C CYS A 121 21.12 -14.53 -7.36
N GLU A 122 21.85 -13.63 -6.72
CA GLU A 122 23.31 -13.56 -6.85
C GLU A 122 23.97 -14.89 -6.45
N ASP A 123 25.06 -15.26 -7.12
CA ASP A 123 25.51 -16.66 -7.28
C ASP A 123 25.67 -17.48 -5.99
N LYS A 124 26.04 -16.86 -4.87
CA LYS A 124 26.29 -17.53 -3.58
C LYS A 124 25.38 -17.05 -2.44
N LYS A 125 24.44 -16.14 -2.70
CA LYS A 125 23.66 -15.41 -1.68
C LYS A 125 22.35 -16.10 -1.27
N LYS A 126 22.19 -17.40 -1.54
CA LYS A 126 21.01 -18.18 -1.12
C LYS A 126 21.02 -18.46 0.38
N ALA A 127 19.85 -18.52 1.01
CA ALA A 127 19.66 -19.06 2.35
C ALA A 127 18.82 -20.35 2.27
N THR A 128 19.30 -21.44 2.87
CA THR A 128 18.65 -22.76 2.79
C THR A 128 18.11 -23.20 4.14
N GLY A 129 16.85 -23.57 4.21
CA GLY A 129 16.30 -24.29 5.36
C GLY A 129 16.43 -25.82 5.23
N HIS A 130 16.84 -26.47 6.31
CA HIS A 130 16.90 -27.92 6.47
C HIS A 130 16.07 -28.37 7.67
N VAL A 131 15.50 -29.58 7.63
CA VAL A 131 14.71 -30.15 8.73
C VAL A 131 15.05 -31.62 9.01
N TYR A 132 15.12 -31.98 10.29
CA TYR A 132 15.42 -33.34 10.75
C TYR A 132 14.24 -34.31 10.56
N ASP A 133 14.52 -35.61 10.44
CA ASP A 133 13.51 -36.67 10.41
C ASP A 133 13.65 -37.56 11.66
N VAL A 134 12.58 -37.70 12.46
CA VAL A 134 12.59 -38.50 13.69
C VAL A 134 12.99 -39.95 13.43
N ASN A 135 12.73 -40.48 12.24
CA ASN A 135 13.12 -41.84 11.86
C ASN A 135 14.64 -41.99 11.64
N LYS A 136 15.43 -40.91 11.61
CA LYS A 136 16.86 -40.93 11.29
C LYS A 136 17.77 -40.12 12.22
N ILE A 137 17.26 -39.36 13.19
CA ILE A 137 18.11 -38.72 14.22
C ILE A 137 18.90 -39.79 14.96
N THR A 138 20.20 -39.56 15.12
CA THR A 138 21.09 -40.35 15.97
C THR A 138 21.48 -39.54 17.19
N TYR A 139 21.28 -40.10 18.38
CA TYR A 139 21.80 -39.57 19.63
C TYR A 139 23.01 -40.41 20.08
N THR A 140 24.12 -39.78 20.43
CA THR A 140 25.33 -40.48 20.92
C THR A 140 25.52 -40.20 22.40
N ILE A 141 25.60 -41.25 23.22
CA ILE A 141 25.87 -41.13 24.65
C ILE A 141 27.08 -42.01 24.99
N LYS A 142 27.97 -41.51 25.84
CA LYS A 142 29.22 -42.19 26.18
C LYS A 142 29.43 -42.27 27.69
N VAL A 143 30.18 -43.28 28.11
CA VAL A 143 30.45 -43.61 29.51
C VAL A 143 31.92 -43.95 29.69
N GLU A 144 32.54 -43.53 30.79
CA GLU A 144 33.83 -44.07 31.23
C GLU A 144 33.84 -44.27 32.74
N PRO A 145 34.41 -45.38 33.25
CA PRO A 145 34.59 -45.58 34.67
C PRO A 145 35.81 -44.81 35.18
N HIS A 146 35.84 -44.49 36.47
CA HIS A 146 37.02 -43.89 37.11
C HIS A 146 38.12 -44.93 37.33
N THR A 147 38.90 -45.25 36.29
CA THR A 147 39.97 -46.26 36.37
C THR A 147 41.15 -45.84 37.26
N GLY A 148 41.22 -44.58 37.67
CA GLY A 148 42.34 -44.02 38.44
C GLY A 148 43.53 -43.58 37.58
N GLU A 149 43.44 -43.71 36.26
CA GLU A 149 44.38 -43.09 35.31
C GLU A 149 43.97 -41.63 35.03
N PHE A 150 44.86 -40.84 34.43
CA PHE A 150 44.54 -39.47 33.99
C PHE A 150 44.99 -39.21 32.55
N VAL A 151 44.10 -38.59 31.75
CA VAL A 151 44.25 -38.40 30.31
C VAL A 151 43.75 -37.00 29.92
N ALA A 152 44.52 -36.24 29.14
CA ALA A 152 44.18 -34.86 28.80
C ALA A 152 43.00 -34.75 27.82
N ALA A 153 42.40 -33.56 27.70
CA ALA A 153 41.28 -33.32 26.79
C ALA A 153 41.60 -33.55 25.29
N ASN A 154 42.88 -33.53 24.92
CA ASN A 154 43.36 -33.78 23.56
C ASN A 154 44.03 -35.17 23.39
N GLU A 155 43.79 -36.08 24.32
CA GLU A 155 44.27 -37.47 24.30
C GLU A 155 43.07 -38.44 24.35
N THR A 156 43.23 -39.65 23.82
CA THR A 156 42.18 -40.68 23.83
C THR A 156 42.42 -41.71 24.93
N HIS A 157 41.37 -42.08 25.67
CA HIS A 157 41.44 -43.03 26.77
C HIS A 157 40.86 -44.38 26.34
N SER A 158 41.62 -45.46 26.50
CA SER A 158 41.21 -46.80 26.05
C SER A 158 39.99 -47.34 26.81
N GLY A 159 39.74 -46.88 28.03
CA GLY A 159 38.62 -47.33 28.85
C GLY A 159 37.27 -46.71 28.49
N ARG A 160 37.23 -45.74 27.58
CA ARG A 160 36.03 -45.00 27.17
C ARG A 160 35.13 -45.87 26.28
N LYS A 161 33.82 -45.88 26.54
CA LYS A 161 32.85 -46.74 25.83
C LYS A 161 31.74 -45.90 25.20
N SER A 162 31.29 -46.30 24.00
CA SER A 162 30.45 -45.50 23.12
C SER A 162 29.20 -46.24 22.65
N ALA A 163 28.06 -45.55 22.59
CA ALA A 163 26.79 -46.11 22.17
C ALA A 163 25.95 -45.10 21.40
N SER A 164 25.15 -45.58 20.45
CA SER A 164 24.32 -44.75 19.58
C SER A 164 22.89 -45.25 19.53
N PHE A 165 21.95 -44.32 19.49
CA PHE A 165 20.53 -44.58 19.69
C PHE A 165 19.68 -43.87 18.63
N THR A 166 18.64 -44.55 18.20
CA THR A 166 17.66 -44.13 17.20
C THR A 166 16.26 -44.59 17.64
N VAL A 167 15.25 -44.53 16.77
CA VAL A 167 13.95 -45.16 17.05
C VAL A 167 14.01 -46.69 17.12
N SER A 168 15.12 -47.33 16.72
CA SER A 168 15.24 -48.77 16.51
C SER A 168 16.38 -49.42 17.30
N SER A 169 16.59 -49.01 18.54
CA SER A 169 17.53 -49.65 19.48
C SER A 169 16.91 -49.85 20.86
N GLU A 170 17.11 -51.04 21.45
CA GLU A 170 16.53 -51.46 22.74
C GLU A 170 17.44 -51.06 23.93
N LYS A 171 17.18 -51.61 25.13
CA LYS A 171 18.08 -51.53 26.29
C LYS A 171 19.45 -52.13 25.91
N THR A 172 20.47 -51.29 25.81
CA THR A 172 21.82 -51.71 25.42
C THR A 172 22.61 -52.22 26.63
N ILE A 173 23.52 -53.18 26.39
CA ILE A 173 24.49 -53.65 27.38
C ILE A 173 25.90 -53.29 26.90
N LEU A 174 26.63 -52.49 27.69
CA LEU A 174 27.98 -52.04 27.38
C LEU A 174 28.97 -52.70 28.34
N THR A 175 30.06 -53.28 27.84
CA THR A 175 31.05 -53.97 28.67
C THR A 175 32.30 -53.11 28.92
N LEU A 176 32.74 -53.04 30.17
CA LEU A 176 33.82 -52.17 30.64
C LEU A 176 35.05 -52.96 31.11
N GLY A 177 35.25 -54.18 30.61
CA GLY A 177 36.34 -55.05 31.02
C GLY A 177 36.15 -55.58 32.45
N ASP A 178 37.19 -55.50 33.27
CA ASP A 178 37.21 -56.08 34.63
C ASP A 178 36.09 -55.55 35.54
N TYR A 179 35.59 -54.34 35.29
CA TYR A 179 34.51 -53.72 36.06
C TYR A 179 33.12 -54.30 35.75
N GLY A 180 33.01 -55.23 34.79
CA GLY A 180 31.74 -55.83 34.38
C GLY A 180 31.01 -55.01 33.31
N ASP A 181 29.67 -55.09 33.33
CA ASP A 181 28.81 -54.51 32.30
C ASP A 181 27.83 -53.48 32.90
N VAL A 182 27.46 -52.46 32.12
CA VAL A 182 26.49 -51.43 32.50
C VAL A 182 25.38 -51.36 31.44
N SER A 183 24.14 -51.15 31.87
CA SER A 183 22.98 -51.16 30.96
C SER A 183 22.38 -49.76 30.82
N LEU A 184 22.04 -49.39 29.59
CA LEU A 184 21.65 -48.01 29.24
C LEU A 184 20.46 -48.00 28.28
N LEU A 185 19.47 -47.16 28.55
CA LEU A 185 18.20 -47.13 27.82
C LEU A 185 17.73 -45.70 27.54
N CYS A 186 17.80 -45.27 26.29
CA CYS A 186 17.31 -43.97 25.83
C CYS A 186 15.81 -43.98 25.54
N ARG A 187 15.20 -42.79 25.53
CA ARG A 187 13.85 -42.56 25.00
C ARG A 187 13.89 -41.43 23.98
N VAL A 188 14.19 -41.74 22.73
CA VAL A 188 14.41 -40.73 21.67
C VAL A 188 13.21 -39.81 21.43
N ALA A 189 11.98 -40.25 21.72
CA ALA A 189 10.79 -39.42 21.63
C ALA A 189 10.77 -38.26 22.66
N SER A 190 11.60 -38.30 23.70
CA SER A 190 11.68 -37.24 24.73
C SER A 190 12.62 -36.08 24.38
N GLY A 191 13.32 -36.14 23.23
CA GLY A 191 14.32 -35.14 22.82
C GLY A 191 13.72 -33.79 22.38
N VAL A 192 14.57 -32.88 21.91
CA VAL A 192 14.17 -31.53 21.44
C VAL A 192 13.17 -31.66 20.29
N ASP A 193 12.03 -30.98 20.41
CA ASP A 193 10.90 -31.19 19.50
C ASP A 193 11.22 -30.75 18.06
N LEU A 194 11.23 -31.70 17.13
CA LEU A 194 11.48 -31.46 15.72
C LEU A 194 10.47 -30.48 15.11
N ALA A 195 9.22 -30.46 15.59
CA ALA A 195 8.18 -29.58 15.06
C ALA A 195 8.43 -28.09 15.37
N GLN A 196 9.30 -27.77 16.33
CA GLN A 196 9.70 -26.39 16.64
C GLN A 196 10.99 -25.99 15.91
N THR A 197 11.67 -26.92 15.27
CA THR A 197 13.08 -26.78 14.86
C THR A 197 13.21 -26.61 13.35
N VAL A 198 14.14 -25.75 12.91
CA VAL A 198 14.79 -25.83 11.60
C VAL A 198 16.28 -25.53 11.74
N VAL A 199 17.09 -25.96 10.77
CA VAL A 199 18.50 -25.60 10.68
C VAL A 199 18.68 -24.69 9.49
N LEU A 200 19.22 -23.49 9.70
CA LEU A 200 19.41 -22.48 8.66
C LEU A 200 20.87 -22.49 8.22
N ALA A 201 21.11 -22.58 6.91
CA ALA A 201 22.45 -22.58 6.32
C ALA A 201 22.60 -21.47 5.28
N LEU A 202 23.67 -20.69 5.41
CA LEU A 202 24.11 -19.69 4.44
C LEU A 202 25.30 -20.25 3.64
N ASP A 203 26.06 -19.42 2.93
CA ASP A 203 27.28 -19.86 2.26
C ASP A 203 28.31 -20.40 3.27
N LYS A 204 28.70 -21.67 3.13
CA LYS A 204 29.69 -22.34 4.00
C LYS A 204 31.12 -21.80 3.83
N THR A 205 31.38 -21.02 2.79
CA THR A 205 32.72 -20.54 2.43
C THR A 205 33.25 -19.42 3.34
N HIS A 206 32.38 -18.71 4.09
CA HIS A 206 32.80 -17.59 4.95
C HIS A 206 33.71 -18.06 6.09
N GLU A 207 34.91 -17.50 6.18
CA GLU A 207 35.89 -17.85 7.21
C GLU A 207 35.49 -17.38 8.62
N HIS A 208 34.60 -16.39 8.71
CA HIS A 208 34.32 -15.63 9.93
C HIS A 208 32.82 -15.54 10.24
N LEU A 209 32.11 -16.64 10.04
CA LEU A 209 30.71 -16.82 10.47
C LEU A 209 30.50 -18.26 10.98
N PRO A 210 29.50 -18.50 11.85
CA PRO A 210 29.01 -19.83 12.14
C PRO A 210 28.54 -20.53 10.86
N THR A 211 28.59 -21.86 10.81
CA THR A 211 28.17 -22.58 9.60
C THR A 211 26.65 -22.81 9.54
N ALA A 212 25.96 -22.84 10.68
CA ALA A 212 24.50 -22.98 10.73
C ALA A 212 23.89 -22.43 12.04
N TRP A 213 22.58 -22.18 12.06
CA TRP A 213 21.86 -21.62 13.21
C TRP A 213 20.56 -22.38 13.52
N GLN A 214 20.24 -22.60 14.80
CA GLN A 214 19.06 -23.36 15.25
C GLN A 214 17.78 -22.51 15.32
N VAL A 215 17.34 -21.98 14.19
CA VAL A 215 16.15 -21.11 14.06
C VAL A 215 14.84 -21.84 14.39
N HIS A 216 13.85 -21.12 14.91
CA HIS A 216 12.50 -21.63 15.22
C HIS A 216 11.62 -21.81 13.96
N ARG A 217 10.83 -22.88 13.91
CA ARG A 217 10.02 -23.31 12.74
C ARG A 217 9.04 -22.25 12.23
N ASP A 218 8.33 -21.55 13.12
CA ASP A 218 7.30 -20.60 12.68
C ASP A 218 7.92 -19.35 12.04
N TRP A 219 8.93 -18.77 12.69
CA TRP A 219 9.61 -17.57 12.22
C TRP A 219 10.18 -17.76 10.81
N PHE A 220 10.76 -18.92 10.52
CA PHE A 220 11.35 -19.18 9.21
C PHE A 220 10.32 -19.23 8.08
N ASN A 221 9.05 -19.50 8.37
CA ASN A 221 7.99 -19.52 7.37
C ASN A 221 7.34 -18.14 7.16
N ASP A 222 7.51 -17.19 8.08
CA ASP A 222 7.00 -15.82 7.97
C ASP A 222 7.97 -14.82 7.31
N LEU A 223 9.17 -15.26 6.89
CA LEU A 223 10.14 -14.38 6.23
C LEU A 223 9.60 -13.84 4.89
N ALA A 224 9.83 -12.55 4.64
CA ALA A 224 9.23 -11.82 3.52
C ALA A 224 10.01 -11.89 2.19
N LEU A 225 11.26 -12.35 2.19
CA LEU A 225 12.11 -12.34 1.00
C LEU A 225 11.63 -13.32 -0.10
N PRO A 226 12.07 -13.16 -1.36
CA PRO A 226 11.75 -14.09 -2.46
C PRO A 226 12.15 -15.53 -2.16
N TRP A 227 11.38 -16.52 -2.63
CA TRP A 227 11.55 -17.92 -2.24
C TRP A 227 11.18 -18.95 -3.31
N LYS A 228 11.69 -20.17 -3.14
CA LYS A 228 11.33 -21.37 -3.91
C LYS A 228 11.59 -22.67 -3.14
N HIS A 229 11.07 -23.78 -3.63
CA HIS A 229 11.53 -25.14 -3.26
C HIS A 229 12.56 -25.65 -4.28
N ASP A 230 13.28 -26.71 -3.92
CA ASP A 230 14.39 -27.23 -4.72
C ASP A 230 13.98 -27.67 -6.15
N GLY A 231 14.92 -27.65 -7.08
CA GLY A 231 14.75 -28.09 -8.48
C GLY A 231 14.04 -27.10 -9.41
N ALA A 232 13.21 -26.19 -8.89
CA ALA A 232 12.56 -25.16 -9.69
C ALA A 232 13.56 -24.09 -10.18
N GLU A 233 13.40 -23.62 -11.43
CA GLU A 233 14.22 -22.54 -12.00
C GLU A 233 13.66 -21.13 -11.71
N ALA A 234 12.36 -20.99 -11.51
CA ALA A 234 11.70 -19.72 -11.23
C ALA A 234 11.65 -19.38 -9.73
N TRP A 235 11.58 -18.09 -9.40
CA TRP A 235 11.42 -17.59 -8.03
C TRP A 235 9.99 -17.10 -7.79
N ASN A 236 9.34 -17.53 -6.72
CA ASN A 236 8.07 -16.96 -6.30
C ASN A 236 8.29 -15.62 -5.56
N GLU A 237 7.31 -14.72 -5.66
CA GLU A 237 7.31 -13.40 -5.03
C GLU A 237 8.56 -12.53 -5.31
N ALA A 238 9.18 -12.65 -6.48
CA ALA A 238 10.39 -11.90 -6.83
C ALA A 238 10.24 -10.37 -6.71
N GLY A 239 9.02 -9.85 -6.81
CA GLY A 239 8.68 -8.44 -6.59
C GLY A 239 8.85 -7.95 -5.15
N ARG A 240 9.28 -8.78 -4.20
CA ARG A 240 9.59 -8.37 -2.82
C ARG A 240 10.90 -7.59 -2.68
N LEU A 241 11.84 -7.74 -3.61
CA LEU A 241 13.24 -7.30 -3.46
C LEU A 241 13.69 -6.25 -4.51
N VAL A 242 12.81 -5.88 -5.43
CA VAL A 242 12.98 -4.76 -6.38
C VAL A 242 11.83 -3.77 -6.23
N GLU A 243 12.06 -2.50 -6.55
CA GLU A 243 11.00 -1.48 -6.59
C GLU A 243 11.25 -0.48 -7.71
N PHE A 244 10.18 0.14 -8.21
CA PHE A 244 10.21 0.99 -9.39
C PHE A 244 9.86 2.43 -9.03
N GLY A 245 10.52 3.39 -9.69
CA GLY A 245 10.36 4.83 -9.40
C GLY A 245 9.05 5.43 -9.92
N THR A 246 8.85 6.72 -9.68
CA THR A 246 7.78 7.49 -10.34
C THR A 246 8.07 7.59 -11.85
N PRO A 247 7.09 7.37 -12.75
CA PRO A 247 7.34 7.38 -14.18
C PRO A 247 7.57 8.79 -14.73
N HIS A 248 8.38 8.89 -15.79
CA HIS A 248 8.39 10.02 -16.72
C HIS A 248 7.49 9.71 -17.92
N ALA A 249 7.31 10.67 -18.83
CA ALA A 249 6.36 10.52 -19.93
C ALA A 249 6.65 9.32 -20.86
N VAL A 250 7.91 8.91 -20.99
CA VAL A 250 8.34 7.88 -21.96
C VAL A 250 9.27 6.81 -21.36
N LYS A 251 9.61 6.90 -20.08
CA LYS A 251 10.54 5.97 -19.39
C LYS A 251 10.26 5.85 -17.90
N MET A 252 10.70 4.76 -17.28
CA MET A 252 10.62 4.55 -15.83
C MET A 252 11.82 3.73 -15.34
N ASP A 253 12.25 3.95 -14.10
CA ASP A 253 13.47 3.38 -13.52
C ASP A 253 13.17 2.24 -12.55
N VAL A 254 13.95 1.16 -12.61
CA VAL A 254 13.91 0.03 -11.67
C VAL A 254 15.13 0.08 -10.75
N PHE A 255 14.92 -0.09 -9.45
CA PHE A 255 15.98 -0.05 -8.44
C PHE A 255 16.05 -1.35 -7.62
N ASN A 256 17.27 -1.73 -7.24
CA ASN A 256 17.58 -2.94 -6.50
C ASN A 256 17.82 -2.60 -5.03
N LEU A 257 17.07 -3.21 -4.09
CA LEU A 257 17.22 -2.91 -2.67
C LEU A 257 18.45 -3.55 -2.01
N GLY A 258 19.30 -4.23 -2.77
CA GLY A 258 20.64 -4.65 -2.34
C GLY A 258 20.67 -5.86 -1.41
N ASP A 259 21.89 -6.26 -1.04
CA ASP A 259 22.16 -7.41 -0.18
C ASP A 259 21.55 -7.24 1.22
N GLN A 260 20.66 -8.16 1.60
CA GLN A 260 19.96 -8.16 2.88
C GLN A 260 20.72 -8.85 4.02
N THR A 261 21.92 -9.40 3.79
CA THR A 261 22.61 -10.28 4.76
C THR A 261 22.71 -9.64 6.15
N GLY A 262 23.08 -8.37 6.24
CA GLY A 262 23.18 -7.67 7.52
C GLY A 262 21.85 -7.58 8.27
N VAL A 263 20.72 -7.51 7.55
CA VAL A 263 19.39 -7.49 8.18
C VAL A 263 19.10 -8.84 8.79
N LEU A 264 19.40 -9.93 8.08
CA LEU A 264 19.20 -11.28 8.59
C LEU A 264 20.07 -11.55 9.82
N LEU A 265 21.38 -11.32 9.73
CA LEU A 265 22.31 -11.59 10.84
C LEU A 265 22.01 -10.77 12.09
N LYS A 266 21.50 -9.54 11.98
CA LYS A 266 21.01 -8.79 13.16
C LYS A 266 19.68 -9.34 13.69
N SER A 267 18.80 -9.82 12.82
CA SER A 267 17.48 -10.30 13.23
C SER A 267 17.50 -11.60 14.03
N LEU A 268 18.55 -12.43 13.87
CA LEU A 268 18.63 -13.73 14.55
C LEU A 268 18.83 -13.63 16.07
N ALA A 269 19.43 -12.55 16.58
CA ALA A 269 19.61 -12.32 18.02
C ALA A 269 20.20 -13.55 18.77
N GLY A 270 19.61 -13.97 19.90
CA GLY A 270 20.20 -14.96 20.81
C GLY A 270 20.18 -16.42 20.38
N VAL A 271 19.78 -16.75 19.14
CA VAL A 271 19.61 -18.12 18.63
C VAL A 271 20.87 -18.99 18.79
N PRO A 272 20.75 -20.25 19.24
CA PRO A 272 21.87 -21.19 19.35
C PRO A 272 22.58 -21.53 18.05
N VAL A 273 23.88 -21.78 18.12
CA VAL A 273 24.71 -22.17 16.98
C VAL A 273 24.56 -23.66 16.66
N ALA A 274 24.82 -24.06 15.41
CA ALA A 274 24.93 -25.44 14.97
C ALA A 274 26.16 -25.61 14.06
N SER A 275 26.63 -26.83 13.79
CA SER A 275 27.81 -27.03 12.93
C SER A 275 27.69 -28.22 11.99
N ILE A 276 28.49 -28.18 10.92
CA ILE A 276 28.44 -29.09 9.78
C ILE A 276 29.81 -29.75 9.58
N GLU A 277 29.82 -31.04 9.27
CA GLU A 277 31.03 -31.81 8.98
C GLU A 277 30.78 -32.72 7.77
N GLY A 278 31.08 -32.23 6.57
CA GLY A 278 30.77 -32.95 5.33
C GLY A 278 29.28 -33.18 5.17
N THR A 279 28.85 -34.45 5.23
CA THR A 279 27.44 -34.85 5.14
C THR A 279 26.67 -34.78 6.46
N LYS A 280 27.34 -34.53 7.60
CA LYS A 280 26.72 -34.59 8.94
C LYS A 280 26.29 -33.22 9.45
N TYR A 281 25.07 -33.15 9.99
CA TYR A 281 24.49 -31.93 10.57
C TYR A 281 24.27 -32.12 12.08
N HIS A 282 25.00 -31.39 12.93
CA HIS A 282 24.91 -31.49 14.39
C HIS A 282 24.12 -30.33 14.99
N LEU A 283 23.20 -30.62 15.90
CA LEU A 283 22.77 -29.61 16.88
C LEU A 283 23.87 -29.44 17.95
N LYS A 284 23.98 -28.25 18.53
CA LYS A 284 24.90 -27.94 19.64
C LYS A 284 24.18 -27.35 20.86
N SER A 285 22.90 -27.69 21.04
CA SER A 285 22.09 -27.28 22.19
C SER A 285 20.84 -28.15 22.27
N GLY A 286 20.65 -28.86 23.38
CA GLY A 286 19.56 -29.83 23.55
C GLY A 286 19.82 -30.87 24.66
N HIS A 287 18.82 -31.70 24.94
CA HIS A 287 18.85 -32.68 26.04
C HIS A 287 18.08 -33.97 25.75
N VAL A 288 18.42 -35.05 26.46
CA VAL A 288 17.83 -36.39 26.33
C VAL A 288 17.52 -36.97 27.70
N THR A 289 16.40 -37.68 27.86
CA THR A 289 16.08 -38.42 29.08
C THR A 289 16.51 -39.88 28.92
N CYS A 290 17.13 -40.46 29.94
CA CYS A 290 17.70 -41.81 29.87
C CYS A 290 17.71 -42.52 31.24
N GLU A 291 17.65 -43.86 31.24
CA GLU A 291 17.83 -44.68 32.45
C GLU A 291 19.18 -45.40 32.41
N VAL A 292 19.93 -45.34 33.51
CA VAL A 292 21.17 -46.09 33.70
C VAL A 292 20.96 -47.18 34.75
N GLY A 293 21.34 -48.41 34.41
CA GLY A 293 21.19 -49.58 35.27
C GLY A 293 22.50 -50.00 35.91
N LEU A 294 22.59 -49.91 37.23
CA LEU A 294 23.74 -50.32 38.05
C LEU A 294 23.69 -51.83 38.38
N GLU A 295 23.29 -52.64 37.41
CA GLU A 295 22.87 -54.04 37.61
C GLU A 295 24.05 -55.01 37.81
N LYS A 296 25.18 -54.82 37.11
CA LYS A 296 26.23 -55.83 36.94
C LYS A 296 27.66 -55.27 37.11
N LEU A 297 27.81 -54.17 37.86
CA LEU A 297 29.09 -53.55 38.18
C LEU A 297 29.88 -54.39 39.20
N LYS A 298 31.18 -54.60 38.96
CA LYS A 298 32.12 -55.24 39.91
C LYS A 298 33.09 -54.21 40.47
N MET A 299 33.27 -54.20 41.79
CA MET A 299 34.37 -53.48 42.45
C MET A 299 35.69 -54.18 42.14
N LYS A 300 36.55 -53.60 41.30
CA LYS A 300 37.86 -54.21 40.98
C LYS A 300 38.78 -54.18 42.18
N GLY A 301 39.62 -55.21 42.32
CA GLY A 301 40.77 -55.22 43.22
C GLY A 301 40.45 -55.50 44.69
N LEU A 302 39.27 -55.98 45.04
CA LEU A 302 38.96 -56.41 46.41
C LEU A 302 39.85 -57.57 46.88
N THR A 303 40.38 -58.37 45.95
CA THR A 303 41.33 -59.45 46.23
C THR A 303 42.79 -59.01 46.32
N TYR A 304 43.13 -57.78 45.94
CA TYR A 304 44.52 -57.30 45.89
C TYR A 304 45.11 -57.03 47.29
N THR A 305 46.43 -57.16 47.43
CA THR A 305 47.17 -56.83 48.65
C THR A 305 47.32 -55.32 48.88
N VAL A 306 47.43 -54.86 50.13
CA VAL A 306 47.61 -53.45 50.48
C VAL A 306 49.08 -53.02 50.30
N CYS A 307 49.32 -51.78 49.87
CA CYS A 307 50.66 -51.25 49.63
C CYS A 307 51.54 -51.20 50.89
N ASP A 308 52.86 -51.30 50.71
CA ASP A 308 53.84 -50.84 51.69
C ASP A 308 53.69 -49.33 51.89
N LYS A 309 53.38 -48.90 53.12
CA LYS A 309 53.11 -47.50 53.46
C LYS A 309 54.26 -46.55 53.11
N THR A 310 55.49 -47.03 52.95
CA THR A 310 56.69 -46.21 52.89
C THR A 310 57.11 -45.77 51.48
N LYS A 311 56.68 -46.46 50.40
CA LYS A 311 57.24 -46.28 49.05
C LYS A 311 56.49 -45.30 48.14
N PHE A 312 55.59 -44.49 48.70
CA PHE A 312 54.85 -43.47 47.94
C PHE A 312 55.64 -42.17 47.73
N THR A 313 55.29 -41.44 46.67
CA THR A 313 55.81 -40.11 46.32
C THR A 313 54.70 -39.27 45.68
N TRP A 314 54.70 -37.95 45.85
CA TRP A 314 53.75 -37.10 45.12
C TRP A 314 54.17 -36.94 43.65
N LYS A 315 53.26 -37.24 42.72
CA LYS A 315 53.41 -36.98 41.28
C LYS A 315 52.82 -35.63 40.89
N ARG A 316 51.77 -35.20 41.61
CA ARG A 316 51.05 -33.95 41.42
C ARG A 316 50.40 -33.55 42.74
N ALA A 317 50.84 -32.44 43.33
CA ALA A 317 50.43 -32.05 44.68
C ALA A 317 48.94 -31.67 44.78
N PRO A 318 48.32 -31.72 45.97
CA PRO A 318 46.92 -31.35 46.16
C PRO A 318 46.54 -29.98 45.61
N THR A 319 45.40 -29.88 44.92
CA THR A 319 44.84 -28.62 44.42
C THR A 319 43.31 -28.59 44.52
N ASP A 320 42.76 -27.39 44.61
CA ASP A 320 41.32 -27.13 44.59
C ASP A 320 40.80 -27.30 43.16
N SER A 321 39.80 -28.15 42.94
CA SER A 321 39.25 -28.44 41.60
C SER A 321 38.37 -27.33 41.02
N GLY A 322 37.91 -26.39 41.85
CA GLY A 322 36.89 -25.40 41.49
C GLY A 322 35.44 -25.91 41.57
N HIS A 323 35.23 -27.23 41.70
CA HIS A 323 33.93 -27.85 41.94
C HIS A 323 33.71 -28.22 43.43
N ASP A 324 34.46 -27.61 44.34
CA ASP A 324 34.52 -27.97 45.77
C ASP A 324 34.92 -29.42 46.04
N THR A 325 35.99 -29.88 45.38
CA THR A 325 36.69 -31.14 45.65
C THR A 325 38.21 -30.94 45.62
N VAL A 326 38.97 -31.82 46.25
CA VAL A 326 40.44 -31.82 46.22
C VAL A 326 40.91 -32.95 45.31
N VAL A 327 41.86 -32.67 44.42
CA VAL A 327 42.46 -33.66 43.51
C VAL A 327 43.96 -33.74 43.69
N MET A 328 44.52 -34.94 43.52
CA MET A 328 45.94 -35.25 43.74
C MET A 328 46.37 -36.51 42.98
N GLU A 329 47.67 -36.69 42.76
CA GLU A 329 48.21 -37.88 42.10
C GLU A 329 49.49 -38.40 42.76
N VAL A 330 49.60 -39.71 42.94
CA VAL A 330 50.73 -40.38 43.61
C VAL A 330 51.46 -41.37 42.71
N GLY A 331 52.78 -41.45 42.86
CA GLY A 331 53.64 -42.44 42.21
C GLY A 331 54.22 -43.40 43.25
N PHE A 332 54.30 -44.69 42.91
CA PHE A 332 54.70 -45.77 43.83
C PHE A 332 55.67 -46.73 43.17
N SER A 333 56.73 -47.13 43.88
CA SER A 333 57.87 -47.88 43.32
C SER A 333 57.97 -49.35 43.76
N GLY A 334 57.06 -49.84 44.58
CA GLY A 334 57.02 -51.24 44.99
C GLY A 334 56.44 -52.19 43.93
N THR A 335 56.15 -53.44 44.34
CA THR A 335 55.48 -54.45 43.50
C THR A 335 54.03 -54.08 43.17
N ARG A 336 53.57 -54.46 41.98
CA ARG A 336 52.21 -54.18 41.47
C ARG A 336 51.50 -55.46 40.96
N PRO A 337 50.16 -55.52 40.97
CA PRO A 337 49.21 -54.51 41.45
C PRO A 337 49.13 -54.43 42.97
N CYS A 338 48.62 -53.32 43.49
CA CYS A 338 48.45 -53.10 44.93
C CYS A 338 47.41 -52.00 45.24
N ARG A 339 46.88 -51.99 46.47
CA ARG A 339 45.77 -51.12 46.91
C ARG A 339 46.24 -50.00 47.85
N ILE A 340 45.79 -48.77 47.60
CA ILE A 340 46.34 -47.55 48.24
C ILE A 340 45.63 -47.26 49.58
N PRO A 341 46.34 -47.15 50.72
CA PRO A 341 45.76 -46.72 51.98
C PRO A 341 45.62 -45.20 52.01
N VAL A 342 44.39 -44.68 52.15
CA VAL A 342 44.08 -43.24 52.12
C VAL A 342 43.14 -42.86 53.25
N ARG A 343 43.38 -41.74 53.94
CA ARG A 343 42.44 -41.13 54.92
C ARG A 343 42.69 -39.64 55.11
N ALA A 344 41.72 -38.92 55.66
CA ALA A 344 41.86 -37.51 56.00
C ALA A 344 41.30 -37.21 57.38
N VAL A 345 41.96 -36.32 58.11
CA VAL A 345 41.79 -36.11 59.55
C VAL A 345 41.39 -34.67 59.84
N ALA A 346 40.42 -34.46 60.71
CA ALA A 346 40.10 -33.14 61.25
C ALA A 346 41.20 -32.72 62.23
N HIS A 347 41.75 -31.52 62.07
CA HIS A 347 42.99 -31.10 62.74
C HIS A 347 42.78 -30.78 64.23
N GLY A 348 42.69 -31.84 65.04
CA GLY A 348 42.30 -31.79 66.45
C GLY A 348 41.80 -33.12 67.01
N VAL A 349 41.40 -34.06 66.16
CA VAL A 349 40.96 -35.41 66.55
C VAL A 349 41.50 -36.45 65.56
N PRO A 350 42.57 -37.20 65.89
CA PRO A 350 43.24 -38.08 64.94
C PRO A 350 42.51 -39.42 64.68
N GLU A 351 41.48 -39.74 65.45
CA GLU A 351 40.77 -41.03 65.40
C GLU A 351 39.67 -41.10 64.33
N VAL A 352 39.21 -39.98 63.79
CA VAL A 352 38.05 -39.89 62.88
C VAL A 352 38.52 -39.64 61.45
N ASN A 353 38.01 -40.41 60.48
CA ASN A 353 38.27 -40.21 59.07
C ASN A 353 37.11 -39.46 58.40
N VAL A 354 37.41 -38.40 57.66
CA VAL A 354 36.42 -37.55 56.98
C VAL A 354 36.56 -37.54 55.46
N ALA A 355 37.45 -38.35 54.87
CA ALA A 355 37.60 -38.43 53.42
C ALA A 355 36.39 -39.12 52.75
N MET A 356 35.52 -38.35 52.10
CA MET A 356 34.51 -38.89 51.18
C MET A 356 35.15 -39.12 49.81
N LEU A 357 35.72 -40.31 49.58
CA LEU A 357 36.32 -40.66 48.31
C LEU A 357 35.25 -40.88 47.24
N ILE A 358 35.37 -40.22 46.07
CA ILE A 358 34.42 -40.38 44.96
C ILE A 358 34.82 -41.49 43.98
N THR A 359 35.98 -42.11 44.17
CA THR A 359 36.44 -43.30 43.44
C THR A 359 36.69 -44.44 44.43
N PRO A 360 35.70 -45.30 44.72
CA PRO A 360 35.84 -46.37 45.71
C PRO A 360 36.98 -47.35 45.38
N ASN A 361 37.64 -47.84 46.42
CA ASN A 361 38.70 -48.87 46.35
C ASN A 361 39.83 -48.54 45.33
N PRO A 362 40.58 -47.43 45.49
CA PRO A 362 41.61 -47.00 44.54
C PRO A 362 42.87 -47.87 44.55
N THR A 363 43.48 -48.06 43.39
CA THR A 363 44.59 -49.01 43.17
C THR A 363 45.68 -48.49 42.23
N MET A 364 46.85 -49.12 42.28
CA MET A 364 47.91 -48.98 41.28
C MET A 364 47.96 -50.25 40.44
N GLU A 365 47.88 -50.13 39.11
CA GLU A 365 48.04 -51.24 38.17
C GLU A 365 49.39 -51.18 37.44
N ASN A 366 49.72 -52.22 36.69
CA ASN A 366 51.00 -52.33 35.98
C ASN A 366 51.22 -51.18 34.98
N ASN A 367 50.16 -50.76 34.28
CA ASN A 367 50.24 -49.77 33.21
C ASN A 367 50.08 -48.32 33.72
N GLY A 368 49.43 -48.11 34.87
CA GLY A 368 49.12 -46.78 35.40
C GLY A 368 48.15 -46.82 36.58
N GLY A 369 47.83 -45.64 37.12
CA GLY A 369 46.91 -45.46 38.25
C GLY A 369 47.29 -44.29 39.16
N GLY A 370 46.66 -44.20 40.32
CA GLY A 370 47.09 -43.32 41.40
C GLY A 370 46.50 -41.90 41.40
N PHE A 371 45.54 -41.60 40.53
CA PHE A 371 44.70 -40.41 40.68
C PHE A 371 43.71 -40.60 41.83
N ILE A 372 43.46 -39.55 42.62
CA ILE A 372 42.44 -39.55 43.68
C ILE A 372 41.64 -38.24 43.60
N GLU A 373 40.33 -38.31 43.78
CA GLU A 373 39.47 -37.15 44.03
C GLU A 373 38.68 -37.38 45.32
N MET A 374 38.58 -36.36 46.17
CA MET A 374 37.91 -36.47 47.46
C MET A 374 37.21 -35.18 47.86
N GLN A 375 36.23 -35.28 48.75
CA GLN A 375 35.59 -34.12 49.38
C GLN A 375 35.78 -34.15 50.90
N LEU A 376 35.91 -32.96 51.50
CA LEU A 376 36.29 -32.74 52.89
C LEU A 376 35.41 -31.67 53.56
N PRO A 377 35.32 -31.64 54.90
CA PRO A 377 34.65 -30.57 55.63
C PRO A 377 35.41 -29.24 55.53
N PRO A 378 34.80 -28.09 55.84
CA PRO A 378 35.47 -26.80 55.78
C PRO A 378 36.51 -26.64 56.88
N GLY A 379 37.55 -25.84 56.64
CA GLY A 379 38.61 -25.56 57.62
C GLY A 379 39.86 -26.42 57.46
N ASP A 380 40.66 -26.55 58.51
CA ASP A 380 41.94 -27.27 58.50
C ASP A 380 41.78 -28.78 58.39
N ASN A 381 42.62 -29.44 57.59
CA ASN A 381 42.71 -30.91 57.52
C ASN A 381 44.13 -31.38 57.27
N ILE A 382 44.43 -32.60 57.72
CA ILE A 382 45.62 -33.36 57.32
C ILE A 382 45.21 -34.50 56.40
N ILE A 383 45.86 -34.63 55.25
CA ILE A 383 45.57 -35.68 54.27
C ILE A 383 46.74 -36.68 54.27
N TYR A 384 46.46 -37.98 54.40
CA TYR A 384 47.47 -39.04 54.44
C TYR A 384 47.31 -40.03 53.27
N VAL A 385 48.43 -40.44 52.69
CA VAL A 385 48.50 -41.53 51.71
C VAL A 385 49.75 -42.36 52.02
N GLY A 386 49.56 -43.58 52.54
CA GLY A 386 50.67 -44.29 53.17
C GLY A 386 51.22 -43.50 54.37
N ASP A 387 52.54 -43.32 54.46
CA ASP A 387 53.17 -42.45 55.44
C ASP A 387 53.44 -41.01 54.94
N LEU A 388 53.12 -40.67 53.69
CA LEU A 388 53.12 -39.27 53.25
C LEU A 388 51.98 -38.52 53.94
N ASN A 389 52.23 -37.25 54.26
CA ASN A 389 51.24 -36.37 54.85
C ASN A 389 51.35 -34.96 54.24
N HIS A 390 50.25 -34.25 54.18
CA HIS A 390 50.19 -32.89 53.69
C HIS A 390 49.12 -32.10 54.43
N GLN A 391 49.31 -30.80 54.57
CA GLN A 391 48.43 -29.92 55.32
C GLN A 391 47.59 -29.07 54.37
N TRP A 392 46.28 -28.98 54.63
CA TRP A 392 45.32 -28.36 53.73
C TRP A 392 44.31 -27.50 54.47
N PHE A 393 43.70 -26.55 53.76
CA PHE A 393 42.64 -25.69 54.28
C PHE A 393 41.51 -25.59 53.26
N GLN A 394 40.39 -26.30 53.50
CA GLN A 394 39.25 -26.25 52.59
C GLN A 394 38.47 -24.97 52.79
N LYS A 395 38.33 -24.18 51.72
CA LYS A 395 37.68 -22.87 51.68
C LYS A 395 36.19 -22.95 52.04
N GLY A 396 35.59 -21.82 52.34
CA GLY A 396 34.13 -21.69 52.45
C GLY A 396 33.55 -22.27 53.75
N SER A 397 32.27 -22.62 53.71
CA SER A 397 31.47 -23.02 54.87
C SER A 397 30.31 -23.94 54.47
N SER A 398 29.70 -24.62 55.43
CA SER A 398 28.57 -25.52 55.19
C SER A 398 27.37 -24.82 54.54
N ILE A 399 27.13 -23.55 54.90
CA ILE A 399 26.09 -22.72 54.27
C ILE A 399 26.43 -22.47 52.79
N GLY A 400 27.70 -22.28 52.46
CA GLY A 400 28.16 -22.07 51.09
C GLY A 400 27.81 -23.23 50.15
N ARG A 401 27.94 -24.48 50.61
CA ARG A 401 27.61 -25.66 49.78
C ARG A 401 26.12 -25.74 49.46
N VAL A 402 25.24 -25.53 50.43
CA VAL A 402 23.80 -25.59 50.14
C VAL A 402 23.36 -24.45 49.23
N LEU A 403 23.93 -23.25 49.36
CA LEU A 403 23.68 -22.15 48.44
C LEU A 403 24.15 -22.48 47.02
N GLN A 404 25.37 -22.98 46.85
CA GLN A 404 25.90 -23.33 45.53
C GLN A 404 25.10 -24.47 44.86
N LYS A 405 24.72 -25.52 45.60
CA LYS A 405 23.83 -26.57 45.07
C LYS A 405 22.45 -26.05 44.71
N THR A 406 21.88 -25.15 45.53
CA THR A 406 20.60 -24.49 45.21
C THR A 406 20.69 -23.70 43.92
N ARG A 407 21.78 -22.95 43.69
CA ARG A 407 21.98 -22.20 42.45
C ARG A 407 22.03 -23.11 41.23
N LYS A 408 22.80 -24.20 41.28
CA LYS A 408 22.84 -25.19 40.18
C LYS A 408 21.45 -25.73 39.88
N GLY A 409 20.65 -26.04 40.90
CA GLY A 409 19.28 -26.52 40.74
C GLY A 409 18.38 -25.55 39.98
N ILE A 410 18.35 -24.29 40.42
CA ILE A 410 17.52 -23.26 39.78
C ILE A 410 17.98 -23.00 38.34
N GLU A 411 19.30 -22.94 38.10
CA GLU A 411 19.83 -22.78 36.74
C GLU A 411 19.46 -23.95 35.82
N ARG A 412 19.40 -25.18 36.33
CA ARG A 412 18.94 -26.33 35.53
C ARG A 412 17.45 -26.23 35.21
N LEU A 413 16.64 -25.85 36.18
CA LEU A 413 15.19 -25.73 36.02
C LEU A 413 14.80 -24.71 34.94
N THR A 414 15.49 -23.57 34.87
CA THR A 414 15.25 -22.54 33.83
C THR A 414 15.92 -22.83 32.48
N VAL A 415 16.38 -24.07 32.23
CA VAL A 415 16.87 -24.49 30.92
C VAL A 415 16.19 -25.79 30.46
N LEU A 416 16.09 -26.82 31.31
CA LEU A 416 15.34 -28.04 31.00
C LEU A 416 13.82 -27.84 31.03
N GLY A 417 13.31 -26.86 31.77
CA GLY A 417 11.87 -26.69 31.97
C GLY A 417 11.25 -27.87 32.73
N GLU A 418 10.04 -28.28 32.33
CA GLU A 418 9.25 -29.29 33.02
C GLU A 418 9.92 -30.68 33.16
N HIS A 419 10.93 -30.98 32.34
CA HIS A 419 11.72 -32.22 32.46
C HIS A 419 12.69 -32.23 33.66
N ALA A 420 12.95 -31.10 34.32
CA ALA A 420 13.92 -31.01 35.42
C ALA A 420 13.56 -31.86 36.65
N TRP A 421 12.30 -32.24 36.82
CA TRP A 421 11.85 -33.09 37.93
C TRP A 421 12.32 -34.56 37.84
N ASP A 422 12.75 -35.04 36.68
CA ASP A 422 13.15 -36.44 36.50
C ASP A 422 14.58 -36.76 36.99
N PHE A 423 15.43 -35.75 37.26
CA PHE A 423 16.83 -35.97 37.61
C PHE A 423 16.95 -36.70 38.95
N GLY A 424 17.54 -37.91 38.94
CA GLY A 424 17.72 -38.74 40.13
C GLY A 424 16.40 -39.14 40.82
N SER A 425 15.31 -39.28 40.05
CA SER A 425 13.95 -39.43 40.61
C SER A 425 13.75 -40.70 41.45
N VAL A 426 12.85 -40.60 42.42
CA VAL A 426 12.43 -41.67 43.35
C VAL A 426 10.91 -41.59 43.52
N GLY A 427 10.23 -42.69 43.89
CA GLY A 427 8.76 -42.82 43.97
C GLY A 427 8.03 -41.97 45.02
N GLY A 428 8.66 -40.93 45.58
CA GLY A 428 8.03 -39.98 46.50
C GLY A 428 7.01 -39.07 45.80
N VAL A 429 5.90 -38.76 46.48
CA VAL A 429 4.72 -38.09 45.91
C VAL A 429 5.04 -36.72 45.30
N MET A 430 5.99 -35.98 45.88
CA MET A 430 6.37 -34.64 45.40
C MET A 430 6.84 -34.63 43.93
N THR A 431 7.42 -35.74 43.45
CA THR A 431 7.80 -35.86 42.03
C THR A 431 6.60 -35.77 41.08
N SER A 432 5.41 -36.20 41.51
CA SER A 432 4.17 -36.01 40.74
C SER A 432 3.66 -34.56 40.84
N ILE A 433 3.75 -33.95 42.02
CA ILE A 433 3.25 -32.59 42.27
C ILE A 433 4.04 -31.57 41.46
N GLY A 434 5.37 -31.60 41.52
CA GLY A 434 6.23 -30.63 40.83
C GLY A 434 6.04 -30.68 39.31
N ARG A 435 6.01 -31.88 38.72
CA ARG A 435 5.77 -32.08 37.29
C ARG A 435 4.37 -31.63 36.86
N ALA A 436 3.35 -31.88 37.68
CA ALA A 436 2.00 -31.38 37.41
C ALA A 436 1.93 -29.84 37.45
N MET A 437 2.46 -29.20 38.50
CA MET A 437 2.45 -27.75 38.63
C MET A 437 3.17 -27.06 37.46
N HIS A 438 4.34 -27.54 37.08
CA HIS A 438 5.07 -26.99 35.92
C HIS A 438 4.32 -27.23 34.60
N THR A 439 3.64 -28.37 34.44
CA THR A 439 2.81 -28.61 33.26
C THR A 439 1.65 -27.61 33.18
N VAL A 440 0.99 -27.32 34.30
CA VAL A 440 -0.13 -26.35 34.37
C VAL A 440 0.35 -24.91 34.17
N LEU A 441 1.27 -24.42 35.02
CA LEU A 441 1.71 -23.02 34.96
C LEU A 441 2.48 -22.72 33.67
N GLY A 442 3.36 -23.64 33.25
CA GLY A 442 4.08 -23.51 31.97
C GLY A 442 3.13 -23.49 30.79
N GLY A 443 2.13 -24.38 30.77
CA GLY A 443 1.09 -24.38 29.73
C GLY A 443 0.31 -23.07 29.69
N ALA A 444 -0.06 -22.53 30.85
CA ALA A 444 -0.74 -21.24 30.94
C ALA A 444 0.12 -20.10 30.35
N PHE A 445 1.36 -19.92 30.81
CA PHE A 445 2.18 -18.80 30.34
C PHE A 445 2.54 -18.92 28.85
N ASN A 446 2.86 -20.12 28.36
CA ASN A 446 3.18 -20.32 26.95
C ASN A 446 1.96 -20.10 26.03
N THR A 447 0.77 -20.55 26.42
CA THR A 447 -0.44 -20.33 25.60
C THR A 447 -0.96 -18.89 25.69
N LEU A 448 -0.91 -18.24 26.86
CA LEU A 448 -1.43 -16.88 27.03
C LEU A 448 -0.48 -15.79 26.53
N LEU A 449 0.83 -15.93 26.71
CA LEU A 449 1.81 -14.86 26.50
C LEU A 449 3.07 -15.29 25.71
N GLY A 450 3.16 -16.52 25.24
CA GLY A 450 4.41 -17.11 24.72
C GLY A 450 5.10 -16.31 23.59
N GLY A 451 4.32 -15.75 22.67
CA GLY A 451 4.83 -14.96 21.54
C GLY A 451 5.14 -13.48 21.83
N VAL A 452 4.76 -12.96 23.00
CA VAL A 452 4.93 -11.54 23.33
C VAL A 452 6.40 -11.20 23.62
N GLY A 453 6.89 -10.05 23.12
CA GLY A 453 8.29 -9.62 23.29
C GLY A 453 8.67 -9.29 24.74
N PHE A 454 9.97 -9.25 25.04
CA PHE A 454 10.48 -9.13 26.43
C PHE A 454 10.09 -7.81 27.12
N LEU A 455 10.34 -6.66 26.49
CA LEU A 455 9.93 -5.37 27.04
C LEU A 455 8.38 -5.21 27.06
N PRO A 456 7.63 -5.55 25.99
CA PRO A 456 6.17 -5.65 26.06
C PRO A 456 5.64 -6.54 27.20
N LYS A 457 6.25 -7.69 27.49
CA LYS A 457 5.88 -8.52 28.65
C LYS A 457 6.08 -7.76 29.96
N ILE A 458 7.20 -7.05 30.13
CA ILE A 458 7.42 -6.23 31.33
C ILE A 458 6.35 -5.13 31.44
N LEU A 459 6.05 -4.42 30.35
CA LEU A 459 5.01 -3.40 30.34
C LEU A 459 3.62 -3.97 30.68
N LEU A 460 3.27 -5.14 30.15
CA LEU A 460 2.04 -5.87 30.48
C LEU A 460 2.01 -6.31 31.96
N GLY A 461 3.13 -6.83 32.49
CA GLY A 461 3.26 -7.24 33.89
C GLY A 461 3.10 -6.06 34.86
N VAL A 462 3.75 -4.94 34.56
CA VAL A 462 3.58 -3.68 35.31
C VAL A 462 2.14 -3.17 35.24
N ALA A 463 1.52 -3.15 34.05
CA ALA A 463 0.13 -2.73 33.90
C ALA A 463 -0.84 -3.63 34.69
N MET A 464 -0.66 -4.95 34.65
CA MET A 464 -1.49 -5.91 35.39
C MET A 464 -1.31 -5.79 36.91
N ALA A 465 -0.09 -5.59 37.39
CA ALA A 465 0.15 -5.26 38.80
C ALA A 465 -0.48 -3.90 39.20
N TRP A 466 -0.37 -2.87 38.36
CA TRP A 466 -0.97 -1.55 38.59
C TRP A 466 -2.50 -1.59 38.62
N LEU A 467 -3.15 -2.38 37.76
CA LEU A 467 -4.58 -2.67 37.87
C LEU A 467 -4.91 -3.36 39.20
N GLY A 468 -4.05 -4.26 39.66
CA GLY A 468 -4.14 -4.85 41.00
C GLY A 468 -4.06 -3.81 42.13
N LEU A 469 -3.18 -2.81 42.03
CA LEU A 469 -3.11 -1.70 43.00
C LEU A 469 -4.36 -0.80 42.98
N ASN A 470 -4.95 -0.56 41.80
CA ASN A 470 -6.02 0.42 41.62
C ASN A 470 -7.45 -0.13 41.78
N MET A 471 -7.71 -1.40 41.47
CA MET A 471 -9.08 -1.94 41.44
C MET A 471 -9.69 -2.18 42.83
N ARG A 472 -11.04 -2.18 42.91
CA ARG A 472 -11.82 -1.96 44.15
C ARG A 472 -12.03 -3.18 45.07
N ASN A 473 -11.77 -4.40 44.61
CA ASN A 473 -12.01 -5.63 45.37
C ASN A 473 -10.68 -6.23 45.89
N PRO A 474 -10.56 -6.59 47.19
CA PRO A 474 -9.27 -7.00 47.76
C PRO A 474 -8.76 -8.37 47.26
N THR A 475 -9.67 -9.32 46.99
CA THR A 475 -9.28 -10.64 46.45
C THR A 475 -8.81 -10.54 44.99
N LEU A 476 -9.56 -9.83 44.15
CA LEU A 476 -9.18 -9.62 42.74
C LEU A 476 -7.95 -8.70 42.62
N SER A 477 -7.81 -7.69 43.48
CA SER A 477 -6.60 -6.88 43.62
C SER A 477 -5.36 -7.75 43.82
N MET A 478 -5.41 -8.69 44.78
CA MET A 478 -4.33 -9.65 45.00
C MET A 478 -4.10 -10.59 43.81
N GLY A 479 -5.15 -11.06 43.14
CA GLY A 479 -5.03 -11.88 41.93
C GLY A 479 -4.33 -11.17 40.76
N PHE A 480 -4.65 -9.90 40.52
CA PHE A 480 -3.95 -9.06 39.54
C PHE A 480 -2.48 -8.77 39.95
N LEU A 481 -2.21 -8.53 41.24
CA LEU A 481 -0.84 -8.37 41.75
C LEU A 481 -0.01 -9.65 41.57
N LEU A 482 -0.53 -10.81 41.94
CA LEU A 482 0.15 -12.11 41.80
C LEU A 482 0.40 -12.45 40.32
N SER A 483 -0.62 -12.36 39.46
CA SER A 483 -0.47 -12.65 38.03
C SER A 483 0.47 -11.67 37.32
N GLY A 484 0.45 -10.37 37.65
CA GLY A 484 1.47 -9.42 37.18
C GLY A 484 2.88 -9.82 37.63
N GLY A 485 3.02 -10.25 38.88
CA GLY A 485 4.26 -10.81 39.43
C GLY A 485 4.76 -12.05 38.69
N LEU A 486 3.88 -12.93 38.19
CA LEU A 486 4.28 -14.07 37.36
C LEU A 486 4.89 -13.62 36.02
N VAL A 487 4.33 -12.60 35.36
CA VAL A 487 4.89 -12.07 34.11
C VAL A 487 6.26 -11.40 34.33
N LEU A 488 6.42 -10.70 35.46
CA LEU A 488 7.72 -10.16 35.87
C LEU A 488 8.72 -11.26 36.25
N ALA A 489 8.29 -12.34 36.93
CA ALA A 489 9.15 -13.49 37.20
C ALA A 489 9.62 -14.18 35.89
N MET A 490 8.74 -14.30 34.90
CA MET A 490 9.07 -14.82 33.58
C MET A 490 9.85 -13.83 32.68
N THR A 491 10.28 -12.67 33.20
CA THR A 491 11.12 -11.70 32.49
C THR A 491 12.27 -11.20 33.36
N LEU A 492 12.04 -10.24 34.25
CA LEU A 492 13.06 -9.74 35.19
C LEU A 492 13.60 -10.84 36.11
N GLY A 493 12.79 -11.85 36.45
CA GLY A 493 13.22 -13.05 37.18
C GLY A 493 14.04 -14.05 36.34
N VAL A 494 13.98 -13.97 35.01
CA VAL A 494 14.87 -14.72 34.09
C VAL A 494 16.21 -13.99 33.92
N GLY A 495 16.18 -12.66 33.81
CA GLY A 495 17.39 -11.82 33.82
C GLY A 495 17.09 -10.32 33.77
N ALA A 496 17.92 -9.52 34.45
CA ALA A 496 17.85 -8.06 34.54
C ALA A 496 19.22 -7.42 34.82
N SER B 1 6.85 27.15 -25.71
CA SER B 1 6.53 27.27 -24.27
C SER B 1 6.76 25.95 -23.55
N ARG B 2 7.90 25.81 -22.87
CA ARG B 2 8.20 24.65 -22.01
C ARG B 2 7.14 24.42 -20.94
N CYS B 3 6.44 25.46 -20.49
CA CYS B 3 5.39 25.30 -19.48
C CYS B 3 4.20 24.44 -19.94
N THR B 4 4.02 24.20 -21.23
CA THR B 4 3.06 23.20 -21.72
C THR B 4 3.54 21.75 -21.55
N HIS B 5 4.84 21.51 -21.41
CA HIS B 5 5.43 20.16 -21.32
C HIS B 5 5.53 19.64 -19.88
N LEU B 6 5.09 20.42 -18.89
CA LEU B 6 5.33 20.18 -17.46
C LEU B 6 4.02 20.17 -16.68
N GLU B 7 3.96 19.38 -15.62
CA GLU B 7 2.71 19.14 -14.87
C GLU B 7 2.53 20.06 -13.65
N ASN B 8 3.53 20.87 -13.32
CA ASN B 8 3.40 21.95 -12.33
C ASN B 8 3.78 23.27 -12.98
N ARG B 9 2.87 24.25 -12.91
CA ARG B 9 2.91 25.54 -13.62
C ARG B 9 2.25 26.59 -12.74
N ASP B 10 2.64 27.84 -12.88
CA ASP B 10 1.95 28.95 -12.24
C ASP B 10 1.98 30.22 -13.11
N PHE B 11 1.02 31.11 -12.87
CA PHE B 11 0.80 32.31 -13.67
C PHE B 11 0.94 33.55 -12.80
N VAL B 12 1.70 34.55 -13.27
CA VAL B 12 1.87 35.82 -12.56
C VAL B 12 1.54 37.00 -13.46
N THR B 13 0.79 37.96 -12.91
CA THR B 13 0.32 39.17 -13.59
C THR B 13 0.91 40.41 -12.91
N GLY B 14 1.67 41.23 -13.65
CA GLY B 14 2.06 42.56 -13.18
C GLY B 14 0.85 43.49 -13.13
N VAL B 15 0.57 44.10 -11.97
CA VAL B 15 -0.49 45.12 -11.85
C VAL B 15 -0.11 46.37 -12.65
N GLN B 16 -1.10 47.07 -13.21
CA GLN B 16 -0.95 47.96 -14.38
C GLN B 16 0.30 48.84 -14.35
N GLY B 17 1.18 48.69 -15.34
CA GLY B 17 2.39 49.48 -15.53
C GLY B 17 3.58 49.16 -14.60
N THR B 18 3.47 48.18 -13.69
CA THR B 18 4.54 47.83 -12.74
C THR B 18 5.75 47.22 -13.44
N THR B 19 6.96 47.72 -13.14
CA THR B 19 8.19 47.35 -13.85
C THR B 19 8.82 46.04 -13.39
N ARG B 20 8.65 45.64 -12.12
CA ARG B 20 9.35 44.51 -11.48
C ARG B 20 8.41 43.48 -10.84
N LEU B 21 8.78 42.21 -10.97
CA LEU B 21 8.14 41.07 -10.30
C LEU B 21 9.18 40.27 -9.50
N THR B 22 8.74 39.69 -8.37
CA THR B 22 9.57 38.80 -7.54
C THR B 22 9.07 37.36 -7.70
N LEU B 23 9.95 36.48 -8.19
CA LEU B 23 9.64 35.08 -8.48
C LEU B 23 10.40 34.16 -7.52
N VAL B 24 9.71 33.20 -6.92
CA VAL B 24 10.34 32.13 -6.13
C VAL B 24 10.47 30.90 -7.03
N LEU B 25 11.48 30.87 -7.88
CA LEU B 25 11.69 29.76 -8.81
C LEU B 25 12.01 28.49 -8.03
N GLU B 26 11.39 27.39 -8.40
CA GLU B 26 11.39 26.13 -7.64
C GLU B 26 11.72 24.96 -8.57
N LEU B 27 12.66 24.11 -8.18
CA LEU B 27 13.37 23.25 -9.13
C LEU B 27 12.44 22.24 -9.80
N GLY B 28 12.48 22.17 -11.13
CA GLY B 28 11.59 21.34 -11.95
C GLY B 28 10.18 21.92 -12.14
N GLY B 29 9.83 23.00 -11.44
CA GLY B 29 8.65 23.82 -11.73
C GLY B 29 8.89 24.85 -12.84
N CYS B 30 7.87 25.62 -13.19
CA CYS B 30 7.95 26.70 -14.16
C CYS B 30 6.93 27.81 -13.86
N VAL B 31 7.20 29.04 -14.30
CA VAL B 31 6.28 30.17 -14.16
C VAL B 31 6.14 30.91 -15.50
N THR B 32 4.92 31.26 -15.86
CA THR B 32 4.60 32.08 -17.04
C THR B 32 4.29 33.49 -16.57
N VAL B 33 5.01 34.46 -17.11
CA VAL B 33 5.00 35.87 -16.70
C VAL B 33 4.16 36.69 -17.68
N THR B 34 3.28 37.54 -17.17
CA THR B 34 2.38 38.40 -17.97
C THR B 34 2.24 39.79 -17.37
N ALA B 35 1.94 40.77 -18.20
CA ALA B 35 1.73 42.18 -17.84
C ALA B 35 0.90 42.87 -18.94
N ASP B 36 0.34 44.05 -18.66
CA ASP B 36 -0.45 44.77 -19.65
C ASP B 36 0.39 45.15 -20.89
N GLY B 37 -0.11 44.79 -22.08
CA GLY B 37 0.47 45.24 -23.37
C GLY B 37 1.88 44.75 -23.69
N LYS B 38 2.42 43.78 -22.95
CA LYS B 38 3.79 43.27 -23.10
C LYS B 38 3.82 41.76 -23.38
N PRO B 39 4.83 41.24 -24.10
CA PRO B 39 4.87 39.84 -24.46
C PRO B 39 5.01 38.95 -23.22
N SER B 40 4.58 37.69 -23.33
CA SER B 40 4.65 36.74 -22.22
C SER B 40 5.90 35.86 -22.32
N LEU B 41 6.58 35.72 -21.18
CA LEU B 41 7.87 35.07 -21.03
C LEU B 41 7.73 33.92 -20.03
N ASP B 42 8.34 32.78 -20.33
CA ASP B 42 8.44 31.64 -19.42
C ASP B 42 9.83 31.59 -18.77
N VAL B 43 9.88 31.41 -17.45
CA VAL B 43 11.11 31.40 -16.65
C VAL B 43 11.16 30.14 -15.80
N TRP B 44 12.31 29.46 -15.75
CA TRP B 44 12.49 28.27 -14.92
C TRP B 44 13.95 28.03 -14.49
N LEU B 45 14.12 27.23 -13.43
CA LEU B 45 15.40 26.88 -12.83
C LEU B 45 15.84 25.50 -13.33
N ASP B 46 17.01 25.40 -13.95
CA ASP B 46 17.41 24.20 -14.67
C ASP B 46 18.39 23.32 -13.89
N SER B 47 19.36 23.91 -13.20
CA SER B 47 20.31 23.17 -12.37
C SER B 47 20.85 23.98 -11.20
N ILE B 48 21.21 23.27 -10.14
CA ILE B 48 22.07 23.73 -9.03
C ILE B 48 23.24 22.77 -8.97
N TYR B 49 24.48 23.24 -9.14
CA TYR B 49 25.65 22.34 -9.21
C TYR B 49 26.97 22.99 -8.80
N GLN B 50 27.97 22.14 -8.57
CA GLN B 50 29.37 22.50 -8.32
C GLN B 50 30.27 21.45 -8.99
N GLU B 51 31.52 21.78 -9.28
CA GLU B 51 32.54 20.83 -9.75
C GLU B 51 33.51 20.47 -8.62
N SER B 52 33.75 19.18 -8.40
CA SER B 52 34.66 18.65 -7.36
C SER B 52 34.43 19.22 -5.96
N PRO B 53 33.29 18.96 -5.31
CA PRO B 53 32.96 19.47 -3.98
C PRO B 53 33.89 18.97 -2.89
N ALA B 54 33.81 19.57 -1.69
CA ALA B 54 34.65 19.21 -0.55
C ALA B 54 34.29 17.84 0.01
N GLN B 55 35.30 17.02 0.37
CA GLN B 55 35.12 15.63 0.78
C GLN B 55 35.28 15.51 2.30
N THR B 56 34.28 14.95 2.98
CA THR B 56 34.22 14.84 4.44
C THR B 56 34.42 13.38 4.89
N ARG B 57 33.76 12.91 5.95
CA ARG B 57 33.87 11.55 6.47
C ARG B 57 33.61 10.47 5.43
N GLU B 58 34.31 9.36 5.57
CA GLU B 58 34.07 8.10 4.87
C GLU B 58 33.75 6.99 5.88
N TYR B 59 32.85 6.09 5.50
CA TYR B 59 32.37 4.98 6.31
C TYR B 59 32.60 3.64 5.61
N CYS B 60 32.82 2.58 6.39
CA CYS B 60 32.98 1.21 5.89
C CYS B 60 31.68 0.42 6.11
N LEU B 61 31.08 -0.11 5.04
CA LEU B 61 29.84 -0.89 5.11
C LEU B 61 30.05 -2.41 5.16
N HIS B 62 31.25 -2.92 4.85
CA HIS B 62 31.52 -4.36 4.79
C HIS B 62 32.98 -4.65 5.14
N ALA B 63 33.21 -5.05 6.39
CA ALA B 63 34.53 -5.35 6.90
C ALA B 63 35.14 -6.60 6.24
N LYS B 64 36.44 -6.57 6.01
CA LYS B 64 37.25 -7.71 5.53
C LYS B 64 38.45 -7.89 6.45
N LEU B 65 38.65 -9.13 6.90
CA LEU B 65 39.51 -9.46 8.05
C LEU B 65 40.65 -10.40 7.66
N THR B 66 41.79 -10.31 8.34
CA THR B 66 43.00 -11.08 8.04
C THR B 66 43.87 -11.28 9.28
N GLY B 67 44.69 -12.33 9.30
CA GLY B 67 45.80 -12.48 10.24
C GLY B 67 45.38 -12.62 11.70
N THR B 68 44.31 -13.36 11.99
CA THR B 68 43.85 -13.60 13.37
C THR B 68 44.92 -14.26 14.23
N LYS B 69 45.02 -13.86 15.50
CA LYS B 69 45.91 -14.47 16.51
C LYS B 69 45.22 -14.53 17.87
N VAL B 70 45.63 -15.48 18.71
CA VAL B 70 45.15 -15.62 20.09
C VAL B 70 46.26 -16.12 20.99
N ALA B 71 46.29 -15.65 22.23
CA ALA B 71 47.24 -16.07 23.25
C ALA B 71 46.57 -16.12 24.61
N ALA B 72 46.99 -17.06 25.46
CA ALA B 72 46.37 -17.28 26.75
C ALA B 72 47.41 -17.65 27.81
N ARG B 73 47.09 -17.38 29.08
CA ARG B 73 47.96 -17.58 30.24
C ARG B 73 47.24 -18.39 31.31
N CYS B 74 47.96 -19.29 31.95
CA CYS B 74 47.45 -20.16 33.00
C CYS B 74 46.92 -19.37 34.21
N PRO B 75 45.98 -19.88 35.01
CA PRO B 75 45.47 -19.18 36.17
C PRO B 75 46.59 -18.71 37.10
N THR B 76 46.52 -17.47 37.56
CA THR B 76 47.53 -16.78 38.39
C THR B 76 48.91 -16.57 37.75
N MET B 77 49.11 -16.93 36.48
CA MET B 77 50.37 -16.70 35.76
C MET B 77 50.58 -15.22 35.37
N GLY B 78 49.52 -14.41 35.40
CA GLY B 78 49.52 -13.01 34.99
C GLY B 78 49.18 -12.80 33.51
N PRO B 79 48.57 -11.66 33.14
CA PRO B 79 47.81 -11.50 31.90
C PRO B 79 48.65 -11.59 30.61
N ALA B 80 48.02 -12.12 29.56
CA ALA B 80 48.63 -12.36 28.26
C ALA B 80 48.88 -11.06 27.48
N THR B 81 49.81 -11.10 26.52
CA THR B 81 50.10 -9.98 25.62
C THR B 81 50.57 -10.43 24.24
N LEU B 82 50.30 -9.62 23.22
CA LEU B 82 50.72 -9.82 21.82
C LEU B 82 51.21 -8.49 21.22
N PRO B 83 52.20 -8.49 20.31
CA PRO B 83 52.74 -7.27 19.72
C PRO B 83 51.68 -6.36 19.08
N GLU B 84 50.65 -6.95 18.48
CA GLU B 84 49.57 -6.24 17.79
C GLU B 84 48.72 -5.34 18.71
N GLU B 85 48.70 -5.54 20.03
CA GLU B 85 47.83 -4.77 20.93
C GLU B 85 48.03 -3.26 20.85
N HIS B 86 49.24 -2.81 20.52
CA HIS B 86 49.60 -1.40 20.44
C HIS B 86 49.46 -0.79 19.03
N GLN B 87 49.25 -1.61 18.00
CA GLN B 87 49.33 -1.18 16.60
C GLN B 87 48.01 -0.59 16.08
N SER B 88 48.10 0.21 15.01
CA SER B 88 46.95 0.64 14.23
C SER B 88 46.43 -0.47 13.31
N GLY B 89 45.20 -0.34 12.81
CA GLY B 89 44.64 -1.25 11.80
C GLY B 89 44.22 -2.62 12.32
N THR B 90 44.03 -2.78 13.64
CA THR B 90 43.66 -4.05 14.26
C THR B 90 42.68 -3.87 15.42
N VAL B 91 41.77 -4.83 15.60
CA VAL B 91 40.83 -4.89 16.72
C VAL B 91 41.32 -5.96 17.68
N CYS B 92 41.37 -5.64 18.97
CA CYS B 92 41.82 -6.56 20.02
C CYS B 92 40.81 -6.65 21.15
N LYS B 93 40.63 -7.83 21.73
CA LYS B 93 39.71 -8.08 22.87
C LYS B 93 40.37 -9.00 23.90
N ARG B 94 40.06 -8.79 25.18
CA ARG B 94 40.65 -9.48 26.33
C ARG B 94 39.56 -10.03 27.23
N ASP B 95 39.68 -11.26 27.69
CA ASP B 95 38.63 -11.96 28.44
C ASP B 95 39.22 -13.08 29.32
N GLN B 96 38.39 -13.70 30.16
CA GLN B 96 38.74 -14.81 31.04
C GLN B 96 38.22 -16.15 30.49
N SER B 97 39.04 -17.20 30.50
CA SER B 97 38.65 -18.57 30.14
C SER B 97 38.94 -19.55 31.27
N ASP B 98 38.10 -20.57 31.46
CA ASP B 98 38.34 -21.58 32.49
C ASP B 98 39.43 -22.57 32.06
N ARG B 99 40.31 -22.95 32.97
CA ARG B 99 41.45 -23.84 32.71
C ARG B 99 41.63 -24.88 33.82
N GLY B 100 42.35 -25.96 33.53
CA GLY B 100 42.61 -27.05 34.50
C GLY B 100 43.61 -28.09 33.99
N TRP B 101 43.87 -29.13 34.77
CA TRP B 101 44.85 -30.17 34.42
C TRP B 101 44.57 -30.82 33.06
N GLY B 102 43.29 -30.92 32.67
CA GLY B 102 42.88 -31.47 31.38
C GLY B 102 43.36 -30.67 30.16
N ASN B 103 43.84 -29.45 30.35
CA ASN B 103 44.40 -28.58 29.30
C ASN B 103 45.70 -27.89 29.76
N HIS B 104 46.53 -28.63 30.53
CA HIS B 104 47.94 -28.35 30.82
C HIS B 104 48.26 -27.15 31.73
N CYS B 105 47.29 -26.59 32.43
CA CYS B 105 47.56 -25.65 33.53
C CYS B 105 48.02 -26.35 34.82
N GLY B 106 48.69 -25.61 35.71
CA GLY B 106 49.11 -26.09 37.03
C GLY B 106 48.01 -26.04 38.08
N LEU B 107 47.23 -24.95 38.10
CA LEU B 107 46.10 -24.74 39.01
C LEU B 107 44.80 -24.60 38.23
N PHE B 108 43.68 -25.06 38.80
CA PHE B 108 42.35 -24.88 38.23
C PHE B 108 41.80 -23.47 38.49
N GLY B 109 40.97 -22.96 37.59
CA GLY B 109 40.28 -21.67 37.78
C GLY B 109 40.22 -20.80 36.53
N LYS B 110 39.96 -19.50 36.72
CA LYS B 110 39.94 -18.49 35.67
C LYS B 110 41.36 -18.15 35.21
N GLY B 111 41.68 -18.38 33.94
CA GLY B 111 42.86 -17.85 33.27
C GLY B 111 42.55 -16.53 32.56
N SER B 112 43.48 -16.06 31.73
CA SER B 112 43.30 -14.85 30.89
C SER B 112 43.68 -15.13 29.45
N ILE B 113 42.90 -14.58 28.50
CA ILE B 113 43.06 -14.79 27.06
C ILE B 113 42.87 -13.47 26.30
N VAL B 114 43.64 -13.27 25.23
CA VAL B 114 43.60 -12.07 24.38
C VAL B 114 43.64 -12.47 22.91
N THR B 115 42.88 -11.77 22.06
CA THR B 115 42.84 -12.05 20.61
C THR B 115 42.86 -10.78 19.77
N CYS B 116 43.50 -10.86 18.60
CA CYS B 116 43.77 -9.72 17.72
C CYS B 116 43.44 -10.09 16.26
N VAL B 117 42.86 -9.16 15.49
CA VAL B 117 42.56 -9.35 14.05
C VAL B 117 42.80 -8.06 13.26
N LYS B 118 43.35 -8.13 12.04
CA LYS B 118 43.55 -6.96 11.18
C LYS B 118 42.28 -6.61 10.40
N PHE B 119 42.02 -5.32 10.19
CA PHE B 119 40.75 -4.80 9.67
C PHE B 119 40.92 -3.93 8.40
N THR B 120 40.04 -4.12 7.41
CA THR B 120 39.98 -3.34 6.16
C THR B 120 38.55 -3.24 5.63
N CYS B 121 38.25 -2.25 4.78
CA CYS B 121 37.04 -2.21 3.97
C CYS B 121 37.25 -2.99 2.66
N GLU B 122 36.26 -3.76 2.21
CA GLU B 122 36.30 -4.40 0.89
C GLU B 122 36.33 -3.35 -0.24
N ASP B 123 36.99 -3.66 -1.36
CA ASP B 123 37.56 -2.67 -2.30
C ASP B 123 36.61 -1.57 -2.83
N LYS B 124 35.33 -1.85 -3.01
CA LYS B 124 34.32 -0.89 -3.50
C LYS B 124 33.16 -0.63 -2.54
N LYS B 125 33.23 -1.12 -1.30
CA LYS B 125 32.13 -1.07 -0.32
C LYS B 125 32.09 0.21 0.54
N LYS B 126 32.90 1.23 0.23
CA LYS B 126 32.88 2.53 0.93
C LYS B 126 31.55 3.27 0.80
N ALA B 127 31.27 4.16 1.74
CA ALA B 127 30.31 5.26 1.60
C ALA B 127 31.00 6.60 1.89
N THR B 128 30.78 7.62 1.05
CA THR B 128 31.52 8.90 1.10
C THR B 128 30.57 10.07 1.16
N GLY B 129 30.80 11.02 2.06
CA GLY B 129 30.09 12.31 2.09
C GLY B 129 30.83 13.42 1.35
N HIS B 130 30.07 14.25 0.62
CA HIS B 130 30.54 15.48 -0.03
C HIS B 130 29.72 16.69 0.45
N VAL B 131 30.31 17.88 0.49
CA VAL B 131 29.65 19.12 0.94
C VAL B 131 29.88 20.28 -0.03
N TYR B 132 28.85 21.09 -0.29
CA TYR B 132 28.89 22.24 -1.20
C TYR B 132 29.61 23.45 -0.60
N ASP B 133 30.29 24.24 -1.44
CA ASP B 133 30.99 25.47 -1.05
C ASP B 133 30.26 26.71 -1.59
N VAL B 134 29.85 27.60 -0.69
CA VAL B 134 29.09 28.82 -1.04
C VAL B 134 29.84 29.69 -2.05
N ASN B 135 31.17 29.66 -2.04
CA ASN B 135 32.00 30.44 -2.96
C ASN B 135 32.03 29.85 -4.38
N LYS B 136 31.46 28.67 -4.63
CA LYS B 136 31.60 27.95 -5.91
C LYS B 136 30.30 27.44 -6.53
N ILE B 137 29.20 27.37 -5.79
CA ILE B 137 27.92 26.89 -6.33
C ILE B 137 27.43 27.74 -7.49
N THR B 138 26.96 27.05 -8.54
CA THR B 138 26.46 27.62 -9.78
C THR B 138 24.98 27.29 -9.95
N TYR B 139 24.17 28.31 -10.23
CA TYR B 139 22.77 28.19 -10.58
C TYR B 139 22.60 28.47 -12.06
N THR B 140 21.80 27.67 -12.77
CA THR B 140 21.46 27.95 -14.17
C THR B 140 19.97 28.25 -14.29
N ILE B 141 19.62 29.42 -14.82
CA ILE B 141 18.22 29.84 -15.06
C ILE B 141 18.04 30.08 -16.55
N LYS B 142 16.87 29.73 -17.07
CA LYS B 142 16.55 29.76 -18.49
C LYS B 142 15.25 30.50 -18.74
N VAL B 143 15.18 31.15 -19.90
CA VAL B 143 14.07 32.00 -20.32
C VAL B 143 13.73 31.74 -21.78
N GLU B 144 12.45 31.65 -22.12
CA GLU B 144 12.00 31.71 -23.52
C GLU B 144 10.72 32.56 -23.67
N PRO B 145 10.59 33.37 -24.72
CA PRO B 145 9.36 34.10 -25.00
C PRO B 145 8.34 33.20 -25.71
N HIS B 146 7.05 33.50 -25.57
CA HIS B 146 6.00 32.85 -26.36
C HIS B 146 6.01 33.33 -27.81
N THR B 147 6.81 32.71 -28.66
CA THR B 147 6.96 33.11 -30.07
C THR B 147 5.75 32.78 -30.95
N GLY B 148 4.81 31.96 -30.47
CA GLY B 148 3.71 31.44 -31.27
C GLY B 148 4.09 30.26 -32.18
N GLU B 149 5.35 29.82 -32.14
CA GLU B 149 5.77 28.51 -32.67
C GLU B 149 5.43 27.39 -31.66
N PHE B 150 5.48 26.14 -32.10
CA PHE B 150 5.49 24.99 -31.18
C PHE B 150 6.62 24.03 -31.53
N VAL B 151 7.31 23.54 -30.48
CA VAL B 151 8.55 22.76 -30.58
C VAL B 151 8.46 21.63 -29.55
N ALA B 152 8.85 20.41 -29.92
CA ALA B 152 8.69 19.24 -29.05
C ALA B 152 9.62 19.29 -27.82
N ALA B 153 9.32 18.48 -26.80
CA ALA B 153 10.14 18.37 -25.59
C ALA B 153 11.56 17.80 -25.84
N ASN B 154 11.84 17.27 -27.04
CA ASN B 154 13.13 16.74 -27.45
C ASN B 154 13.75 17.47 -28.66
N GLU B 155 13.34 18.71 -28.93
CA GLU B 155 13.85 19.55 -30.03
C GLU B 155 14.48 20.85 -29.51
N THR B 156 15.50 21.37 -30.20
CA THR B 156 16.22 22.58 -29.80
C THR B 156 15.48 23.85 -30.22
N HIS B 157 14.69 24.45 -29.32
CA HIS B 157 14.03 25.72 -29.61
C HIS B 157 15.05 26.88 -29.69
N SER B 158 15.19 27.49 -30.86
CA SER B 158 16.18 28.55 -31.09
C SER B 158 15.90 29.84 -30.31
N GLY B 159 14.65 30.05 -29.86
CA GLY B 159 14.28 31.22 -29.06
C GLY B 159 14.69 31.14 -27.57
N ARG B 160 15.19 30.00 -27.10
CA ARG B 160 15.56 29.77 -25.70
C ARG B 160 16.92 30.37 -25.35
N LYS B 161 17.03 31.10 -24.23
CA LYS B 161 18.26 31.73 -23.75
C LYS B 161 18.56 31.34 -22.30
N SER B 162 19.85 31.31 -21.95
CA SER B 162 20.33 30.81 -20.66
C SER B 162 21.28 31.80 -19.97
N ALA B 163 21.24 31.83 -18.65
CA ALA B 163 22.10 32.64 -17.81
C ALA B 163 22.63 31.83 -16.62
N SER B 164 23.92 31.96 -16.33
CA SER B 164 24.59 31.30 -15.22
C SER B 164 24.92 32.31 -14.13
N PHE B 165 24.59 31.94 -12.90
CA PHE B 165 24.78 32.78 -11.71
C PHE B 165 25.61 32.05 -10.65
N THR B 166 26.44 32.81 -9.97
CA THR B 166 27.37 32.40 -8.91
C THR B 166 27.42 33.52 -7.88
N VAL B 167 27.92 33.30 -6.66
CA VAL B 167 27.96 34.39 -5.65
C VAL B 167 28.84 35.56 -6.09
N SER B 168 29.77 35.30 -7.02
CA SER B 168 30.58 36.29 -7.74
C SER B 168 29.84 37.08 -8.82
N SER B 169 28.51 37.00 -8.90
CA SER B 169 27.66 37.77 -9.83
C SER B 169 26.25 37.95 -9.25
N GLU B 170 25.44 38.82 -9.85
CA GLU B 170 24.09 39.15 -9.37
C GLU B 170 23.10 39.41 -10.50
N LYS B 171 23.50 40.25 -11.48
CA LYS B 171 22.60 40.79 -12.51
C LYS B 171 23.04 40.36 -13.90
N THR B 172 22.10 40.15 -14.81
CA THR B 172 22.37 39.95 -16.23
C THR B 172 21.19 40.44 -17.08
N ILE B 173 21.50 40.92 -18.29
CA ILE B 173 20.52 41.27 -19.31
C ILE B 173 20.59 40.23 -20.42
N LEU B 174 19.46 39.61 -20.78
CA LEU B 174 19.36 38.70 -21.92
C LEU B 174 18.66 39.41 -23.10
N THR B 175 19.28 39.36 -24.27
CA THR B 175 18.62 39.74 -25.53
C THR B 175 17.70 38.61 -26.00
N LEU B 176 16.46 38.95 -26.37
CA LEU B 176 15.43 38.00 -26.84
C LEU B 176 15.26 38.00 -28.37
N GLY B 177 16.19 38.63 -29.10
CA GLY B 177 15.98 38.94 -30.52
C GLY B 177 14.98 40.08 -30.70
N ASP B 178 14.02 39.90 -31.60
CA ASP B 178 13.03 40.92 -31.97
C ASP B 178 12.26 41.51 -30.77
N TYR B 179 12.05 40.72 -29.72
CA TYR B 179 11.29 41.10 -28.52
C TYR B 179 12.04 42.04 -27.57
N GLY B 180 13.27 42.45 -27.88
CA GLY B 180 14.05 43.37 -27.05
C GLY B 180 14.83 42.67 -25.94
N ASP B 181 14.93 43.30 -24.76
CA ASP B 181 15.81 42.87 -23.67
C ASP B 181 15.03 42.58 -22.39
N VAL B 182 15.44 41.57 -21.62
CA VAL B 182 14.86 41.24 -20.30
C VAL B 182 15.94 41.21 -19.23
N SER B 183 15.61 41.72 -18.04
CA SER B 183 16.57 41.89 -16.94
C SER B 183 16.27 40.93 -15.79
N LEU B 184 17.30 40.26 -15.30
CA LEU B 184 17.22 39.25 -14.23
C LEU B 184 18.27 39.52 -13.15
N LEU B 185 17.84 39.46 -11.90
CA LEU B 185 18.68 39.58 -10.70
C LEU B 185 18.49 38.35 -9.81
N CYS B 186 19.59 37.72 -9.43
CA CYS B 186 19.65 36.55 -8.55
C CYS B 186 20.45 36.86 -7.29
N ARG B 187 20.11 36.18 -6.19
CA ARG B 187 20.94 36.15 -4.97
C ARG B 187 21.19 34.72 -4.56
N VAL B 188 22.42 34.42 -4.17
CA VAL B 188 22.83 33.10 -3.68
C VAL B 188 22.48 32.90 -2.20
N ALA B 189 22.42 33.99 -1.44
CA ALA B 189 21.64 34.01 -0.20
C ALA B 189 20.17 33.70 -0.51
N SER B 190 19.44 33.14 0.47
CA SER B 190 18.08 32.63 0.28
C SER B 190 17.94 31.53 -0.77
N GLY B 191 19.05 30.90 -1.17
CA GLY B 191 19.06 29.64 -1.90
C GLY B 191 18.85 28.43 -0.98
N VAL B 192 19.14 27.22 -1.48
CA VAL B 192 19.16 26.01 -0.64
C VAL B 192 20.24 26.14 0.42
N ASP B 193 19.95 25.74 1.67
CA ASP B 193 20.87 25.98 2.79
C ASP B 193 22.10 25.06 2.77
N LEU B 194 23.24 25.58 2.32
CA LEU B 194 24.48 24.83 2.19
C LEU B 194 25.01 24.34 3.54
N ALA B 195 24.59 24.93 4.66
CA ALA B 195 25.06 24.55 5.99
C ALA B 195 24.40 23.29 6.57
N GLN B 196 23.31 22.80 5.97
CA GLN B 196 22.51 21.69 6.50
C GLN B 196 22.37 20.50 5.54
N THR B 197 23.05 20.50 4.39
CA THR B 197 22.92 19.43 3.39
C THR B 197 24.24 18.74 3.06
N VAL B 198 24.22 17.42 2.89
CA VAL B 198 25.38 16.57 2.56
C VAL B 198 24.99 15.66 1.40
N VAL B 199 25.89 15.43 0.46
CA VAL B 199 25.64 14.53 -0.67
C VAL B 199 26.38 13.22 -0.43
N LEU B 200 25.62 12.13 -0.36
CA LEU B 200 26.13 10.80 0.01
C LEU B 200 26.26 9.93 -1.23
N ALA B 201 27.45 9.40 -1.48
CA ALA B 201 27.74 8.53 -2.60
C ALA B 201 28.16 7.12 -2.15
N LEU B 202 27.57 6.11 -2.77
CA LEU B 202 28.00 4.71 -2.69
C LEU B 202 28.90 4.40 -3.91
N ASP B 203 28.95 3.15 -4.39
CA ASP B 203 29.60 2.84 -5.67
C ASP B 203 28.80 3.45 -6.85
N LYS B 204 29.44 4.35 -7.60
CA LYS B 204 28.83 5.06 -8.73
C LYS B 204 28.49 4.14 -9.91
N THR B 205 29.10 2.96 -9.98
CA THR B 205 29.07 2.10 -11.18
C THR B 205 27.92 1.08 -11.21
N HIS B 206 27.16 0.90 -10.13
CA HIS B 206 26.02 -0.02 -10.11
C HIS B 206 24.92 0.46 -11.06
N GLU B 207 24.41 -0.42 -11.91
CA GLU B 207 23.46 -0.04 -12.96
C GLU B 207 22.04 0.26 -12.46
N HIS B 208 21.67 -0.24 -11.27
CA HIS B 208 20.30 -0.23 -10.76
C HIS B 208 20.16 0.46 -9.40
N LEU B 209 20.91 1.52 -9.16
CA LEU B 209 20.77 2.42 -8.00
C LEU B 209 20.93 3.88 -8.41
N PRO B 210 20.30 4.84 -7.70
CA PRO B 210 20.66 6.25 -7.80
C PRO B 210 22.14 6.46 -7.49
N THR B 211 22.79 7.46 -8.09
CA THR B 211 24.22 7.68 -7.80
C THR B 211 24.46 8.37 -6.46
N ALA B 212 23.51 9.15 -5.92
CA ALA B 212 23.67 9.88 -4.67
C ALA B 212 22.35 10.24 -3.96
N TRP B 213 22.42 10.50 -2.67
CA TRP B 213 21.30 10.87 -1.80
C TRP B 213 21.58 12.20 -1.07
N GLN B 214 20.57 13.08 -0.93
CA GLN B 214 20.72 14.38 -0.26
C GLN B 214 20.44 14.30 1.25
N VAL B 215 21.32 13.63 1.98
CA VAL B 215 21.22 13.43 3.44
C VAL B 215 21.32 14.75 4.23
N HIS B 216 20.63 14.85 5.36
CA HIS B 216 20.75 15.99 6.31
C HIS B 216 22.09 16.01 7.06
N ARG B 217 22.66 17.19 7.36
CA ARG B 217 24.02 17.28 7.95
C ARG B 217 24.18 16.61 9.31
N ASP B 218 23.19 16.72 10.20
CA ASP B 218 23.29 16.09 11.52
C ASP B 218 23.36 14.55 11.39
N TRP B 219 22.56 14.00 10.48
CA TRP B 219 22.46 12.57 10.25
C TRP B 219 23.81 11.93 10.01
N PHE B 220 24.57 12.49 9.07
CA PHE B 220 25.83 11.91 8.62
C PHE B 220 26.93 11.94 9.69
N ASN B 221 26.68 12.59 10.83
CA ASN B 221 27.58 12.64 11.98
C ASN B 221 27.06 11.88 13.21
N ASP B 222 25.77 11.54 13.26
CA ASP B 222 25.17 10.72 14.34
C ASP B 222 25.27 9.20 14.10
N LEU B 223 25.79 8.76 12.95
CA LEU B 223 25.95 7.35 12.59
C LEU B 223 26.91 6.58 13.52
N ALA B 224 26.74 5.25 13.55
CA ALA B 224 27.56 4.32 14.33
C ALA B 224 28.08 3.18 13.43
N LEU B 225 29.20 3.44 12.76
CA LEU B 225 29.89 2.54 11.84
C LEU B 225 31.40 2.83 11.90
N PRO B 226 32.29 1.93 11.45
CA PRO B 226 33.71 2.24 11.30
C PRO B 226 33.92 3.38 10.31
N TRP B 227 34.80 4.33 10.62
CA TRP B 227 34.92 5.59 9.86
C TRP B 227 36.34 6.17 9.82
N LYS B 228 36.63 7.03 8.84
CA LYS B 228 37.87 7.79 8.73
C LYS B 228 37.72 9.07 7.88
N HIS B 229 38.69 9.98 7.98
CA HIS B 229 38.92 11.05 7.00
C HIS B 229 39.82 10.56 5.86
N ASP B 230 39.91 11.33 4.77
CA ASP B 230 40.65 10.92 3.57
C ASP B 230 42.13 10.61 3.86
N GLY B 231 42.73 9.71 3.09
CA GLY B 231 44.17 9.41 3.07
C GLY B 231 44.70 8.56 4.24
N ALA B 232 43.97 8.41 5.33
CA ALA B 232 44.40 7.62 6.49
C ALA B 232 44.50 6.11 6.19
N GLU B 233 45.49 5.44 6.74
CA GLU B 233 45.80 4.02 6.49
C GLU B 233 45.01 3.04 7.38
N ALA B 234 44.35 3.51 8.44
CA ALA B 234 43.64 2.70 9.41
C ALA B 234 42.32 3.35 9.88
N TRP B 235 41.29 2.54 10.10
CA TRP B 235 39.93 3.00 10.44
C TRP B 235 39.75 3.24 11.94
N ASN B 236 38.94 4.24 12.31
CA ASN B 236 38.50 4.45 13.70
C ASN B 236 37.34 3.52 14.05
N GLU B 237 37.22 3.16 15.33
CA GLU B 237 36.11 2.37 15.88
C GLU B 237 35.80 1.04 15.15
N ALA B 238 36.81 0.33 14.65
CA ALA B 238 36.58 -0.91 13.91
C ALA B 238 35.82 -2.00 14.69
N GLY B 239 35.76 -1.90 16.02
CA GLY B 239 34.93 -2.77 16.87
C GLY B 239 33.41 -2.66 16.63
N ARG B 240 32.93 -1.72 15.81
CA ARG B 240 31.50 -1.59 15.46
C ARG B 240 30.96 -2.74 14.60
N LEU B 241 31.80 -3.41 13.79
CA LEU B 241 31.40 -4.45 12.83
C LEU B 241 32.12 -5.80 12.97
N VAL B 242 33.03 -5.94 13.94
CA VAL B 242 33.64 -7.22 14.33
C VAL B 242 33.16 -7.57 15.74
N GLU B 243 32.76 -8.81 15.99
CA GLU B 243 32.44 -9.27 17.34
C GLU B 243 32.89 -10.71 17.57
N PHE B 244 33.14 -11.07 18.84
CA PHE B 244 33.90 -12.26 19.21
C PHE B 244 33.08 -13.25 20.03
N GLY B 245 33.31 -14.54 19.83
CA GLY B 245 32.66 -15.59 20.60
C GLY B 245 33.16 -15.64 22.06
N THR B 246 32.34 -16.15 22.98
CA THR B 246 32.79 -16.41 24.36
C THR B 246 33.92 -17.46 24.34
N PRO B 247 35.01 -17.31 25.13
CA PRO B 247 36.16 -18.17 25.00
C PRO B 247 35.87 -19.65 25.25
N HIS B 248 36.47 -20.52 24.45
CA HIS B 248 36.79 -21.89 24.91
C HIS B 248 38.03 -21.83 25.82
N ALA B 249 38.59 -22.95 26.23
CA ALA B 249 39.78 -22.96 27.08
C ALA B 249 40.95 -22.16 26.45
N VAL B 250 41.24 -22.40 25.17
CA VAL B 250 42.44 -21.88 24.49
C VAL B 250 42.17 -21.33 23.09
N LYS B 251 40.91 -20.98 22.79
CA LYS B 251 40.49 -20.36 21.52
C LYS B 251 39.36 -19.34 21.73
N MET B 252 39.29 -18.36 20.84
CA MET B 252 38.16 -17.44 20.68
C MET B 252 37.81 -17.36 19.20
N ASP B 253 36.53 -17.35 18.87
CA ASP B 253 36.07 -17.16 17.49
C ASP B 253 35.96 -15.66 17.15
N VAL B 254 36.32 -15.29 15.93
CA VAL B 254 36.15 -13.93 15.39
C VAL B 254 35.05 -13.95 14.34
N PHE B 255 34.01 -13.11 14.48
CA PHE B 255 32.88 -13.06 13.56
C PHE B 255 32.71 -11.69 12.90
N ASN B 256 32.25 -11.72 11.65
CA ASN B 256 32.02 -10.56 10.79
C ASN B 256 30.52 -10.27 10.69
N LEU B 257 30.04 -9.08 11.08
CA LEU B 257 28.62 -8.76 11.03
C LEU B 257 28.07 -8.54 9.60
N GLY B 258 28.91 -8.61 8.57
CA GLY B 258 28.51 -8.68 7.17
C GLY B 258 28.09 -7.35 6.55
N ASP B 259 27.76 -7.38 5.26
CA ASP B 259 27.49 -6.20 4.45
C ASP B 259 26.25 -5.44 4.94
N GLN B 260 26.44 -4.20 5.38
CA GLN B 260 25.39 -3.33 5.88
C GLN B 260 24.59 -2.60 4.78
N THR B 261 24.92 -2.76 3.50
CA THR B 261 24.36 -1.93 2.41
C THR B 261 22.85 -1.86 2.43
N GLY B 262 22.16 -2.99 2.63
CA GLY B 262 20.70 -3.01 2.70
C GLY B 262 20.14 -2.25 3.90
N VAL B 263 20.85 -2.24 5.03
CA VAL B 263 20.43 -1.52 6.24
C VAL B 263 20.46 -0.02 5.99
N LEU B 264 21.54 0.48 5.37
CA LEU B 264 21.65 1.88 5.00
C LEU B 264 20.57 2.27 3.97
N LEU B 265 20.43 1.52 2.87
CA LEU B 265 19.42 1.80 1.84
C LEU B 265 17.99 1.81 2.38
N LYS B 266 17.67 0.97 3.36
CA LYS B 266 16.36 1.00 4.06
C LYS B 266 16.21 2.27 4.90
N SER B 267 17.26 2.71 5.56
CA SER B 267 17.21 3.79 6.54
C SER B 267 16.95 5.16 5.93
N LEU B 268 17.35 5.38 4.67
CA LEU B 268 17.21 6.64 3.95
C LEU B 268 15.82 6.84 3.30
N ALA B 269 14.81 6.05 3.65
CA ALA B 269 13.48 6.19 3.07
C ALA B 269 12.88 7.58 3.35
N GLY B 270 12.59 8.34 2.29
CA GLY B 270 12.03 9.70 2.33
C GLY B 270 12.99 10.81 1.91
N VAL B 271 14.30 10.57 1.90
CA VAL B 271 15.31 11.52 1.43
C VAL B 271 15.23 11.70 -0.10
N PRO B 272 15.31 12.91 -0.66
CA PRO B 272 15.29 13.13 -2.10
C PRO B 272 16.59 12.72 -2.79
N VAL B 273 16.50 12.30 -4.05
CA VAL B 273 17.65 11.86 -4.83
C VAL B 273 18.51 13.02 -5.33
N ALA B 274 19.75 12.74 -5.68
CA ALA B 274 20.69 13.64 -6.34
C ALA B 274 21.41 12.86 -7.44
N SER B 275 22.15 13.52 -8.34
CA SER B 275 22.91 12.77 -9.35
C SER B 275 24.28 13.36 -9.68
N ILE B 276 25.19 12.45 -10.05
CA ILE B 276 26.58 12.74 -10.39
C ILE B 276 26.76 12.41 -11.86
N GLU B 277 27.22 13.37 -12.65
CA GLU B 277 27.38 13.25 -14.09
C GLU B 277 28.70 13.90 -14.51
N GLY B 278 29.69 13.07 -14.86
CA GLY B 278 31.05 13.53 -15.10
C GLY B 278 31.69 14.04 -13.80
N THR B 279 32.22 15.26 -13.82
CA THR B 279 32.78 15.92 -12.63
C THR B 279 31.72 16.68 -11.82
N LYS B 280 30.53 16.93 -12.38
CA LYS B 280 29.49 17.77 -11.76
C LYS B 280 28.63 16.99 -10.76
N TYR B 281 28.24 17.64 -9.67
CA TYR B 281 27.35 17.11 -8.64
C TYR B 281 26.06 17.93 -8.57
N HIS B 282 25.03 17.59 -9.34
CA HIS B 282 23.76 18.31 -9.36
C HIS B 282 22.89 17.97 -8.15
N LEU B 283 22.22 18.95 -7.56
CA LEU B 283 20.99 18.69 -6.79
C LEU B 283 19.79 18.59 -7.73
N LYS B 284 18.73 17.91 -7.26
CA LYS B 284 17.41 17.85 -7.93
C LYS B 284 16.29 18.20 -6.96
N SER B 285 16.57 19.16 -6.08
CA SER B 285 15.61 19.89 -5.26
C SER B 285 16.16 21.28 -4.96
N GLY B 286 15.31 22.27 -4.66
CA GLY B 286 15.73 23.59 -4.21
C GLY B 286 14.89 24.74 -4.77
N HIS B 287 15.21 25.97 -4.35
CA HIS B 287 14.53 27.19 -4.79
C HIS B 287 15.46 28.40 -4.76
N VAL B 288 15.14 29.43 -5.55
CA VAL B 288 15.85 30.72 -5.60
C VAL B 288 14.87 31.88 -5.69
N THR B 289 15.04 32.91 -4.89
CA THR B 289 14.27 34.18 -5.03
C THR B 289 14.95 35.09 -6.05
N CYS B 290 14.31 35.34 -7.18
CA CYS B 290 14.86 36.18 -8.25
C CYS B 290 13.94 37.36 -8.56
N GLU B 291 14.52 38.48 -9.00
CA GLU B 291 13.78 39.67 -9.42
C GLU B 291 13.87 39.83 -10.93
N VAL B 292 12.72 39.94 -11.60
CA VAL B 292 12.63 40.13 -13.05
C VAL B 292 12.11 41.53 -13.34
N GLY B 293 12.83 42.28 -14.16
CA GLY B 293 12.43 43.64 -14.60
C GLY B 293 12.04 43.67 -16.08
N LEU B 294 10.82 44.12 -16.37
CA LEU B 294 10.17 44.05 -17.67
C LEU B 294 10.13 45.40 -18.42
N GLU B 295 11.12 46.27 -18.17
CA GLU B 295 11.12 47.64 -18.70
C GLU B 295 11.37 47.72 -20.22
N LYS B 296 12.10 46.76 -20.80
CA LYS B 296 12.72 46.89 -22.13
C LYS B 296 12.29 45.82 -23.14
N LEU B 297 11.20 45.11 -22.87
CA LEU B 297 10.58 44.18 -23.83
C LEU B 297 9.69 44.93 -24.82
N LYS B 298 9.56 44.42 -26.04
CA LYS B 298 8.79 45.01 -27.14
C LYS B 298 7.79 44.00 -27.69
N MET B 299 6.57 44.45 -27.97
CA MET B 299 5.61 43.67 -28.75
C MET B 299 6.03 43.64 -30.22
N LYS B 300 6.33 42.46 -30.75
CA LYS B 300 6.63 42.29 -32.18
C LYS B 300 5.38 42.50 -33.03
N GLY B 301 5.53 43.14 -34.19
CA GLY B 301 4.59 43.01 -35.30
C GLY B 301 3.21 43.65 -35.09
N LEU B 302 3.09 44.73 -34.31
CA LEU B 302 1.84 45.48 -34.20
C LEU B 302 1.43 46.17 -35.52
N THR B 303 2.38 46.35 -36.44
CA THR B 303 2.20 47.08 -37.70
C THR B 303 1.62 46.25 -38.85
N TYR B 304 1.58 44.93 -38.76
CA TYR B 304 1.12 44.07 -39.86
C TYR B 304 -0.39 44.17 -40.13
N THR B 305 -0.81 43.84 -41.35
CA THR B 305 -2.21 43.66 -41.73
C THR B 305 -2.84 42.38 -41.14
N VAL B 306 -4.16 42.23 -41.22
CA VAL B 306 -4.91 41.03 -40.78
C VAL B 306 -5.01 40.00 -41.92
N CYS B 307 -5.04 38.71 -41.59
CA CYS B 307 -5.19 37.63 -42.58
C CYS B 307 -6.47 37.74 -43.45
N ASP B 308 -6.46 37.13 -44.64
CA ASP B 308 -7.69 36.81 -45.37
C ASP B 308 -8.52 35.76 -44.61
N LYS B 309 -9.72 36.12 -44.17
CA LYS B 309 -10.59 35.29 -43.32
C LYS B 309 -10.97 33.94 -43.94
N THR B 310 -10.86 33.79 -45.26
CA THR B 310 -11.24 32.57 -45.97
C THR B 310 -10.17 31.47 -45.95
N LYS B 311 -8.90 31.79 -45.72
CA LYS B 311 -7.77 30.87 -46.00
C LYS B 311 -7.28 30.01 -44.82
N PHE B 312 -7.86 30.11 -43.63
CA PHE B 312 -7.46 29.29 -42.47
C PHE B 312 -7.94 27.83 -42.55
N THR B 313 -7.21 26.92 -41.89
CA THR B 313 -7.54 25.51 -41.64
C THR B 313 -7.02 25.06 -40.27
N TRP B 314 -7.64 24.07 -39.63
CA TRP B 314 -7.12 23.51 -38.37
C TRP B 314 -5.97 22.52 -38.62
N LYS B 315 -4.94 22.54 -37.76
CA LYS B 315 -3.85 21.55 -37.73
C LYS B 315 -3.89 20.70 -36.46
N ARG B 316 -4.35 21.26 -35.33
CA ARG B 316 -4.84 20.54 -34.15
C ARG B 316 -6.14 21.15 -33.66
N ALA B 317 -7.12 20.34 -33.32
CA ALA B 317 -8.39 20.85 -32.79
C ALA B 317 -8.20 21.45 -31.38
N PRO B 318 -9.01 22.42 -30.95
CA PRO B 318 -9.02 22.92 -29.59
C PRO B 318 -9.04 21.79 -28.55
N THR B 319 -8.13 21.84 -27.59
CA THR B 319 -7.88 20.75 -26.63
C THR B 319 -7.56 21.30 -25.24
N ASP B 320 -7.99 20.61 -24.19
CA ASP B 320 -7.79 20.97 -22.79
C ASP B 320 -6.32 20.76 -22.37
N SER B 321 -5.67 21.78 -21.80
CA SER B 321 -4.26 21.70 -21.40
C SER B 321 -4.00 20.96 -20.08
N GLY B 322 -5.03 20.71 -19.28
CA GLY B 322 -4.89 20.22 -17.90
C GLY B 322 -4.53 21.30 -16.87
N HIS B 323 -4.08 22.47 -17.32
CA HIS B 323 -3.85 23.66 -16.48
C HIS B 323 -5.02 24.66 -16.52
N ASP B 324 -6.21 24.23 -16.93
CA ASP B 324 -7.40 25.08 -17.11
C ASP B 324 -7.20 26.21 -18.13
N THR B 325 -6.64 25.84 -19.30
CA THR B 325 -6.51 26.67 -20.51
C THR B 325 -6.80 25.84 -21.75
N VAL B 326 -7.14 26.48 -22.86
CA VAL B 326 -7.37 25.82 -24.16
C VAL B 326 -6.21 26.11 -25.09
N VAL B 327 -5.71 25.09 -25.78
CA VAL B 327 -4.63 25.20 -26.78
C VAL B 327 -5.08 24.71 -28.15
N MET B 328 -4.56 25.32 -29.20
CA MET B 328 -4.88 24.99 -30.60
C MET B 328 -3.76 25.34 -31.57
N GLU B 329 -3.75 24.73 -32.75
CA GLU B 329 -2.77 25.01 -33.80
C GLU B 329 -3.44 25.13 -35.18
N VAL B 330 -3.11 26.17 -35.96
CA VAL B 330 -3.78 26.51 -37.22
C VAL B 330 -2.81 26.62 -38.40
N GLY B 331 -3.27 26.30 -39.61
CA GLY B 331 -2.50 26.35 -40.86
C GLY B 331 -3.17 27.27 -41.88
N PHE B 332 -2.36 27.93 -42.72
CA PHE B 332 -2.79 29.07 -43.55
C PHE B 332 -2.01 29.14 -44.87
N SER B 333 -2.57 29.80 -45.89
CA SER B 333 -2.03 29.79 -47.27
C SER B 333 -2.00 31.15 -47.98
N GLY B 334 -2.34 32.25 -47.29
CA GLY B 334 -2.17 33.61 -47.82
C GLY B 334 -0.74 34.14 -47.78
N THR B 335 -0.55 35.43 -48.06
CA THR B 335 0.73 36.14 -47.90
C THR B 335 1.14 36.17 -46.42
N ARG B 336 2.22 35.46 -46.07
CA ARG B 336 2.43 34.93 -44.70
C ARG B 336 2.50 35.94 -43.54
N PRO B 337 3.17 37.11 -43.62
CA PRO B 337 3.33 37.97 -42.46
C PRO B 337 2.07 38.82 -42.15
N CYS B 338 1.11 38.25 -41.42
CA CYS B 338 -0.13 38.92 -41.03
C CYS B 338 -0.74 38.39 -39.71
N ARG B 339 -1.54 39.24 -39.04
CA ARG B 339 -2.17 38.98 -37.72
C ARG B 339 -3.39 38.06 -37.81
N ILE B 340 -3.60 37.23 -36.79
CA ILE B 340 -4.72 36.28 -36.71
C ILE B 340 -5.81 36.85 -35.79
N PRO B 341 -7.04 37.08 -36.26
CA PRO B 341 -8.06 37.86 -35.54
C PRO B 341 -8.88 37.01 -34.55
N VAL B 342 -8.22 36.37 -33.59
CA VAL B 342 -8.87 35.39 -32.68
C VAL B 342 -9.88 36.03 -31.73
N ARG B 343 -11.04 35.40 -31.50
CA ARG B 343 -12.01 35.78 -30.46
C ARG B 343 -12.86 34.59 -30.00
N ALA B 344 -13.51 34.69 -28.85
CA ALA B 344 -14.48 33.70 -28.39
C ALA B 344 -15.69 34.37 -27.72
N VAL B 345 -16.85 33.72 -27.77
CA VAL B 345 -18.14 34.25 -27.28
C VAL B 345 -18.85 33.25 -26.38
N ALA B 346 -19.36 33.72 -25.24
CA ALA B 346 -20.17 32.93 -24.33
C ALA B 346 -21.59 32.76 -24.87
N HIS B 347 -22.19 31.58 -24.71
CA HIS B 347 -23.57 31.38 -25.17
C HIS B 347 -24.58 32.20 -24.34
N GLY B 348 -25.61 32.74 -24.98
CA GLY B 348 -26.68 33.50 -24.32
C GLY B 348 -26.44 35.02 -24.18
N VAL B 349 -25.36 35.55 -24.76
CA VAL B 349 -24.97 36.97 -24.75
C VAL B 349 -24.41 37.38 -26.12
N PRO B 350 -24.33 38.69 -26.45
CA PRO B 350 -23.69 39.15 -27.69
C PRO B 350 -22.17 38.93 -27.70
N GLU B 351 -21.53 39.14 -28.86
CA GLU B 351 -20.10 38.87 -29.11
C GLU B 351 -19.12 39.86 -28.41
N VAL B 352 -19.27 40.07 -27.10
CA VAL B 352 -18.18 40.55 -26.25
C VAL B 352 -17.12 39.45 -26.18
N ASN B 353 -15.89 39.73 -26.61
CA ASN B 353 -14.85 38.71 -26.66
C ASN B 353 -14.43 38.26 -25.25
N VAL B 354 -14.67 37.01 -24.90
CA VAL B 354 -14.31 36.45 -23.58
C VAL B 354 -12.93 35.79 -23.55
N ALA B 355 -12.26 35.60 -24.70
CA ALA B 355 -10.95 34.97 -24.75
C ALA B 355 -9.84 35.88 -24.19
N MET B 356 -9.32 35.55 -23.01
CA MET B 356 -8.07 36.12 -22.49
C MET B 356 -6.90 35.38 -23.12
N LEU B 357 -6.34 35.91 -24.20
CA LEU B 357 -5.16 35.33 -24.86
C LEU B 357 -3.94 35.50 -23.96
N ILE B 358 -3.23 34.40 -23.67
CA ILE B 358 -2.00 34.46 -22.88
C ILE B 358 -0.78 34.78 -23.75
N THR B 359 -0.81 34.42 -25.03
CA THR B 359 0.13 34.90 -26.06
C THR B 359 -0.49 36.10 -26.80
N PRO B 360 -0.02 37.33 -26.59
CA PRO B 360 -0.58 38.51 -27.26
C PRO B 360 -0.10 38.61 -28.71
N ASN B 361 -0.91 39.24 -29.56
CA ASN B 361 -0.65 39.49 -30.99
C ASN B 361 -0.13 38.25 -31.78
N PRO B 362 -0.90 37.15 -31.85
CA PRO B 362 -0.51 35.98 -32.64
C PRO B 362 -0.48 36.27 -34.14
N THR B 363 0.58 35.83 -34.83
CA THR B 363 0.73 35.95 -36.29
C THR B 363 1.23 34.64 -36.89
N MET B 364 0.99 34.44 -38.18
CA MET B 364 1.87 33.58 -38.97
C MET B 364 3.18 34.34 -39.27
N GLU B 365 4.24 33.63 -39.68
CA GLU B 365 5.48 34.19 -40.21
C GLU B 365 6.04 33.27 -41.32
N ASN B 366 6.99 33.74 -42.12
CA ASN B 366 7.61 32.93 -43.16
C ASN B 366 8.28 31.63 -42.65
N ASN B 367 8.75 31.63 -41.40
CA ASN B 367 9.40 30.47 -40.79
C ASN B 367 8.41 29.48 -40.12
N GLY B 368 7.15 29.86 -39.88
CA GLY B 368 6.21 29.06 -39.10
C GLY B 368 5.19 29.88 -38.30
N GLY B 369 5.01 29.53 -37.02
CA GLY B 369 3.99 30.12 -36.14
C GLY B 369 2.66 29.38 -36.18
N GLY B 370 1.61 29.97 -35.60
CA GLY B 370 0.25 29.44 -35.65
C GLY B 370 -0.20 28.63 -34.43
N PHE B 371 0.49 28.71 -33.29
CA PHE B 371 0.07 28.11 -32.02
C PHE B 371 -0.47 29.18 -31.06
N ILE B 372 -1.60 28.91 -30.42
CA ILE B 372 -2.30 29.84 -29.52
C ILE B 372 -2.67 29.15 -28.20
N GLU B 373 -2.65 29.90 -27.11
CA GLU B 373 -3.20 29.47 -25.81
C GLU B 373 -4.09 30.56 -25.23
N MET B 374 -5.24 30.19 -24.67
CA MET B 374 -6.22 31.12 -24.11
C MET B 374 -6.92 30.57 -22.86
N GLN B 375 -7.51 31.46 -22.07
CA GLN B 375 -8.40 31.09 -20.96
C GLN B 375 -9.83 31.62 -21.19
N LEU B 376 -10.83 30.84 -20.78
CA LEU B 376 -12.26 31.06 -21.04
C LEU B 376 -13.08 30.92 -19.75
N PRO B 377 -14.25 31.57 -19.66
CA PRO B 377 -15.15 31.40 -18.52
C PRO B 377 -15.88 30.05 -18.61
N PRO B 378 -16.38 29.51 -17.49
CA PRO B 378 -17.13 28.25 -17.45
C PRO B 378 -18.30 28.16 -18.43
N GLY B 379 -18.68 26.95 -18.82
CA GLY B 379 -19.90 26.68 -19.59
C GLY B 379 -19.72 26.72 -21.10
N ASP B 380 -20.83 26.87 -21.82
CA ASP B 380 -20.87 26.83 -23.28
C ASP B 380 -20.24 28.07 -23.93
N ASN B 381 -19.31 27.86 -24.87
CA ASN B 381 -18.58 28.89 -25.59
C ASN B 381 -18.43 28.52 -27.07
N ILE B 382 -18.14 29.48 -27.93
CA ILE B 382 -17.69 29.25 -29.30
C ILE B 382 -16.42 30.08 -29.56
N ILE B 383 -15.40 29.50 -30.20
CA ILE B 383 -14.14 30.15 -30.55
C ILE B 383 -14.06 30.34 -32.07
N TYR B 384 -13.63 31.51 -32.53
CA TYR B 384 -13.57 31.89 -33.94
C TYR B 384 -12.16 32.30 -34.37
N VAL B 385 -11.77 31.90 -35.57
CA VAL B 385 -10.49 32.25 -36.23
C VAL B 385 -10.77 32.51 -37.71
N GLY B 386 -11.08 33.75 -38.07
CA GLY B 386 -11.61 34.08 -39.40
C GLY B 386 -12.94 33.37 -39.65
N ASP B 387 -13.07 32.68 -40.79
CA ASP B 387 -14.25 31.88 -41.11
C ASP B 387 -14.33 30.53 -40.36
N LEU B 388 -13.25 30.05 -39.72
CA LEU B 388 -13.32 28.86 -38.86
C LEU B 388 -14.06 29.15 -37.56
N ASN B 389 -14.84 28.17 -37.10
CA ASN B 389 -15.41 28.17 -35.76
C ASN B 389 -15.26 26.80 -35.11
N HIS B 390 -15.30 26.76 -33.78
CA HIS B 390 -15.42 25.52 -33.04
C HIS B 390 -16.22 25.76 -31.77
N GLN B 391 -17.18 24.89 -31.47
CA GLN B 391 -17.91 24.94 -30.21
C GLN B 391 -17.05 24.39 -29.08
N TRP B 392 -17.31 24.79 -27.84
CA TRP B 392 -16.56 24.32 -26.68
C TRP B 392 -17.39 24.36 -25.40
N PHE B 393 -17.00 23.55 -24.42
CA PHE B 393 -17.48 23.64 -23.05
C PHE B 393 -16.28 23.70 -22.10
N GLN B 394 -16.26 24.67 -21.18
CA GLN B 394 -15.22 24.74 -20.16
C GLN B 394 -15.76 24.25 -18.82
N LYS B 395 -15.03 23.29 -18.23
CA LYS B 395 -15.38 22.57 -17.01
C LYS B 395 -15.37 23.46 -15.77
N GLY B 396 -15.91 22.95 -14.66
CA GLY B 396 -15.78 23.58 -13.34
C GLY B 396 -16.66 24.81 -13.13
N SER B 397 -16.36 25.58 -12.10
CA SER B 397 -17.18 26.68 -11.60
C SER B 397 -16.34 27.82 -11.03
N SER B 398 -16.93 29.01 -10.90
CA SER B 398 -16.23 30.19 -10.34
C SER B 398 -15.77 29.99 -8.90
N ILE B 399 -16.48 29.19 -8.09
CA ILE B 399 -16.01 28.78 -6.76
C ILE B 399 -14.85 27.79 -6.90
N GLY B 400 -14.99 26.77 -7.75
CA GLY B 400 -13.95 25.76 -7.96
C GLY B 400 -12.61 26.34 -8.41
N ARG B 401 -12.65 27.38 -9.25
CA ARG B 401 -11.48 28.16 -9.67
C ARG B 401 -10.72 28.74 -8.48
N VAL B 402 -11.43 29.30 -7.50
CA VAL B 402 -10.81 29.85 -6.27
C VAL B 402 -10.24 28.73 -5.40
N LEU B 403 -10.94 27.61 -5.25
CA LEU B 403 -10.43 26.48 -4.47
C LEU B 403 -9.17 25.88 -5.10
N GLN B 404 -9.11 25.74 -6.43
CA GLN B 404 -7.93 25.22 -7.12
C GLN B 404 -6.70 26.11 -6.94
N LYS B 405 -6.85 27.44 -7.07
CA LYS B 405 -5.77 28.37 -6.75
C LYS B 405 -5.38 28.32 -5.27
N THR B 406 -6.35 28.16 -4.38
CA THR B 406 -6.09 28.03 -2.94
C THR B 406 -5.22 26.81 -2.63
N ARG B 407 -5.50 25.64 -3.22
CA ARG B 407 -4.68 24.44 -3.03
C ARG B 407 -3.23 24.69 -3.43
N LYS B 408 -2.97 25.23 -4.62
CA LYS B 408 -1.60 25.50 -5.07
C LYS B 408 -0.86 26.49 -4.18
N GLY B 409 -1.56 27.47 -3.62
CA GLY B 409 -1.01 28.34 -2.59
C GLY B 409 -0.56 27.58 -1.34
N ILE B 410 -1.41 26.67 -0.84
CA ILE B 410 -1.10 25.84 0.34
C ILE B 410 0.07 24.89 0.05
N GLU B 411 0.12 24.28 -1.14
CA GLU B 411 1.25 23.44 -1.54
C GLU B 411 2.57 24.22 -1.53
N ARG B 412 2.62 25.42 -2.12
CA ARG B 412 3.84 26.23 -2.09
C ARG B 412 4.23 26.62 -0.67
N LEU B 413 3.27 27.04 0.14
CA LEU B 413 3.50 27.48 1.51
C LEU B 413 4.14 26.36 2.35
N THR B 414 3.69 25.12 2.20
CA THR B 414 4.25 24.00 2.97
C THR B 414 5.58 23.50 2.42
N VAL B 415 5.76 23.45 1.10
CA VAL B 415 6.98 22.90 0.48
C VAL B 415 8.18 23.84 0.60
N LEU B 416 8.03 25.13 0.32
CA LEU B 416 9.16 26.09 0.32
C LEU B 416 9.40 26.79 1.67
N GLY B 417 8.44 26.76 2.59
CA GLY B 417 8.56 27.46 3.87
C GLY B 417 8.54 28.99 3.75
N GLU B 418 9.34 29.66 4.59
CA GLU B 418 9.26 31.12 4.81
C GLU B 418 9.37 31.96 3.54
N HIS B 419 10.07 31.48 2.51
CA HIS B 419 10.27 32.19 1.25
C HIS B 419 8.98 32.31 0.43
N ALA B 420 7.95 31.50 0.70
CA ALA B 420 6.71 31.50 -0.08
C ALA B 420 5.99 32.86 -0.08
N TRP B 421 6.17 33.66 0.97
CA TRP B 421 5.62 35.02 1.06
C TRP B 421 6.22 36.01 0.08
N ASP B 422 7.40 35.73 -0.49
CA ASP B 422 8.10 36.64 -1.42
C ASP B 422 7.57 36.58 -2.86
N PHE B 423 6.64 35.68 -3.18
CA PHE B 423 6.05 35.56 -4.52
C PHE B 423 5.09 36.73 -4.81
N GLY B 424 5.35 37.49 -5.88
CA GLY B 424 4.57 38.68 -6.26
C GLY B 424 5.03 39.95 -5.55
N SER B 425 5.32 41.01 -6.34
CA SER B 425 5.97 42.24 -5.87
C SER B 425 5.05 43.25 -5.16
N VAL B 426 3.75 42.96 -5.05
CA VAL B 426 2.76 43.80 -4.34
C VAL B 426 2.94 43.63 -2.81
N GLY B 427 4.00 44.24 -2.28
CA GLY B 427 4.48 44.10 -0.90
C GLY B 427 3.65 44.85 0.15
N GLY B 428 2.33 44.69 0.14
CA GLY B 428 1.43 45.27 1.15
C GLY B 428 1.70 44.73 2.56
N VAL B 429 1.22 45.42 3.60
CA VAL B 429 1.63 45.20 5.01
C VAL B 429 1.45 43.75 5.49
N MET B 430 0.43 43.05 5.00
CA MET B 430 0.21 41.63 5.32
C MET B 430 1.38 40.74 4.89
N THR B 431 2.10 41.07 3.80
CA THR B 431 3.27 40.29 3.36
C THR B 431 4.41 40.35 4.38
N SER B 432 4.72 41.53 4.92
CA SER B 432 5.68 41.69 6.01
C SER B 432 5.20 41.06 7.32
N ILE B 433 3.90 41.10 7.62
CA ILE B 433 3.34 40.41 8.79
C ILE B 433 3.53 38.89 8.66
N GLY B 434 3.17 38.32 7.51
CA GLY B 434 3.35 36.89 7.22
C GLY B 434 4.82 36.47 7.33
N ARG B 435 5.74 37.22 6.72
CA ARG B 435 7.19 36.95 6.76
C ARG B 435 7.71 36.92 8.19
N ALA B 436 7.30 37.87 9.03
CA ALA B 436 7.69 37.93 10.43
C ALA B 436 7.09 36.77 11.23
N MET B 437 5.77 36.56 11.16
CA MET B 437 5.09 35.52 11.93
C MET B 437 5.61 34.13 11.58
N HIS B 438 5.84 33.85 10.30
CA HIS B 438 6.38 32.56 9.85
C HIS B 438 7.80 32.34 10.37
N THR B 439 8.62 33.38 10.39
CA THR B 439 9.98 33.31 10.95
C THR B 439 9.95 32.95 12.44
N VAL B 440 9.05 33.56 13.22
CA VAL B 440 8.92 33.30 14.66
C VAL B 440 8.29 31.93 14.95
N LEU B 441 7.09 31.65 14.42
CA LEU B 441 6.33 30.45 14.73
C LEU B 441 6.97 29.18 14.17
N GLY B 442 7.49 29.24 12.93
CA GLY B 442 8.20 28.12 12.31
C GLY B 442 9.53 27.83 13.02
N GLY B 443 10.27 28.87 13.41
CA GLY B 443 11.51 28.73 14.17
C GLY B 443 11.30 28.01 15.50
N ALA B 444 10.22 28.32 16.22
CA ALA B 444 9.89 27.64 17.47
C ALA B 444 9.71 26.12 17.26
N PHE B 445 8.81 25.69 16.38
CA PHE B 445 8.58 24.26 16.18
C PHE B 445 9.81 23.53 15.63
N ASN B 446 10.48 24.11 14.62
CA ASN B 446 11.64 23.47 14.01
C ASN B 446 12.85 23.39 14.96
N THR B 447 13.00 24.28 15.95
CA THR B 447 14.07 24.17 16.96
C THR B 447 13.69 23.32 18.17
N LEU B 448 12.43 23.35 18.62
CA LEU B 448 11.99 22.60 19.80
C LEU B 448 11.64 21.13 19.50
N LEU B 449 10.89 20.87 18.44
CA LEU B 449 10.35 19.55 18.10
C LEU B 449 10.99 18.92 16.85
N GLY B 450 11.78 19.68 16.08
CA GLY B 450 12.13 19.36 14.69
C GLY B 450 12.57 17.92 14.42
N GLY B 451 13.50 17.38 15.20
CA GLY B 451 14.06 16.04 15.01
C GLY B 451 13.22 14.86 15.50
N VAL B 452 12.13 15.11 16.24
CA VAL B 452 11.28 14.04 16.80
C VAL B 452 10.49 13.33 15.69
N GLY B 453 10.23 12.03 15.84
CA GLY B 453 9.45 11.24 14.87
C GLY B 453 8.01 11.74 14.68
N PHE B 454 7.41 11.41 13.53
CA PHE B 454 6.11 11.95 13.13
C PHE B 454 4.96 11.53 14.07
N LEU B 455 4.91 10.26 14.44
CA LEU B 455 3.94 9.76 15.41
C LEU B 455 4.14 10.34 16.82
N PRO B 456 5.34 10.34 17.44
CA PRO B 456 5.49 10.91 18.78
C PRO B 456 5.24 12.43 18.84
N LYS B 457 5.46 13.18 17.75
CA LYS B 457 4.98 14.57 17.66
C LYS B 457 3.46 14.64 17.82
N ILE B 458 2.71 13.85 17.04
CA ILE B 458 1.24 13.81 17.13
C ILE B 458 0.77 13.40 18.53
N LEU B 459 1.38 12.37 19.12
CA LEU B 459 1.05 11.93 20.47
C LEU B 459 1.32 13.03 21.52
N LEU B 460 2.39 13.81 21.38
CA LEU B 460 2.62 14.98 22.24
C LEU B 460 1.56 16.08 22.03
N GLY B 461 1.19 16.38 20.79
CA GLY B 461 0.12 17.34 20.50
C GLY B 461 -1.21 16.93 21.14
N VAL B 462 -1.57 15.65 21.01
CA VAL B 462 -2.74 15.08 21.68
C VAL B 462 -2.61 15.21 23.20
N ALA B 463 -1.47 14.88 23.79
CA ALA B 463 -1.27 14.99 25.22
C ALA B 463 -1.46 16.43 25.73
N MET B 464 -0.90 17.44 25.05
CA MET B 464 -1.08 18.84 25.45
C MET B 464 -2.54 19.29 25.31
N ALA B 465 -3.28 18.80 24.31
CA ALA B 465 -4.72 19.05 24.21
C ALA B 465 -5.51 18.37 25.34
N TRP B 466 -5.24 17.09 25.62
CA TRP B 466 -5.87 16.31 26.68
C TRP B 466 -5.68 16.97 28.06
N LEU B 467 -4.46 17.41 28.35
CA LEU B 467 -4.15 18.15 29.57
C LEU B 467 -4.84 19.52 29.57
N GLY B 468 -4.87 20.23 28.45
CA GLY B 468 -5.57 21.51 28.30
C GLY B 468 -7.05 21.45 28.65
N LEU B 469 -7.75 20.36 28.31
CA LEU B 469 -9.15 20.13 28.71
C LEU B 469 -9.33 20.01 30.24
N ASN B 470 -8.28 19.63 30.97
CA ASN B 470 -8.32 19.34 32.41
C ASN B 470 -7.79 20.47 33.30
N MET B 471 -7.12 21.49 32.76
CA MET B 471 -6.61 22.62 33.56
C MET B 471 -7.74 23.51 34.11
N ARG B 472 -7.65 23.89 35.39
CA ARG B 472 -8.68 24.69 36.09
C ARG B 472 -8.58 26.20 35.81
N ASN B 473 -7.37 26.73 35.61
CA ASN B 473 -7.16 28.11 35.15
C ASN B 473 -7.51 28.24 33.65
N PRO B 474 -8.35 29.21 33.23
CA PRO B 474 -8.82 29.30 31.85
C PRO B 474 -7.74 29.78 30.87
N THR B 475 -6.82 30.64 31.31
CA THR B 475 -5.71 31.12 30.47
C THR B 475 -4.72 29.99 30.18
N LEU B 476 -4.34 29.21 31.20
CA LEU B 476 -3.46 28.05 31.01
C LEU B 476 -4.15 26.96 30.19
N SER B 477 -5.43 26.69 30.43
CA SER B 477 -6.23 25.74 29.63
C SER B 477 -6.21 26.10 28.14
N MET B 478 -6.53 27.37 27.80
CA MET B 478 -6.51 27.83 26.40
C MET B 478 -5.11 27.74 25.80
N GLY B 479 -4.06 28.12 26.52
CA GLY B 479 -2.67 28.00 26.06
C GLY B 479 -2.28 26.55 25.74
N PHE B 480 -2.59 25.59 26.62
CA PHE B 480 -2.34 24.17 26.36
C PHE B 480 -3.16 23.66 25.17
N LEU B 481 -4.46 23.97 25.08
CA LEU B 481 -5.31 23.60 23.94
C LEU B 481 -4.77 24.15 22.61
N LEU B 482 -4.37 25.42 22.57
CA LEU B 482 -3.74 26.03 21.39
C LEU B 482 -2.43 25.32 21.04
N SER B 483 -1.56 25.05 22.02
CA SER B 483 -0.27 24.38 21.76
C SER B 483 -0.44 22.98 21.16
N GLY B 484 -1.42 22.20 21.64
CA GLY B 484 -1.77 20.90 21.06
C GLY B 484 -2.25 21.02 19.61
N GLY B 485 -3.15 21.98 19.34
CA GLY B 485 -3.61 22.27 17.98
C GLY B 485 -2.48 22.71 17.04
N LEU B 486 -1.55 23.53 17.53
CA LEU B 486 -0.38 23.95 16.75
C LEU B 486 0.53 22.77 16.42
N VAL B 487 0.85 21.89 17.36
CA VAL B 487 1.66 20.68 17.09
C VAL B 487 0.97 19.78 16.06
N LEU B 488 -0.36 19.62 16.15
CA LEU B 488 -1.13 18.87 15.16
C LEU B 488 -1.13 19.55 13.78
N ALA B 489 -1.23 20.88 13.70
CA ALA B 489 -1.10 21.59 12.42
C ALA B 489 0.31 21.47 11.82
N MET B 490 1.33 21.69 12.63
CA MET B 490 2.75 21.60 12.24
C MET B 490 3.14 20.21 11.73
N THR B 491 2.48 19.15 12.22
CA THR B 491 2.64 17.78 11.71
C THR B 491 1.74 17.49 10.52
N LEU B 492 0.41 17.49 10.71
CA LEU B 492 -0.54 16.91 9.76
C LEU B 492 -0.53 17.61 8.38
N GLY B 493 -0.12 18.88 8.30
CA GLY B 493 0.07 19.57 7.02
C GLY B 493 1.13 18.93 6.12
N VAL B 494 2.06 18.17 6.70
CA VAL B 494 3.16 17.45 6.01
C VAL B 494 2.91 15.93 5.99
N GLY B 495 1.73 15.47 6.42
CA GLY B 495 1.43 14.05 6.67
C GLY B 495 0.92 13.24 5.47
N ALA B 496 0.65 13.88 4.33
CA ALA B 496 0.03 13.26 3.15
C ALA B 496 0.40 13.91 1.81
N SER C 1 -46.21 16.82 -44.51
CA SER C 1 -46.02 16.85 -43.04
C SER C 1 -45.44 15.53 -42.54
N ARG C 2 -44.56 15.57 -41.54
CA ARG C 2 -44.26 14.39 -40.70
C ARG C 2 -45.06 14.45 -39.40
N CYS C 3 -45.39 15.63 -38.90
CA CYS C 3 -46.03 15.82 -37.61
C CYS C 3 -47.44 15.20 -37.50
N THR C 4 -48.09 14.84 -38.61
CA THR C 4 -49.30 14.02 -38.61
C THR C 4 -49.07 12.55 -38.21
N HIS C 5 -47.84 12.03 -38.31
CA HIS C 5 -47.59 10.57 -38.32
C HIS C 5 -47.02 9.97 -37.03
N LEU C 6 -46.66 10.78 -36.03
CA LEU C 6 -46.02 10.30 -34.80
C LEU C 6 -46.70 10.90 -33.56
N GLU C 7 -46.90 10.11 -32.51
CA GLU C 7 -47.81 10.45 -31.41
C GLU C 7 -47.26 11.46 -30.38
N ASN C 8 -45.96 11.75 -30.40
CA ASN C 8 -45.31 12.65 -29.43
C ASN C 8 -45.40 14.15 -29.79
N ARG C 9 -46.25 14.53 -30.76
CA ARG C 9 -46.35 15.88 -31.35
C ARG C 9 -46.50 16.98 -30.30
N ASP C 10 -45.92 18.15 -30.56
CA ASP C 10 -46.10 19.36 -29.75
C ASP C 10 -46.09 20.64 -30.62
N PHE C 11 -46.64 21.73 -30.09
CA PHE C 11 -46.86 23.00 -30.79
C PHE C 11 -46.18 24.18 -30.08
N VAL C 12 -45.30 24.90 -30.79
CA VAL C 12 -44.60 26.10 -30.30
C VAL C 12 -45.14 27.33 -31.01
N THR C 13 -45.49 28.36 -30.25
CA THR C 13 -46.24 29.54 -30.73
C THR C 13 -45.63 30.86 -30.25
N GLY C 14 -45.86 31.95 -30.99
CA GLY C 14 -45.36 33.29 -30.63
C GLY C 14 -45.76 34.40 -31.60
N VAL C 15 -45.19 35.59 -31.42
CA VAL C 15 -45.38 36.77 -32.29
C VAL C 15 -44.04 37.31 -32.80
N GLN C 16 -44.01 37.82 -34.03
CA GLN C 16 -42.76 38.07 -34.78
C GLN C 16 -41.88 39.20 -34.22
N GLY C 17 -42.34 39.95 -33.22
CA GLY C 17 -41.49 40.81 -32.39
C GLY C 17 -40.36 40.05 -31.68
N THR C 18 -40.50 38.73 -31.50
CA THR C 18 -39.39 37.80 -31.24
C THR C 18 -39.22 36.86 -32.44
N THR C 19 -38.05 36.87 -33.09
CA THR C 19 -37.77 36.05 -34.28
C THR C 19 -36.97 34.76 -33.98
N ARG C 20 -36.44 34.62 -32.76
CA ARG C 20 -35.64 33.47 -32.30
C ARG C 20 -36.44 32.62 -31.31
N LEU C 21 -36.56 31.32 -31.58
CA LEU C 21 -37.26 30.36 -30.72
C LEU C 21 -36.31 29.23 -30.33
N THR C 22 -36.42 28.77 -29.08
CA THR C 22 -35.60 27.67 -28.54
C THR C 22 -36.43 26.39 -28.51
N LEU C 23 -35.90 25.35 -29.13
CA LEU C 23 -36.53 24.05 -29.27
C LEU C 23 -35.66 22.97 -28.61
N VAL C 24 -36.30 21.92 -28.10
CA VAL C 24 -35.61 20.75 -27.54
C VAL C 24 -36.06 19.54 -28.34
N LEU C 25 -35.36 19.25 -29.44
CA LEU C 25 -35.68 18.12 -30.30
C LEU C 25 -35.29 16.81 -29.60
N GLU C 26 -36.26 15.91 -29.44
CA GLU C 26 -36.06 14.57 -28.89
C GLU C 26 -36.14 13.53 -30.02
N LEU C 27 -35.20 12.59 -30.08
CA LEU C 27 -35.19 11.58 -31.14
C LEU C 27 -36.46 10.72 -31.07
N GLY C 28 -37.16 10.59 -32.19
CA GLY C 28 -38.49 9.93 -32.27
C GLY C 28 -39.67 10.85 -31.98
N GLY C 29 -39.43 12.10 -31.55
CA GLY C 29 -40.44 13.15 -31.48
C GLY C 29 -40.58 13.95 -32.79
N CYS C 30 -41.49 14.92 -32.79
CA CYS C 30 -41.67 15.93 -33.84
C CYS C 30 -42.21 17.22 -33.22
N VAL C 31 -41.86 18.38 -33.76
CA VAL C 31 -42.33 19.68 -33.26
C VAL C 31 -42.86 20.53 -34.42
N THR C 32 -43.95 21.24 -34.17
CA THR C 32 -44.52 22.23 -35.11
C THR C 32 -44.32 23.64 -34.57
N VAL C 33 -43.83 24.55 -35.42
CA VAL C 33 -43.59 25.94 -35.07
C VAL C 33 -44.51 26.85 -35.88
N THR C 34 -45.14 27.82 -35.22
CA THR C 34 -46.05 28.77 -35.85
C THR C 34 -45.96 30.15 -35.19
N ALA C 35 -46.25 31.20 -35.96
CA ALA C 35 -46.14 32.59 -35.54
C ALA C 35 -47.04 33.49 -36.41
N ASP C 36 -47.23 34.74 -36.00
CA ASP C 36 -47.97 35.72 -36.80
C ASP C 36 -47.34 35.89 -38.20
N GLY C 37 -48.16 35.74 -39.25
CA GLY C 37 -47.81 35.99 -40.66
C GLY C 37 -46.91 34.97 -41.33
N LYS C 38 -45.82 34.54 -40.68
CA LYS C 38 -44.85 33.59 -41.25
C LYS C 38 -45.43 32.17 -41.35
N PRO C 39 -45.08 31.38 -42.37
CA PRO C 39 -45.60 30.03 -42.53
C PRO C 39 -45.14 29.10 -41.40
N SER C 40 -45.89 28.04 -41.15
CA SER C 40 -45.53 27.00 -40.18
C SER C 40 -44.59 25.96 -40.78
N LEU C 41 -43.67 25.44 -39.96
CA LEU C 41 -42.70 24.41 -40.33
C LEU C 41 -42.84 23.17 -39.44
N ASP C 42 -42.56 22.01 -40.00
CA ASP C 42 -42.33 20.77 -39.23
C ASP C 42 -40.82 20.63 -39.01
N VAL C 43 -40.40 20.32 -37.77
CA VAL C 43 -38.99 20.19 -37.37
C VAL C 43 -38.78 18.90 -36.56
N TRP C 44 -37.72 18.13 -36.85
CA TRP C 44 -37.35 16.94 -36.07
C TRP C 44 -35.87 16.57 -36.17
N LEU C 45 -35.40 15.76 -35.23
CA LEU C 45 -34.04 15.17 -35.24
C LEU C 45 -34.15 13.72 -35.72
N ASP C 46 -33.44 13.37 -36.78
CA ASP C 46 -33.68 12.12 -37.49
C ASP C 46 -32.69 11.00 -37.16
N SER C 47 -31.45 11.35 -36.77
CA SER C 47 -30.42 10.39 -36.36
C SER C 47 -29.25 11.06 -35.67
N ILE C 48 -28.75 10.44 -34.59
CA ILE C 48 -27.47 10.75 -33.95
C ILE C 48 -26.53 9.60 -34.24
N TYR C 49 -25.39 9.84 -34.89
CA TYR C 49 -24.52 8.74 -35.32
C TYR C 49 -23.04 9.11 -35.45
N GLN C 50 -22.20 8.08 -35.55
CA GLN C 50 -20.79 8.16 -35.89
C GLN C 50 -20.46 7.02 -36.87
N GLU C 51 -19.44 7.20 -37.71
CA GLU C 51 -18.89 6.11 -38.51
C GLU C 51 -17.64 5.56 -37.82
N SER C 52 -17.59 4.24 -37.61
CA SER C 52 -16.50 3.52 -36.97
C SER C 52 -16.07 4.11 -35.60
N PRO C 53 -16.92 4.06 -34.57
CA PRO C 53 -16.61 4.54 -33.23
C PRO C 53 -15.47 3.77 -32.58
N ALA C 54 -14.92 4.29 -31.49
CA ALA C 54 -13.72 3.73 -30.88
C ALA C 54 -14.01 2.43 -30.13
N GLN C 55 -13.26 1.37 -30.43
CA GLN C 55 -13.37 0.09 -29.73
C GLN C 55 -12.73 0.15 -28.34
N THR C 56 -13.27 -0.59 -27.38
CA THR C 56 -12.73 -0.70 -26.02
C THR C 56 -12.70 -2.17 -25.60
N ARG C 57 -13.01 -2.50 -24.33
CA ARG C 57 -12.96 -3.87 -23.78
C ARG C 57 -13.79 -4.86 -24.59
N GLU C 58 -13.25 -6.05 -24.81
CA GLU C 58 -13.97 -7.25 -25.23
C GLU C 58 -14.08 -8.23 -24.06
N TYR C 59 -15.24 -8.85 -23.90
CA TYR C 59 -15.53 -9.85 -22.86
C TYR C 59 -15.85 -11.22 -23.47
N CYS C 60 -15.48 -12.29 -22.75
CA CYS C 60 -15.80 -13.67 -23.11
C CYS C 60 -17.07 -14.15 -22.37
N LEU C 61 -18.08 -14.62 -23.10
CA LEU C 61 -19.33 -15.14 -22.55
C LEU C 61 -19.41 -16.68 -22.55
N HIS C 62 -18.54 -17.38 -23.28
CA HIS C 62 -18.50 -18.85 -23.29
C HIS C 62 -17.07 -19.37 -23.44
N ALA C 63 -16.54 -19.95 -22.37
CA ALA C 63 -15.19 -20.50 -22.34
C ALA C 63 -15.10 -21.80 -23.16
N LYS C 64 -13.98 -21.97 -23.88
CA LYS C 64 -13.51 -23.26 -24.38
C LYS C 64 -12.27 -23.67 -23.58
N LEU C 65 -12.31 -24.84 -22.97
CA LEU C 65 -11.24 -25.42 -22.16
C LEU C 65 -10.51 -26.49 -22.97
N THR C 66 -9.19 -26.57 -22.91
CA THR C 66 -8.42 -27.58 -23.66
C THR C 66 -7.12 -27.97 -22.96
N GLY C 67 -6.64 -29.19 -23.21
CA GLY C 67 -5.27 -29.63 -22.92
C GLY C 67 -4.90 -29.66 -21.43
N THR C 68 -5.81 -30.09 -20.55
CA THR C 68 -5.57 -30.05 -19.10
C THR C 68 -4.48 -31.01 -18.64
N LYS C 69 -3.72 -30.61 -17.61
CA LYS C 69 -2.55 -31.31 -17.06
C LYS C 69 -2.65 -31.34 -15.54
N VAL C 70 -2.27 -32.45 -14.91
CA VAL C 70 -2.35 -32.67 -13.46
C VAL C 70 -1.04 -33.23 -12.94
N ALA C 71 -0.59 -32.81 -11.76
CA ALA C 71 0.55 -33.39 -11.07
C ALA C 71 0.36 -33.36 -9.54
N ALA C 72 1.04 -34.24 -8.82
CA ALA C 72 0.91 -34.37 -7.38
C ALA C 72 2.19 -34.88 -6.70
N ARG C 73 2.33 -34.66 -5.39
CA ARG C 73 3.52 -35.01 -4.58
C ARG C 73 3.16 -35.62 -3.24
N CYS C 74 4.04 -36.51 -2.74
CA CYS C 74 3.92 -37.20 -1.47
C CYS C 74 3.98 -36.21 -0.27
N PRO C 75 3.45 -36.55 0.91
CA PRO C 75 3.19 -35.61 2.01
C PRO C 75 4.33 -34.65 2.40
N THR C 76 5.56 -35.14 2.56
CA THR C 76 6.72 -34.30 2.93
C THR C 76 7.59 -33.87 1.75
N MET C 77 7.38 -34.43 0.55
CA MET C 77 8.28 -34.31 -0.60
C MET C 77 8.08 -33.02 -1.43
N GLY C 78 7.75 -31.92 -0.75
CA GLY C 78 7.57 -30.59 -1.34
C GLY C 78 6.30 -30.41 -2.17
N PRO C 79 5.89 -29.15 -2.46
CA PRO C 79 4.75 -28.86 -3.31
C PRO C 79 5.07 -29.11 -4.79
N ALA C 80 4.05 -29.46 -5.58
CA ALA C 80 4.22 -29.75 -7.01
C ALA C 80 4.31 -28.47 -7.86
N THR C 81 4.83 -28.58 -9.09
CA THR C 81 4.81 -27.50 -10.09
C THR C 81 4.70 -28.08 -11.51
N LEU C 82 4.17 -27.30 -12.46
CA LEU C 82 4.11 -27.64 -13.88
C LEU C 82 4.61 -26.47 -14.77
N PRO C 83 5.28 -26.73 -15.91
CA PRO C 83 5.69 -25.68 -16.85
C PRO C 83 4.55 -24.74 -17.27
N GLU C 84 3.35 -25.28 -17.43
CA GLU C 84 2.14 -24.54 -17.82
C GLU C 84 1.72 -23.46 -16.81
N GLU C 85 2.20 -23.47 -15.56
CA GLU C 85 1.95 -22.37 -14.61
C GLU C 85 2.61 -21.05 -15.03
N HIS C 86 3.54 -21.08 -15.98
CA HIS C 86 4.30 -19.94 -16.48
C HIS C 86 4.19 -19.78 -18.00
N GLN C 87 2.97 -19.86 -18.52
CA GLN C 87 2.64 -19.58 -19.92
C GLN C 87 1.38 -18.70 -20.03
N SER C 88 1.18 -18.04 -21.17
CA SER C 88 0.01 -17.21 -21.44
C SER C 88 -1.29 -18.05 -21.53
N GLY C 89 -2.44 -17.40 -21.37
CA GLY C 89 -3.76 -17.98 -21.67
C GLY C 89 -4.12 -19.26 -20.89
N THR C 90 -3.53 -19.44 -19.71
CA THR C 90 -3.64 -20.69 -18.93
C THR C 90 -4.17 -20.43 -17.54
N VAL C 91 -5.15 -21.20 -17.09
CA VAL C 91 -5.77 -21.10 -15.76
C VAL C 91 -5.23 -22.24 -14.90
N CYS C 92 -4.77 -21.92 -13.69
CA CYS C 92 -4.12 -22.88 -12.78
C CYS C 92 -4.70 -22.82 -11.37
N LYS C 93 -4.66 -23.94 -10.65
CA LYS C 93 -5.04 -24.02 -9.23
C LYS C 93 -4.17 -25.04 -8.49
N ARG C 94 -3.98 -24.80 -7.19
CA ARG C 94 -3.07 -25.55 -6.30
C ARG C 94 -3.82 -25.89 -5.01
N ASP C 95 -3.74 -27.12 -4.52
CA ASP C 95 -4.49 -27.54 -3.34
C ASP C 95 -3.82 -28.69 -2.55
N GLN C 96 -4.19 -28.82 -1.28
CA GLN C 96 -3.74 -29.89 -0.39
C GLN C 96 -4.66 -31.12 -0.51
N SER C 97 -4.39 -31.98 -1.48
CA SER C 97 -5.03 -33.29 -1.59
C SER C 97 -4.69 -34.21 -0.41
N ASP C 98 -5.59 -35.14 -0.09
CA ASP C 98 -5.26 -36.25 0.81
C ASP C 98 -4.41 -37.30 0.07
N ARG C 99 -3.48 -37.94 0.78
CA ARG C 99 -2.74 -39.13 0.35
C ARG C 99 -2.63 -40.11 1.51
N GLY C 100 -2.23 -41.33 1.22
CA GLY C 100 -2.09 -42.39 2.21
C GLY C 100 -1.28 -43.57 1.68
N TRP C 101 -0.97 -44.51 2.55
CA TRP C 101 -0.01 -45.59 2.28
C TRP C 101 -0.44 -46.47 1.09
N GLY C 102 -1.73 -46.70 0.93
CA GLY C 102 -2.29 -47.47 -0.19
C GLY C 102 -2.23 -46.78 -1.55
N ASN C 103 -2.05 -45.45 -1.57
CA ASN C 103 -1.90 -44.64 -2.79
C ASN C 103 -0.43 -44.31 -3.08
N HIS C 104 0.47 -45.25 -2.80
CA HIS C 104 1.93 -45.22 -3.06
C HIS C 104 2.78 -44.18 -2.31
N CYS C 105 2.21 -43.44 -1.35
CA CYS C 105 2.99 -42.55 -0.48
C CYS C 105 3.67 -43.29 0.68
N GLY C 106 4.79 -42.76 1.16
CA GLY C 106 5.51 -43.29 2.32
C GLY C 106 4.92 -42.89 3.67
N LEU C 107 3.94 -41.98 3.71
CA LEU C 107 3.35 -41.41 4.93
C LEU C 107 1.84 -41.16 4.76
N PHE C 108 1.12 -41.06 5.88
CA PHE C 108 -0.21 -40.47 5.95
C PHE C 108 -0.16 -38.94 5.84
N GLY C 109 -1.32 -38.31 5.70
CA GLY C 109 -1.48 -36.85 5.79
C GLY C 109 -1.55 -36.13 4.45
N LYS C 110 -1.73 -34.81 4.50
CA LYS C 110 -1.87 -33.95 3.32
C LYS C 110 -0.65 -34.00 2.41
N GLY C 111 -0.89 -34.06 1.10
CA GLY C 111 0.11 -33.90 0.05
C GLY C 111 -0.09 -32.58 -0.69
N SER C 112 0.25 -32.57 -1.98
CA SER C 112 0.02 -31.43 -2.87
C SER C 112 -0.50 -31.92 -4.21
N ILE C 113 -1.49 -31.24 -4.79
CA ILE C 113 -1.96 -31.42 -6.16
C ILE C 113 -2.05 -30.07 -6.87
N VAL C 114 -1.69 -30.04 -8.14
CA VAL C 114 -1.72 -28.84 -8.99
C VAL C 114 -2.34 -29.20 -10.33
N THR C 115 -3.12 -28.29 -10.92
CA THR C 115 -3.78 -28.53 -12.21
C THR C 115 -3.80 -27.27 -13.06
N CYS C 116 -3.59 -27.47 -14.36
CA CYS C 116 -3.58 -26.41 -15.36
C CYS C 116 -4.57 -26.73 -16.49
N VAL C 117 -5.19 -25.71 -17.09
CA VAL C 117 -6.01 -25.84 -18.31
C VAL C 117 -5.86 -24.62 -19.20
N LYS C 118 -5.83 -24.79 -20.52
CA LYS C 118 -5.73 -23.67 -21.47
C LYS C 118 -7.10 -23.15 -21.88
N PHE C 119 -7.21 -21.84 -22.06
CA PHE C 119 -8.48 -21.11 -22.17
C PHE C 119 -8.54 -20.22 -23.41
N THR C 120 -9.71 -20.19 -24.07
CA THR C 120 -10.07 -19.23 -25.12
C THR C 120 -11.57 -18.96 -25.10
N CYS C 121 -12.02 -17.77 -25.50
CA CYS C 121 -13.43 -17.57 -25.86
C CYS C 121 -13.79 -18.42 -27.08
N GLU C 122 -14.99 -19.01 -27.10
CA GLU C 122 -15.51 -19.68 -28.30
C GLU C 122 -15.76 -18.66 -29.44
N ASP C 123 -15.61 -19.10 -30.69
CA ASP C 123 -15.85 -18.25 -31.87
C ASP C 123 -17.27 -17.66 -31.87
N LYS C 124 -17.39 -16.38 -32.22
CA LYS C 124 -18.65 -15.61 -32.26
C LYS C 124 -19.40 -15.48 -30.92
N LYS C 125 -18.82 -15.91 -29.79
CA LYS C 125 -19.39 -15.73 -28.44
C LYS C 125 -18.87 -14.47 -27.71
N LYS C 126 -18.15 -13.58 -28.39
CA LYS C 126 -17.67 -12.31 -27.82
C LYS C 126 -18.82 -11.37 -27.43
N ALA C 127 -18.57 -10.49 -26.48
CA ALA C 127 -19.30 -9.24 -26.30
C ALA C 127 -18.31 -8.06 -26.39
N THR C 128 -18.68 -6.98 -27.08
CA THR C 128 -17.78 -5.86 -27.39
C THR C 128 -18.37 -4.53 -26.94
N GLY C 129 -17.56 -3.69 -26.30
CA GLY C 129 -17.91 -2.29 -26.05
C GLY C 129 -17.39 -1.35 -27.13
N HIS C 130 -18.18 -0.34 -27.48
CA HIS C 130 -17.80 0.79 -28.33
C HIS C 130 -18.11 2.11 -27.63
N VAL C 131 -17.32 3.17 -27.86
CA VAL C 131 -17.54 4.50 -27.27
C VAL C 131 -17.48 5.59 -28.34
N TYR C 132 -18.42 6.54 -28.27
CA TYR C 132 -18.49 7.69 -29.16
C TYR C 132 -17.38 8.71 -28.88
N ASP C 133 -16.86 9.37 -29.92
CA ASP C 133 -15.83 10.42 -29.80
C ASP C 133 -16.46 11.80 -30.04
N VAL C 134 -16.32 12.71 -29.08
CA VAL C 134 -17.01 14.02 -29.09
C VAL C 134 -16.76 14.80 -30.38
N ASN C 135 -15.52 14.79 -30.89
CA ASN C 135 -15.15 15.52 -32.11
C ASN C 135 -15.68 14.87 -33.40
N LYS C 136 -16.37 13.73 -33.33
CA LYS C 136 -16.82 12.96 -34.51
C LYS C 136 -18.32 12.63 -34.54
N ILE C 137 -19.09 13.02 -33.52
CA ILE C 137 -20.56 12.84 -33.53
C ILE C 137 -21.17 13.64 -34.69
N THR C 138 -22.10 13.05 -35.41
CA THR C 138 -22.98 13.76 -36.35
C THR C 138 -24.41 13.74 -35.85
N TYR C 139 -25.02 14.90 -35.70
CA TYR C 139 -26.44 15.06 -35.42
C TYR C 139 -27.14 15.50 -36.70
N THR C 140 -28.22 14.84 -37.12
CA THR C 140 -28.98 15.23 -38.33
C THR C 140 -30.35 15.79 -37.96
N ILE C 141 -30.64 17.00 -38.43
CA ILE C 141 -31.89 17.72 -38.19
C ILE C 141 -32.53 18.02 -39.54
N LYS C 142 -33.85 17.88 -39.64
CA LYS C 142 -34.60 18.04 -40.88
C LYS C 142 -35.75 19.02 -40.69
N VAL C 143 -36.08 19.74 -41.76
CA VAL C 143 -37.15 20.73 -41.80
C VAL C 143 -37.97 20.52 -43.07
N GLU C 144 -39.30 20.62 -42.98
CA GLU C 144 -40.14 20.79 -44.17
C GLU C 144 -41.26 21.80 -43.93
N PRO C 145 -41.66 22.58 -44.95
CA PRO C 145 -42.76 23.51 -44.84
C PRO C 145 -44.09 22.75 -44.88
N HIS C 146 -45.11 23.30 -44.21
CA HIS C 146 -46.45 22.73 -44.24
C HIS C 146 -47.14 23.05 -45.58
N THR C 147 -46.73 22.34 -46.63
CA THR C 147 -47.01 22.68 -48.04
C THR C 147 -48.49 22.68 -48.44
N GLY C 148 -49.31 21.81 -47.86
CA GLY C 148 -50.71 21.62 -48.29
C GLY C 148 -50.88 20.56 -49.40
N GLU C 149 -49.80 20.02 -49.95
CA GLU C 149 -49.82 18.65 -50.50
C GLU C 149 -49.79 17.63 -49.35
N PHE C 150 -50.10 16.37 -49.62
CA PHE C 150 -49.97 15.29 -48.63
C PHE C 150 -49.20 14.09 -49.19
N VAL C 151 -48.28 13.56 -48.39
CA VAL C 151 -47.48 12.37 -48.72
C VAL C 151 -47.42 11.48 -47.48
N ALA C 152 -47.62 10.18 -47.64
CA ALA C 152 -47.56 9.22 -46.53
C ALA C 152 -46.12 9.03 -46.01
N ALA C 153 -45.97 8.38 -44.85
CA ALA C 153 -44.67 8.00 -44.29
C ALA C 153 -44.05 6.78 -45.04
N ASN C 154 -43.94 6.88 -46.36
CA ASN C 154 -43.67 5.78 -47.28
C ASN C 154 -42.89 6.26 -48.52
N GLU C 155 -43.51 7.08 -49.37
CA GLU C 155 -42.80 7.85 -50.40
C GLU C 155 -41.96 9.00 -49.80
N THR C 156 -41.10 9.63 -50.61
CA THR C 156 -40.27 10.77 -50.19
C THR C 156 -40.84 12.09 -50.70
N HIS C 157 -41.16 13.01 -49.80
CA HIS C 157 -41.64 14.35 -50.11
C HIS C 157 -40.56 15.21 -50.78
N SER C 158 -40.91 15.96 -51.84
CA SER C 158 -39.97 16.79 -52.60
C SER C 158 -39.57 18.11 -51.92
N GLY C 159 -40.36 18.63 -50.98
CA GLY C 159 -40.08 19.91 -50.32
C GLY C 159 -39.14 19.84 -49.11
N ARG C 160 -38.71 18.64 -48.71
CA ARG C 160 -37.95 18.40 -47.47
C ARG C 160 -36.48 18.80 -47.60
N LYS C 161 -35.91 19.38 -46.54
CA LYS C 161 -34.48 19.75 -46.45
C LYS C 161 -33.82 19.13 -45.22
N SER C 162 -32.52 18.85 -45.33
CA SER C 162 -31.74 18.14 -44.32
C SER C 162 -30.40 18.82 -44.07
N ALA C 163 -29.99 18.94 -42.80
CA ALA C 163 -28.73 19.53 -42.40
C ALA C 163 -28.05 18.70 -41.31
N SER C 164 -26.73 18.55 -41.42
CA SER C 164 -25.90 17.79 -40.49
C SER C 164 -25.04 18.73 -39.66
N PHE C 165 -24.93 18.43 -38.37
CA PHE C 165 -24.26 19.27 -37.39
C PHE C 165 -23.22 18.46 -36.61
N THR C 166 -22.10 19.12 -36.38
CA THR C 166 -20.86 18.60 -35.76
C THR C 166 -20.25 19.72 -34.92
N VAL C 167 -19.27 19.43 -34.07
CA VAL C 167 -18.72 20.45 -33.14
C VAL C 167 -18.15 21.66 -33.88
N SER C 168 -17.73 21.49 -35.14
CA SER C 168 -17.29 22.52 -36.07
C SER C 168 -18.37 22.90 -37.10
N SER C 169 -19.49 23.46 -36.64
CA SER C 169 -20.58 23.97 -37.51
C SER C 169 -21.21 25.27 -37.00
N GLU C 170 -21.69 26.10 -37.92
CA GLU C 170 -22.07 27.52 -37.70
C GLU C 170 -23.57 27.73 -37.44
N LYS C 171 -24.02 28.99 -37.39
CA LYS C 171 -25.41 29.35 -37.72
C LYS C 171 -25.66 29.08 -39.21
N THR C 172 -26.10 27.87 -39.54
CA THR C 172 -26.39 27.46 -40.91
C THR C 172 -27.68 28.09 -41.45
N ILE C 173 -27.78 28.25 -42.77
CA ILE C 173 -28.96 28.75 -43.47
C ILE C 173 -29.49 27.66 -44.41
N LEU C 174 -30.75 27.28 -44.28
CA LEU C 174 -31.41 26.30 -45.14
C LEU C 174 -32.34 27.03 -46.10
N THR C 175 -32.18 26.81 -47.41
CA THR C 175 -33.02 27.41 -48.45
C THR C 175 -34.27 26.58 -48.69
N LEU C 176 -35.41 26.95 -48.09
CA LEU C 176 -36.68 26.23 -48.16
C LEU C 176 -37.45 26.49 -49.48
N GLY C 177 -36.75 26.59 -50.60
CA GLY C 177 -37.35 26.84 -51.92
C GLY C 177 -38.14 28.15 -51.96
N ASP C 178 -39.38 28.09 -52.44
CA ASP C 178 -40.25 29.27 -52.60
C ASP C 178 -40.51 30.01 -51.28
N TYR C 179 -40.45 29.31 -50.14
CA TYR C 179 -40.76 29.87 -48.82
C TYR C 179 -39.63 30.70 -48.22
N GLY C 180 -38.59 31.04 -48.98
CA GLY C 180 -37.41 31.73 -48.46
C GLY C 180 -36.50 30.82 -47.63
N ASP C 181 -35.83 31.36 -46.63
CA ASP C 181 -34.77 30.66 -45.89
C ASP C 181 -35.08 30.59 -44.39
N VAL C 182 -34.58 29.55 -43.70
CA VAL C 182 -34.63 29.44 -42.24
C VAL C 182 -33.22 29.27 -41.68
N SER C 183 -32.97 29.79 -40.47
CA SER C 183 -31.65 29.73 -39.83
C SER C 183 -31.63 28.80 -38.63
N LEU C 184 -30.60 27.97 -38.51
CA LEU C 184 -30.56 26.82 -37.59
C LEU C 184 -29.19 26.67 -36.93
N LEU C 185 -29.16 26.51 -35.60
CA LEU C 185 -27.94 26.44 -34.78
C LEU C 185 -28.10 25.46 -33.60
N CYS C 186 -27.05 24.72 -33.24
CA CYS C 186 -27.10 23.59 -32.31
C CYS C 186 -26.09 23.70 -31.17
N ARG C 187 -26.47 23.42 -29.92
CA ARG C 187 -25.51 23.19 -28.82
C ARG C 187 -25.02 21.74 -28.82
N VAL C 188 -24.31 21.34 -29.88
CA VAL C 188 -23.77 19.98 -30.08
C VAL C 188 -23.08 19.43 -28.83
N ALA C 189 -22.32 20.25 -28.12
CA ALA C 189 -21.59 19.85 -26.92
C ALA C 189 -22.47 19.54 -25.70
N SER C 190 -23.77 19.85 -25.73
CA SER C 190 -24.68 19.76 -24.58
C SER C 190 -25.97 18.98 -24.90
N GLY C 191 -25.83 17.93 -25.71
CA GLY C 191 -26.86 16.91 -25.94
C GLY C 191 -26.76 15.76 -24.92
N VAL C 192 -26.69 14.52 -25.41
CA VAL C 192 -26.42 13.32 -24.58
C VAL C 192 -25.04 13.45 -23.91
N ASP C 193 -24.92 13.11 -22.63
CA ASP C 193 -23.64 13.12 -21.93
C ASP C 193 -22.79 11.88 -22.27
N LEU C 194 -21.85 12.02 -23.20
CA LEU C 194 -20.95 10.95 -23.61
C LEU C 194 -20.00 10.44 -22.51
N ALA C 195 -19.95 11.07 -21.34
CA ALA C 195 -19.27 10.48 -20.18
C ALA C 195 -20.02 9.27 -19.59
N GLN C 196 -21.30 9.08 -19.90
CA GLN C 196 -22.17 8.05 -19.31
C GLN C 196 -22.36 6.80 -20.18
N THR C 197 -22.13 6.90 -21.51
CA THR C 197 -22.65 5.92 -22.48
C THR C 197 -21.59 4.97 -23.03
N VAL C 198 -21.90 3.68 -23.06
CA VAL C 198 -21.19 2.66 -23.86
C VAL C 198 -22.19 1.98 -24.78
N VAL C 199 -21.80 1.65 -26.01
CA VAL C 199 -22.66 0.86 -26.90
C VAL C 199 -22.15 -0.57 -26.89
N LEU C 200 -23.01 -1.51 -26.50
CA LEU C 200 -22.66 -2.93 -26.34
C LEU C 200 -23.17 -3.74 -27.52
N ALA C 201 -22.34 -4.60 -28.08
CA ALA C 201 -22.70 -5.45 -29.21
C ALA C 201 -22.29 -6.92 -29.01
N LEU C 202 -23.21 -7.84 -29.32
CA LEU C 202 -22.99 -9.27 -29.52
C LEU C 202 -22.74 -9.51 -31.02
N ASP C 203 -22.66 -10.77 -31.47
CA ASP C 203 -22.48 -11.06 -32.90
C ASP C 203 -23.66 -10.61 -33.77
N LYS C 204 -23.38 -10.20 -35.01
CA LYS C 204 -24.35 -9.63 -35.95
C LYS C 204 -25.24 -10.66 -36.64
N THR C 205 -24.93 -11.95 -36.60
CA THR C 205 -25.65 -12.98 -37.38
C THR C 205 -26.91 -13.55 -36.73
N HIS C 206 -27.21 -13.24 -35.47
CA HIS C 206 -28.43 -13.70 -34.78
C HIS C 206 -29.71 -13.05 -35.33
N GLU C 207 -30.84 -13.76 -35.21
CA GLU C 207 -32.13 -13.33 -35.79
C GLU C 207 -32.97 -12.46 -34.84
N HIS C 208 -33.50 -13.02 -33.74
CA HIS C 208 -34.40 -12.29 -32.85
C HIS C 208 -33.70 -11.21 -32.00
N LEU C 209 -32.40 -11.35 -31.74
CA LEU C 209 -31.69 -10.45 -30.83
C LEU C 209 -31.60 -9.02 -31.40
N PRO C 210 -31.80 -7.97 -30.58
CA PRO C 210 -31.45 -6.61 -30.95
C PRO C 210 -29.99 -6.49 -31.38
N THR C 211 -29.69 -5.55 -32.28
CA THR C 211 -28.34 -5.37 -32.81
C THR C 211 -27.33 -4.80 -31.81
N ALA C 212 -27.74 -3.90 -30.91
CA ALA C 212 -26.88 -3.30 -29.90
C ALA C 212 -27.70 -2.67 -28.76
N TRP C 213 -27.07 -2.38 -27.63
CA TRP C 213 -27.68 -1.82 -26.42
C TRP C 213 -26.94 -0.58 -25.92
N GLN C 214 -27.65 0.41 -25.40
CA GLN C 214 -27.08 1.64 -24.83
C GLN C 214 -26.78 1.48 -23.32
N VAL C 215 -25.83 0.63 -22.96
CA VAL C 215 -25.52 0.37 -21.54
C VAL C 215 -24.84 1.58 -20.87
N HIS C 216 -24.97 1.71 -19.55
CA HIS C 216 -24.22 2.71 -18.79
C HIS C 216 -22.73 2.31 -18.59
N ARG C 217 -21.83 3.29 -18.61
CA ARG C 217 -20.37 3.11 -18.57
C ARG C 217 -19.84 2.49 -17.29
N ASP C 218 -20.34 2.89 -16.12
CA ASP C 218 -19.83 2.34 -14.86
C ASP C 218 -20.22 0.87 -14.72
N TRP C 219 -21.47 0.54 -15.08
CA TRP C 219 -21.95 -0.83 -15.11
C TRP C 219 -21.07 -1.72 -16.01
N PHE C 220 -20.66 -1.21 -17.18
CA PHE C 220 -19.85 -1.97 -18.14
C PHE C 220 -18.46 -2.34 -17.63
N ASN C 221 -17.97 -1.66 -16.58
CA ASN C 221 -16.65 -1.92 -15.99
C ASN C 221 -16.69 -2.86 -14.77
N ASP C 222 -17.86 -3.11 -14.17
CA ASP C 222 -18.02 -4.02 -13.03
C ASP C 222 -18.41 -5.47 -13.42
N LEU C 223 -18.41 -5.80 -14.71
CA LEU C 223 -18.70 -7.15 -15.19
C LEU C 223 -17.61 -8.16 -14.77
N ALA C 224 -17.99 -9.17 -13.99
CA ALA C 224 -17.10 -10.21 -13.47
C ALA C 224 -16.84 -11.36 -14.47
N LEU C 225 -16.34 -11.04 -15.66
CA LEU C 225 -16.07 -12.00 -16.74
C LEU C 225 -14.68 -11.75 -17.37
N PRO C 226 -14.06 -12.73 -18.05
CA PRO C 226 -12.74 -12.57 -18.66
C PRO C 226 -12.72 -11.50 -19.75
N TRP C 227 -11.62 -10.73 -19.86
CA TRP C 227 -11.52 -9.62 -20.80
C TRP C 227 -10.15 -9.41 -21.45
N LYS C 228 -10.15 -8.66 -22.56
CA LYS C 228 -8.96 -8.11 -23.23
C LYS C 228 -9.29 -6.90 -24.10
N HIS C 229 -8.28 -6.14 -24.51
CA HIS C 229 -8.35 -5.20 -25.64
C HIS C 229 -7.82 -5.86 -26.92
N ASP C 230 -8.00 -5.20 -28.06
CA ASP C 230 -7.68 -5.77 -29.38
C ASP C 230 -6.19 -6.18 -29.52
N GLY C 231 -5.93 -7.17 -30.37
CA GLY C 231 -4.58 -7.65 -30.74
C GLY C 231 -3.91 -8.59 -29.74
N ALA C 232 -4.33 -8.61 -28.47
CA ALA C 232 -3.78 -9.51 -27.45
C ALA C 232 -4.27 -10.96 -27.62
N GLU C 233 -3.41 -11.93 -27.31
CA GLU C 233 -3.77 -13.37 -27.24
C GLU C 233 -4.16 -13.82 -25.82
N ALA C 234 -3.55 -13.26 -24.78
CA ALA C 234 -3.88 -13.57 -23.40
C ALA C 234 -5.21 -12.92 -22.96
N TRP C 235 -5.94 -13.58 -22.06
CA TRP C 235 -7.14 -13.06 -21.41
C TRP C 235 -6.87 -12.78 -19.94
N ASN C 236 -7.20 -11.59 -19.44
CA ASN C 236 -7.10 -11.30 -18.01
C ASN C 236 -8.27 -11.93 -17.24
N GLU C 237 -8.02 -12.35 -16.00
CA GLU C 237 -8.97 -13.06 -15.12
C GLU C 237 -9.70 -14.24 -15.79
N ALA C 238 -9.00 -15.03 -16.60
CA ALA C 238 -9.58 -16.22 -17.25
C ALA C 238 -10.19 -17.24 -16.26
N GLY C 239 -9.78 -17.21 -14.99
CA GLY C 239 -10.33 -18.04 -13.92
C GLY C 239 -11.78 -17.75 -13.53
N ARG C 240 -12.44 -16.72 -14.09
CA ARG C 240 -13.83 -16.39 -13.77
C ARG C 240 -14.86 -17.46 -14.21
N LEU C 241 -14.60 -18.17 -15.32
CA LEU C 241 -15.55 -19.13 -15.92
C LEU C 241 -15.21 -20.60 -15.66
N VAL C 242 -14.20 -20.89 -14.85
CA VAL C 242 -13.75 -22.25 -14.53
C VAL C 242 -13.60 -22.42 -13.02
N GLU C 243 -14.02 -23.57 -12.50
CA GLU C 243 -13.80 -23.93 -11.09
C GLU C 243 -13.54 -25.45 -10.98
N PHE C 244 -12.84 -25.86 -9.93
CA PHE C 244 -12.25 -27.19 -9.81
C PHE C 244 -12.90 -27.98 -8.67
N GLY C 245 -13.17 -29.27 -8.89
CA GLY C 245 -13.73 -30.14 -7.86
C GLY C 245 -12.76 -30.45 -6.71
N THR C 246 -13.27 -30.72 -5.51
CA THR C 246 -12.43 -31.10 -4.36
C THR C 246 -11.60 -32.36 -4.68
N PRO C 247 -10.26 -32.35 -4.54
CA PRO C 247 -9.39 -33.37 -5.11
C PRO C 247 -9.69 -34.81 -4.70
N HIS C 248 -9.51 -35.73 -5.64
CA HIS C 248 -9.19 -37.13 -5.36
C HIS C 248 -7.67 -37.28 -5.15
N ALA C 249 -7.20 -38.45 -4.72
CA ALA C 249 -5.79 -38.65 -4.39
C ALA C 249 -4.80 -38.30 -5.52
N VAL C 250 -5.18 -38.57 -6.78
CA VAL C 250 -4.31 -38.36 -7.96
C VAL C 250 -5.05 -37.74 -9.15
N LYS C 251 -6.23 -37.14 -8.93
CA LYS C 251 -7.01 -36.41 -9.94
C LYS C 251 -7.75 -35.22 -9.33
N MET C 252 -7.90 -34.16 -10.12
CA MET C 252 -8.81 -33.04 -9.85
C MET C 252 -9.48 -32.66 -11.17
N ASP C 253 -10.79 -32.42 -11.17
CA ASP C 253 -11.56 -32.18 -12.38
C ASP C 253 -11.90 -30.70 -12.55
N VAL C 254 -11.67 -30.17 -13.75
CA VAL C 254 -12.14 -28.84 -14.18
C VAL C 254 -13.61 -28.89 -14.55
N PHE C 255 -14.39 -27.91 -14.11
CA PHE C 255 -15.77 -27.70 -14.53
C PHE C 255 -15.92 -26.39 -15.29
N ASN C 256 -16.39 -26.48 -16.54
CA ASN C 256 -16.83 -25.33 -17.34
C ASN C 256 -18.14 -24.79 -16.79
N LEU C 257 -18.19 -23.51 -16.40
CA LEU C 257 -19.39 -22.87 -15.87
C LEU C 257 -20.43 -22.55 -16.96
N GLY C 258 -20.11 -22.76 -18.23
CA GLY C 258 -21.06 -22.73 -19.35
C GLY C 258 -21.32 -21.36 -19.97
N ASP C 259 -22.09 -21.34 -21.05
CA ASP C 259 -22.44 -20.14 -21.81
C ASP C 259 -23.30 -19.20 -20.96
N GLN C 260 -22.77 -18.02 -20.63
CA GLN C 260 -23.42 -17.01 -19.79
C GLN C 260 -24.45 -16.15 -20.53
N THR C 261 -24.66 -16.31 -21.85
CA THR C 261 -25.37 -15.32 -22.68
C THR C 261 -26.74 -14.95 -22.13
N GLY C 262 -27.50 -15.92 -21.63
CA GLY C 262 -28.80 -15.65 -21.03
C GLY C 262 -28.72 -14.77 -19.78
N VAL C 263 -27.67 -14.90 -18.97
CA VAL C 263 -27.51 -14.09 -17.76
C VAL C 263 -27.23 -12.64 -18.12
N LEU C 264 -26.46 -12.40 -19.18
CA LEU C 264 -26.27 -11.05 -19.72
C LEU C 264 -27.61 -10.48 -20.21
N LEU C 265 -28.32 -11.18 -21.10
CA LEU C 265 -29.58 -10.69 -21.66
C LEU C 265 -30.64 -10.46 -20.58
N LYS C 266 -30.69 -11.28 -19.52
CA LYS C 266 -31.58 -11.07 -18.38
C LYS C 266 -31.12 -9.95 -17.45
N SER C 267 -29.86 -9.54 -17.50
CA SER C 267 -29.36 -8.40 -16.71
C SER C 267 -29.71 -7.05 -17.34
N LEU C 268 -29.67 -6.92 -18.67
CA LEU C 268 -30.01 -5.69 -19.39
C LEU C 268 -31.54 -5.44 -19.49
N ALA C 269 -32.28 -5.63 -18.41
CA ALA C 269 -33.67 -5.19 -18.33
C ALA C 269 -33.75 -3.65 -18.30
N GLY C 270 -34.63 -3.05 -19.10
CA GLY C 270 -34.90 -1.61 -19.06
C GLY C 270 -33.84 -0.69 -19.69
N VAL C 271 -32.91 -1.22 -20.49
CA VAL C 271 -31.83 -0.45 -21.15
C VAL C 271 -32.14 -0.26 -22.64
N PRO C 272 -32.19 0.98 -23.17
CA PRO C 272 -32.58 1.27 -24.56
C PRO C 272 -31.75 0.58 -25.63
N VAL C 273 -32.35 0.34 -26.79
CA VAL C 273 -31.70 -0.30 -27.96
C VAL C 273 -30.91 0.66 -28.84
N ALA C 274 -30.05 0.12 -29.71
CA ALA C 274 -29.30 0.85 -30.73
C ALA C 274 -29.12 -0.02 -31.99
N SER C 275 -28.82 0.56 -33.15
CA SER C 275 -28.66 -0.20 -34.40
C SER C 275 -27.53 0.25 -35.31
N ILE C 276 -27.13 -0.65 -36.20
CA ILE C 276 -25.88 -0.62 -36.96
C ILE C 276 -26.20 -0.82 -38.44
N GLU C 277 -25.56 -0.04 -39.31
CA GLU C 277 -25.77 -0.08 -40.77
C GLU C 277 -24.42 -0.14 -41.49
N GLY C 278 -23.79 -1.30 -41.47
CA GLY C 278 -22.48 -1.57 -42.09
C GLY C 278 -21.30 -0.94 -41.35
N THR C 279 -21.29 0.39 -41.23
CA THR C 279 -20.26 1.19 -40.54
C THR C 279 -20.81 2.32 -39.68
N LYS C 280 -22.05 2.77 -39.90
CA LYS C 280 -22.73 3.75 -39.02
C LYS C 280 -23.24 3.07 -37.75
N TYR C 281 -23.08 3.74 -36.61
CA TYR C 281 -23.68 3.34 -35.32
C TYR C 281 -24.66 4.42 -34.85
N HIS C 282 -25.95 4.11 -34.80
CA HIS C 282 -27.02 5.05 -34.43
C HIS C 282 -27.50 4.86 -33.00
N LEU C 283 -27.65 5.94 -32.24
CA LEU C 283 -28.52 5.93 -31.05
C LEU C 283 -30.01 5.94 -31.46
N LYS C 284 -30.90 5.54 -30.55
CA LYS C 284 -32.37 5.60 -30.68
C LYS C 284 -33.03 6.21 -29.43
N SER C 285 -32.35 7.16 -28.81
CA SER C 285 -32.82 7.99 -27.68
C SER C 285 -31.92 9.21 -27.54
N GLY C 286 -32.34 10.21 -26.75
CA GLY C 286 -31.57 11.44 -26.51
C GLY C 286 -32.11 12.66 -27.25
N HIS C 287 -31.45 13.79 -27.07
CA HIS C 287 -31.95 15.10 -27.47
C HIS C 287 -30.85 16.13 -27.74
N VAL C 288 -31.22 17.22 -28.42
CA VAL C 288 -30.38 18.40 -28.66
C VAL C 288 -31.16 19.67 -28.32
N THR C 289 -30.50 20.65 -27.69
CA THR C 289 -31.08 21.98 -27.48
C THR C 289 -30.62 22.91 -28.58
N CYS C 290 -31.56 23.62 -29.19
CA CYS C 290 -31.37 24.21 -30.51
C CYS C 290 -32.15 25.52 -30.69
N GLU C 291 -31.65 26.41 -31.56
CA GLU C 291 -32.34 27.63 -31.95
C GLU C 291 -32.79 27.59 -33.41
N VAL C 292 -34.04 27.98 -33.66
CA VAL C 292 -34.52 28.36 -34.99
C VAL C 292 -34.71 29.87 -35.05
N GLY C 293 -34.16 30.51 -36.08
CA GLY C 293 -34.37 31.93 -36.37
C GLY C 293 -35.21 32.11 -37.64
N LEU C 294 -36.38 32.73 -37.49
CA LEU C 294 -37.43 32.84 -38.50
C LEU C 294 -37.28 34.02 -39.48
N GLU C 295 -36.18 34.76 -39.40
CA GLU C 295 -35.99 36.08 -40.01
C GLU C 295 -36.36 36.17 -41.50
N LYS C 296 -35.97 35.18 -42.31
CA LYS C 296 -35.99 35.24 -43.78
C LYS C 296 -37.13 34.43 -44.44
N LEU C 297 -38.10 33.95 -43.67
CA LEU C 297 -39.23 33.16 -44.20
C LEU C 297 -40.19 34.02 -45.04
N LYS C 298 -40.78 33.42 -46.07
CA LYS C 298 -41.70 34.06 -47.03
C LYS C 298 -43.00 33.28 -47.17
N MET C 299 -44.13 34.00 -47.24
CA MET C 299 -45.41 33.42 -47.68
C MET C 299 -45.47 33.27 -49.20
N LYS C 300 -46.28 32.33 -49.69
CA LYS C 300 -46.43 32.00 -51.11
C LYS C 300 -47.86 32.24 -51.60
N GLY C 301 -48.02 32.68 -52.84
CA GLY C 301 -49.30 32.75 -53.54
C GLY C 301 -50.27 33.85 -53.09
N LEU C 302 -49.82 34.83 -52.30
CA LEU C 302 -50.70 35.89 -51.77
C LEU C 302 -51.35 36.76 -52.86
N THR C 303 -50.76 36.80 -54.06
CA THR C 303 -51.28 37.53 -55.22
C THR C 303 -52.34 36.76 -56.03
N TYR C 304 -52.56 35.48 -55.76
CA TYR C 304 -53.53 34.66 -56.51
C TYR C 304 -54.99 35.09 -56.24
N THR C 305 -55.90 34.78 -57.18
CA THR C 305 -57.35 35.01 -57.04
C THR C 305 -58.05 33.94 -56.20
N VAL C 306 -59.23 34.23 -55.65
CA VAL C 306 -60.06 33.28 -54.88
C VAL C 306 -60.81 32.31 -55.81
N CYS C 307 -60.98 31.05 -55.40
CA CYS C 307 -61.72 30.04 -56.18
C CYS C 307 -63.18 30.42 -56.44
N ASP C 308 -63.72 30.04 -57.59
CA ASP C 308 -65.16 30.13 -57.89
C ASP C 308 -65.95 29.05 -57.14
N LYS C 309 -66.87 29.47 -56.25
CA LYS C 309 -67.29 28.68 -55.09
C LYS C 309 -67.98 27.34 -55.36
N THR C 310 -68.52 27.11 -56.55
CA THR C 310 -69.31 25.91 -56.88
C THR C 310 -68.49 24.69 -57.28
N LYS C 311 -67.19 24.84 -57.59
CA LYS C 311 -66.37 23.80 -58.24
C LYS C 311 -65.55 22.88 -57.31
N PHE C 312 -65.77 22.93 -55.99
CA PHE C 312 -65.15 22.07 -54.98
C PHE C 312 -65.84 20.71 -54.78
N THR C 313 -65.10 19.73 -54.25
CA THR C 313 -65.58 18.41 -53.76
C THR C 313 -64.73 17.95 -52.57
N TRP C 314 -65.30 17.16 -51.64
CA TRP C 314 -64.50 16.47 -50.62
C TRP C 314 -63.76 15.26 -51.23
N LYS C 315 -62.48 15.09 -50.90
CA LYS C 315 -61.63 13.95 -51.30
C LYS C 315 -61.31 13.03 -50.11
N ARG C 316 -61.10 13.62 -48.93
CA ARG C 316 -60.97 12.96 -47.63
C ARG C 316 -61.72 13.79 -46.61
N ALA C 317 -62.85 13.27 -46.12
CA ALA C 317 -63.79 14.02 -45.29
C ALA C 317 -63.21 14.42 -43.93
N PRO C 318 -63.71 15.49 -43.29
CA PRO C 318 -63.23 15.95 -41.99
C PRO C 318 -63.19 14.83 -40.96
N THR C 319 -62.01 14.61 -40.37
CA THR C 319 -61.74 13.51 -39.43
C THR C 319 -60.77 13.93 -38.33
N ASP C 320 -60.86 13.26 -37.19
CA ASP C 320 -60.11 13.56 -35.98
C ASP C 320 -58.64 13.09 -36.12
N SER C 321 -57.68 13.98 -35.89
CA SER C 321 -56.24 13.65 -35.99
C SER C 321 -55.73 12.73 -34.89
N GLY C 322 -56.44 12.63 -33.77
CA GLY C 322 -55.94 12.03 -32.53
C GLY C 322 -55.08 12.98 -31.69
N HIS C 323 -54.78 14.19 -32.18
CA HIS C 323 -53.96 15.22 -31.53
C HIS C 323 -54.63 16.59 -31.58
N ASP C 324 -55.87 16.64 -31.10
CA ASP C 324 -56.78 17.80 -31.04
C ASP C 324 -57.25 18.38 -32.39
N THR C 325 -56.37 18.56 -33.37
CA THR C 325 -56.73 19.15 -34.67
C THR C 325 -57.67 18.26 -35.47
N VAL C 326 -58.34 18.83 -36.46
CA VAL C 326 -59.10 18.10 -37.48
C VAL C 326 -58.45 18.29 -38.85
N VAL C 327 -58.46 17.25 -39.67
CA VAL C 327 -57.80 17.22 -40.98
C VAL C 327 -58.78 16.88 -42.09
N MET C 328 -58.55 17.42 -43.28
CA MET C 328 -59.41 17.24 -44.45
C MET C 328 -58.64 17.44 -45.76
N GLU C 329 -59.14 16.88 -46.86
CA GLU C 329 -58.58 17.12 -48.19
C GLU C 329 -59.69 17.34 -49.22
N VAL C 330 -59.50 18.32 -50.11
CA VAL C 330 -60.49 18.71 -51.12
C VAL C 330 -59.93 18.62 -52.53
N GLY C 331 -60.78 18.23 -53.48
CA GLY C 331 -60.49 18.23 -54.91
C GLY C 331 -61.27 19.34 -55.61
N PHE C 332 -60.62 20.09 -56.50
CA PHE C 332 -61.19 21.29 -57.13
C PHE C 332 -61.04 21.26 -58.65
N SER C 333 -62.09 21.68 -59.35
CA SER C 333 -62.25 21.50 -60.81
C SER C 333 -62.17 22.78 -61.63
N GLY C 334 -61.95 23.94 -61.00
CA GLY C 334 -61.75 25.22 -61.70
C GLY C 334 -60.32 25.45 -62.20
N THR C 335 -60.05 26.66 -62.70
CA THR C 335 -58.71 27.12 -63.11
C THR C 335 -57.75 27.25 -61.93
N ARG C 336 -56.45 27.16 -62.19
CA ARG C 336 -55.37 27.18 -61.18
C ARG C 336 -54.20 28.09 -61.61
N PRO C 337 -53.35 28.57 -60.69
CA PRO C 337 -53.47 28.46 -59.25
C PRO C 337 -54.51 29.44 -58.66
N CYS C 338 -54.99 29.14 -57.44
CA CYS C 338 -56.08 29.87 -56.79
C CYS C 338 -56.14 29.62 -55.26
N ARG C 339 -56.82 30.50 -54.52
CA ARG C 339 -56.90 30.50 -53.04
C ARG C 339 -58.20 29.83 -52.57
N ILE C 340 -58.12 28.93 -51.61
CA ILE C 340 -59.29 28.20 -51.07
C ILE C 340 -59.90 29.01 -49.92
N PRO C 341 -61.14 29.49 -50.00
CA PRO C 341 -61.79 30.18 -48.89
C PRO C 341 -62.27 29.17 -47.84
N VAL C 342 -61.83 29.34 -46.59
CA VAL C 342 -62.13 28.43 -45.47
C VAL C 342 -62.60 29.22 -44.25
N ARG C 343 -63.68 28.77 -43.60
CA ARG C 343 -64.18 29.34 -42.34
C ARG C 343 -64.93 28.32 -41.49
N ALA C 344 -65.06 28.56 -40.19
CA ALA C 344 -65.89 27.75 -39.32
C ALA C 344 -66.74 28.63 -38.39
N VAL C 345 -67.98 28.22 -38.17
CA VAL C 345 -68.99 28.95 -37.39
C VAL C 345 -69.37 28.15 -36.17
N ALA C 346 -69.27 28.73 -34.99
CA ALA C 346 -69.80 28.14 -33.77
C ALA C 346 -71.33 28.26 -33.78
N HIS C 347 -72.04 27.21 -33.34
CA HIS C 347 -73.51 27.21 -33.39
C HIS C 347 -74.13 28.36 -32.58
N GLY C 348 -75.01 29.13 -33.20
CA GLY C 348 -75.64 30.31 -32.58
C GLY C 348 -74.79 31.59 -32.58
N VAL C 349 -73.58 31.58 -33.14
CA VAL C 349 -72.69 32.76 -33.21
C VAL C 349 -72.16 32.96 -34.65
N PRO C 350 -73.03 33.38 -35.60
CA PRO C 350 -72.67 33.50 -37.02
C PRO C 350 -71.77 34.70 -37.35
N GLU C 351 -71.63 35.67 -36.44
CA GLU C 351 -70.90 36.92 -36.65
C GLU C 351 -69.36 36.78 -36.63
N VAL C 352 -68.82 35.66 -36.15
CA VAL C 352 -67.38 35.46 -35.92
C VAL C 352 -66.88 34.13 -36.50
N ASN C 353 -65.77 34.15 -37.23
CA ASN C 353 -65.08 32.96 -37.72
C ASN C 353 -64.17 32.39 -36.63
N VAL C 354 -64.41 31.16 -36.17
CA VAL C 354 -63.65 30.55 -35.06
C VAL C 354 -62.51 29.63 -35.52
N ALA C 355 -62.30 29.44 -36.82
CA ALA C 355 -61.25 28.56 -37.33
C ALA C 355 -59.83 29.09 -37.06
N MET C 356 -59.06 28.41 -36.22
CA MET C 356 -57.62 28.60 -36.11
C MET C 356 -56.91 27.68 -37.11
N LEU C 357 -56.57 28.18 -38.29
CA LEU C 357 -55.87 27.39 -39.30
C LEU C 357 -54.41 27.14 -38.88
N ILE C 358 -53.95 25.89 -38.95
CA ILE C 358 -52.55 25.55 -38.65
C ILE C 358 -51.65 25.79 -39.87
N THR C 359 -52.23 25.84 -41.07
CA THR C 359 -51.56 26.25 -42.32
C THR C 359 -52.15 27.57 -42.83
N PRO C 360 -51.37 28.65 -42.98
CA PRO C 360 -51.89 29.93 -43.48
C PRO C 360 -52.08 29.92 -45.00
N ASN C 361 -53.14 30.57 -45.49
CA ASN C 361 -53.47 30.79 -46.90
C ASN C 361 -53.35 29.54 -47.80
N PRO C 362 -54.22 28.53 -47.67
CA PRO C 362 -54.17 27.32 -48.49
C PRO C 362 -54.52 27.60 -49.95
N THR C 363 -53.75 27.03 -50.87
CA THR C 363 -53.86 27.27 -52.33
C THR C 363 -53.82 25.98 -53.13
N MET C 364 -54.62 25.87 -54.20
CA MET C 364 -54.42 24.86 -55.23
C MET C 364 -53.38 25.34 -56.25
N GLU C 365 -52.54 24.44 -56.74
CA GLU C 365 -51.56 24.70 -57.80
C GLU C 365 -51.60 23.60 -58.86
N ASN C 366 -50.96 23.83 -60.01
CA ASN C 366 -51.16 23.03 -61.22
C ASN C 366 -50.80 21.54 -61.03
N ASN C 367 -49.83 21.24 -60.16
CA ASN C 367 -49.41 19.87 -59.85
C ASN C 367 -50.08 19.26 -58.60
N GLY C 368 -50.69 20.05 -57.71
CA GLY C 368 -51.23 19.53 -56.45
C GLY C 368 -51.64 20.59 -55.42
N GLY C 369 -52.02 20.11 -54.23
CA GLY C 369 -52.47 20.91 -53.08
C GLY C 369 -53.72 20.33 -52.42
N GLY C 370 -54.38 21.12 -51.57
CA GLY C 370 -55.75 20.84 -51.10
C GLY C 370 -55.89 20.15 -49.75
N PHE C 371 -54.80 19.85 -49.03
CA PHE C 371 -54.85 19.42 -47.63
C PHE C 371 -54.96 20.62 -46.69
N ILE C 372 -55.81 20.54 -45.66
CA ILE C 372 -56.02 21.58 -44.65
C ILE C 372 -56.02 20.96 -43.26
N GLU C 373 -55.44 21.63 -42.27
CA GLU C 373 -55.51 21.26 -40.85
C GLU C 373 -55.92 22.47 -40.02
N MET C 374 -56.85 22.28 -39.08
CA MET C 374 -57.38 23.37 -38.26
C MET C 374 -57.70 22.93 -36.84
N GLN C 375 -57.77 23.90 -35.94
CA GLN C 375 -58.22 23.74 -34.56
C GLN C 375 -59.51 24.54 -34.35
N LEU C 376 -60.47 23.97 -33.64
CA LEU C 376 -61.80 24.53 -33.39
C LEU C 376 -62.10 24.57 -31.88
N PRO C 377 -62.91 25.52 -31.39
CA PRO C 377 -63.35 25.52 -30.00
C PRO C 377 -64.30 24.35 -29.72
N PRO C 378 -64.45 23.92 -28.46
CA PRO C 378 -65.22 22.72 -28.13
C PRO C 378 -66.72 22.88 -28.40
N GLY C 379 -67.41 21.75 -28.60
CA GLY C 379 -68.86 21.70 -28.82
C GLY C 379 -69.28 21.69 -30.30
N ASP C 380 -70.53 22.10 -30.55
CA ASP C 380 -71.12 22.15 -31.90
C ASP C 380 -70.47 23.20 -32.80
N ASN C 381 -70.02 22.77 -33.98
CA ASN C 381 -69.39 23.63 -34.98
C ASN C 381 -69.88 23.27 -36.39
N ILE C 382 -69.81 24.22 -37.31
CA ILE C 382 -70.03 24.01 -38.74
C ILE C 382 -68.77 24.45 -39.49
N ILE C 383 -68.24 23.61 -40.37
CA ILE C 383 -67.05 23.88 -41.18
C ILE C 383 -67.49 24.17 -42.62
N TYR C 384 -66.98 25.24 -43.22
CA TYR C 384 -67.26 25.61 -44.62
C TYR C 384 -65.97 25.69 -45.45
N VAL C 385 -66.05 25.21 -46.69
CA VAL C 385 -65.00 25.34 -47.71
C VAL C 385 -65.66 25.73 -49.02
N GLY C 386 -65.49 26.97 -49.46
CA GLY C 386 -66.34 27.53 -50.52
C GLY C 386 -67.82 27.46 -50.14
N ASP C 387 -68.66 26.91 -51.01
CA ASP C 387 -70.07 26.61 -50.72
C ASP C 387 -70.33 25.15 -50.26
N LEU C 388 -69.31 24.32 -50.04
CA LEU C 388 -69.47 23.05 -49.31
C LEU C 388 -69.55 23.29 -47.80
N ASN C 389 -70.23 22.39 -47.09
CA ASN C 389 -70.31 22.41 -45.63
C ASN C 389 -70.19 21.01 -45.03
N HIS C 390 -69.77 20.94 -43.77
CA HIS C 390 -69.78 19.72 -42.98
C HIS C 390 -70.06 20.07 -41.51
N GLN C 391 -70.84 19.25 -40.82
CA GLN C 391 -71.19 19.47 -39.41
C GLN C 391 -70.15 18.78 -38.52
N TRP C 392 -69.86 19.31 -37.34
CA TRP C 392 -68.86 18.72 -36.44
C TRP C 392 -69.18 18.93 -34.96
N PHE C 393 -68.74 18.00 -34.11
CA PHE C 393 -68.71 18.17 -32.66
C PHE C 393 -67.27 17.99 -32.17
N GLN C 394 -66.71 19.00 -31.51
CA GLN C 394 -65.34 18.94 -31.01
C GLN C 394 -65.34 18.54 -29.53
N LYS C 395 -64.62 17.46 -29.20
CA LYS C 395 -64.61 16.82 -27.88
C LYS C 395 -63.98 17.71 -26.81
N GLY C 396 -64.23 17.38 -25.54
CA GLY C 396 -63.57 17.98 -24.38
C GLY C 396 -64.05 19.39 -24.03
N SER C 397 -63.35 20.02 -23.09
CA SER C 397 -63.68 21.36 -22.55
C SER C 397 -62.41 22.04 -22.03
N SER C 398 -62.44 23.35 -21.84
CA SER C 398 -61.25 24.16 -21.50
C SER C 398 -60.43 23.62 -20.33
N ILE C 399 -61.07 23.14 -19.27
CA ILE C 399 -60.39 22.56 -18.11
C ILE C 399 -59.63 21.29 -18.52
N GLY C 400 -60.27 20.40 -19.29
CA GLY C 400 -59.63 19.19 -19.81
C GLY C 400 -58.48 19.47 -20.78
N ARG C 401 -58.57 20.55 -21.55
CA ARG C 401 -57.51 21.00 -22.48
C ARG C 401 -56.28 21.47 -21.70
N VAL C 402 -56.47 22.25 -20.64
CA VAL C 402 -55.38 22.66 -19.75
C VAL C 402 -54.75 21.45 -19.06
N LEU C 403 -55.53 20.48 -18.60
CA LEU C 403 -54.99 19.23 -18.04
C LEU C 403 -54.18 18.44 -19.08
N GLN C 404 -54.67 18.31 -20.32
CA GLN C 404 -53.96 17.61 -21.38
C GLN C 404 -52.61 18.26 -21.69
N LYS C 405 -52.55 19.59 -21.79
CA LYS C 405 -51.28 20.32 -21.94
C LYS C 405 -50.37 20.14 -20.73
N THR C 406 -50.93 20.16 -19.52
CA THR C 406 -50.17 19.96 -18.28
C THR C 406 -49.54 18.57 -18.21
N ARG C 407 -50.25 17.52 -18.64
CA ARG C 407 -49.70 16.16 -18.72
C ARG C 407 -48.49 16.11 -19.64
N LYS C 408 -48.60 16.61 -20.88
CA LYS C 408 -47.44 16.65 -21.78
C LYS C 408 -46.28 17.45 -21.17
N GLY C 409 -46.56 18.55 -20.48
CA GLY C 409 -45.54 19.32 -19.76
C GLY C 409 -44.78 18.50 -18.71
N ILE C 410 -45.49 17.70 -17.90
CA ILE C 410 -44.85 16.82 -16.91
C ILE C 410 -44.08 15.69 -17.60
N GLU C 411 -44.60 15.14 -18.69
CA GLU C 411 -43.88 14.13 -19.47
C GLU C 411 -42.59 14.67 -20.10
N ARG C 412 -42.56 15.93 -20.57
CA ARG C 412 -41.31 16.58 -21.01
C ARG C 412 -40.34 16.66 -19.84
N LEU C 413 -40.77 17.24 -18.72
CA LEU C 413 -39.90 17.47 -17.55
C LEU C 413 -39.29 16.16 -17.02
N THR C 414 -40.11 15.13 -16.85
CA THR C 414 -39.70 13.85 -16.25
C THR C 414 -38.81 12.99 -17.15
N VAL C 415 -38.53 13.39 -18.40
CA VAL C 415 -37.62 12.67 -19.31
C VAL C 415 -36.45 13.54 -19.79
N LEU C 416 -36.66 14.83 -20.05
CA LEU C 416 -35.58 15.76 -20.41
C LEU C 416 -34.69 16.14 -19.21
N GLY C 417 -35.21 16.08 -17.98
CA GLY C 417 -34.51 16.62 -16.81
C GLY C 417 -34.36 18.14 -16.87
N GLU C 418 -33.19 18.66 -16.44
CA GLU C 418 -33.00 20.11 -16.25
C GLU C 418 -33.15 20.94 -17.54
N HIS C 419 -32.94 20.33 -18.70
CA HIS C 419 -33.10 20.97 -20.01
C HIS C 419 -34.55 21.35 -20.36
N ALA C 420 -35.56 20.82 -19.65
CA ALA C 420 -36.96 21.03 -19.98
C ALA C 420 -37.38 22.50 -20.00
N TRP C 421 -36.71 23.35 -19.22
CA TRP C 421 -36.97 24.78 -19.16
C TRP C 421 -36.55 25.57 -20.43
N ASP C 422 -35.82 24.99 -21.38
CA ASP C 422 -35.49 25.66 -22.65
C ASP C 422 -36.62 25.68 -23.68
N PHE C 423 -37.68 24.89 -23.52
CA PHE C 423 -38.71 24.76 -24.54
C PHE C 423 -39.57 26.03 -24.64
N GLY C 424 -39.44 26.76 -25.75
CA GLY C 424 -40.00 28.11 -25.92
C GLY C 424 -39.15 29.18 -25.24
N SER C 425 -38.83 30.27 -25.97
CA SER C 425 -37.88 31.32 -25.55
C SER C 425 -38.49 32.33 -24.55
N VAL C 426 -39.23 31.83 -23.55
CA VAL C 426 -39.94 32.63 -22.54
C VAL C 426 -38.97 33.41 -21.65
N GLY C 427 -39.13 34.74 -21.59
CA GLY C 427 -38.28 35.64 -20.82
C GLY C 427 -38.70 35.89 -19.36
N GLY C 428 -39.83 35.30 -18.91
CA GLY C 428 -40.38 35.51 -17.58
C GLY C 428 -39.47 35.02 -16.45
N VAL C 429 -39.31 35.84 -15.40
CA VAL C 429 -38.32 35.63 -14.32
C VAL C 429 -38.47 34.29 -13.61
N MET C 430 -39.71 33.80 -13.45
CA MET C 430 -40.00 32.51 -12.79
C MET C 430 -39.32 31.32 -13.47
N THR C 431 -39.04 31.40 -14.79
CA THR C 431 -38.29 30.35 -15.49
C THR C 431 -36.90 30.15 -14.88
N SER C 432 -36.21 31.23 -14.51
CA SER C 432 -34.89 31.14 -13.87
C SER C 432 -34.96 30.52 -12.47
N ILE C 433 -36.05 30.77 -11.74
CA ILE C 433 -36.29 30.23 -10.40
C ILE C 433 -36.52 28.71 -10.50
N GLY C 434 -37.44 28.29 -11.39
CA GLY C 434 -37.71 26.87 -11.62
C GLY C 434 -36.47 26.10 -12.10
N ARG C 435 -35.73 26.67 -13.06
CA ARG C 435 -34.47 26.10 -13.57
C ARG C 435 -33.45 25.88 -12.46
N ALA C 436 -33.24 26.89 -11.61
CA ALA C 436 -32.33 26.79 -10.48
C ALA C 436 -32.79 25.74 -9.46
N MET C 437 -34.04 25.80 -9.01
CA MET C 437 -34.56 24.88 -8.00
C MET C 437 -34.46 23.43 -8.45
N HIS C 438 -34.88 23.11 -9.69
CA HIS C 438 -34.75 21.74 -10.19
C HIS C 438 -33.28 21.32 -10.32
N THR C 439 -32.40 22.19 -10.81
CA THR C 439 -30.96 21.90 -10.91
C THR C 439 -30.34 21.59 -9.55
N VAL C 440 -30.67 22.37 -8.53
CA VAL C 440 -30.18 22.15 -7.15
C VAL C 440 -30.73 20.86 -6.56
N LEU C 441 -32.05 20.65 -6.59
CA LEU C 441 -32.67 19.47 -5.98
C LEU C 441 -32.27 18.17 -6.70
N GLY C 442 -32.22 18.18 -8.04
CA GLY C 442 -31.79 17.03 -8.84
C GLY C 442 -30.32 16.69 -8.62
N GLY C 443 -29.44 17.70 -8.60
CA GLY C 443 -28.02 17.51 -8.28
C GLY C 443 -27.82 16.94 -6.88
N ALA C 444 -28.53 17.46 -5.87
CA ALA C 444 -28.46 16.93 -4.51
C ALA C 444 -28.90 15.46 -4.45
N PHE C 445 -30.08 15.12 -4.98
CA PHE C 445 -30.57 13.75 -4.90
C PHE C 445 -29.69 12.77 -5.68
N ASN C 446 -29.26 13.12 -6.90
CA ASN C 446 -28.40 12.25 -7.71
C ASN C 446 -27.04 12.02 -7.05
N THR C 447 -26.41 13.05 -6.48
CA THR C 447 -25.08 12.90 -5.85
C THR C 447 -25.15 12.19 -4.48
N LEU C 448 -26.25 12.32 -3.74
CA LEU C 448 -26.43 11.64 -2.45
C LEU C 448 -26.89 10.17 -2.59
N LEU C 449 -27.84 9.88 -3.48
CA LEU C 449 -28.60 8.62 -3.48
C LEU C 449 -28.83 8.00 -4.87
N GLY C 450 -28.31 8.60 -5.94
CA GLY C 450 -28.78 8.34 -7.32
C GLY C 450 -28.82 6.87 -7.74
N GLY C 451 -27.77 6.11 -7.41
CA GLY C 451 -27.62 4.70 -7.80
C GLY C 451 -28.38 3.67 -6.93
N VAL C 452 -29.03 4.08 -5.85
CA VAL C 452 -29.77 3.18 -4.95
C VAL C 452 -31.01 2.60 -5.63
N GLY C 453 -31.36 1.34 -5.35
CA GLY C 453 -32.53 0.67 -5.93
C GLY C 453 -33.89 1.23 -5.45
N PHE C 454 -34.97 0.88 -6.17
CA PHE C 454 -36.32 1.40 -5.92
C PHE C 454 -36.84 1.07 -4.51
N LEU C 455 -36.76 -0.19 -4.10
CA LEU C 455 -37.17 -0.60 -2.76
C LEU C 455 -36.34 0.10 -1.65
N PRO C 456 -34.99 0.10 -1.67
CA PRO C 456 -34.23 0.79 -0.63
C PRO C 456 -34.44 2.30 -0.62
N LYS C 457 -34.69 2.95 -1.77
CA LYS C 457 -35.13 4.37 -1.82
C LYS C 457 -36.44 4.58 -1.05
N ILE C 458 -37.45 3.72 -1.27
CA ILE C 458 -38.71 3.79 -0.51
C ILE C 458 -38.47 3.53 0.99
N LEU C 459 -37.75 2.46 1.33
CA LEU C 459 -37.49 2.09 2.72
C LEU C 459 -36.73 3.19 3.47
N LEU C 460 -35.75 3.86 2.84
CA LEU C 460 -35.04 5.00 3.43
C LEU C 460 -36.00 6.17 3.70
N GLY C 461 -36.83 6.53 2.71
CA GLY C 461 -37.78 7.64 2.85
C GLY C 461 -38.81 7.39 3.96
N VAL C 462 -39.42 6.20 3.97
CA VAL C 462 -40.38 5.78 5.01
C VAL C 462 -39.72 5.74 6.39
N ALA C 463 -38.52 5.16 6.52
CA ALA C 463 -37.83 5.05 7.80
C ALA C 463 -37.55 6.43 8.40
N MET C 464 -37.04 7.39 7.62
CA MET C 464 -36.80 8.75 8.12
C MET C 464 -38.10 9.44 8.55
N ALA C 465 -39.20 9.30 7.80
CA ALA C 465 -40.48 9.86 8.21
C ALA C 465 -41.01 9.23 9.51
N TRP C 466 -40.95 7.90 9.64
CA TRP C 466 -41.38 7.19 10.84
C TRP C 466 -40.52 7.51 12.07
N LEU C 467 -39.20 7.62 11.92
CA LEU C 467 -38.33 8.14 12.97
C LEU C 467 -38.73 9.59 13.33
N GLY C 468 -39.05 10.43 12.34
CA GLY C 468 -39.58 11.77 12.55
C GLY C 468 -40.80 11.81 13.48
N LEU C 469 -41.78 10.91 13.30
CA LEU C 469 -42.93 10.77 14.20
C LEU C 469 -42.55 10.32 15.62
N ASN C 470 -41.42 9.63 15.78
CA ASN C 470 -40.93 9.12 17.08
C ASN C 470 -39.97 10.08 17.82
N MET C 471 -39.48 11.16 17.19
CA MET C 471 -38.50 12.07 17.81
C MET C 471 -39.05 12.84 19.02
N ARG C 472 -38.18 13.11 20.00
CA ARG C 472 -38.48 13.84 21.25
C ARG C 472 -38.25 15.37 21.17
N ASN C 473 -38.04 15.90 19.97
CA ASN C 473 -37.95 17.35 19.69
C ASN C 473 -38.76 17.69 18.42
N PRO C 474 -39.58 18.76 18.40
CA PRO C 474 -40.47 19.05 17.27
C PRO C 474 -39.74 19.60 16.04
N THR C 475 -38.63 20.34 16.20
CA THR C 475 -37.83 20.83 15.07
C THR C 475 -37.07 19.69 14.38
N LEU C 476 -36.44 18.80 15.16
CA LEU C 476 -35.79 17.60 14.61
C LEU C 476 -36.82 16.63 14.00
N SER C 477 -37.97 16.46 14.64
CA SER C 477 -39.12 15.70 14.10
C SER C 477 -39.51 16.22 12.71
N MET C 478 -39.71 17.53 12.56
CA MET C 478 -40.03 18.16 11.28
C MET C 478 -38.91 17.96 10.24
N GLY C 479 -37.64 18.06 10.64
CA GLY C 479 -36.50 17.80 9.75
C GLY C 479 -36.46 16.35 9.22
N PHE C 480 -36.72 15.36 10.08
CA PHE C 480 -36.83 13.95 9.66
C PHE C 480 -38.09 13.69 8.82
N LEU C 481 -39.22 14.32 9.14
CA LEU C 481 -40.44 14.24 8.32
C LEU C 481 -40.23 14.82 6.91
N LEU C 482 -39.62 16.01 6.81
CA LEU C 482 -39.32 16.66 5.53
C LEU C 482 -38.33 15.82 4.69
N SER C 483 -37.18 15.46 5.26
CA SER C 483 -36.15 14.71 4.54
C SER C 483 -36.60 13.29 4.13
N GLY C 484 -37.43 12.61 4.94
CA GLY C 484 -38.05 11.34 4.54
C GLY C 484 -39.09 11.50 3.43
N GLY C 485 -39.99 12.48 3.55
CA GLY C 485 -41.05 12.73 2.57
C GLY C 485 -40.53 13.19 1.20
N LEU C 486 -39.47 14.00 1.16
CA LEU C 486 -38.85 14.45 -0.09
C LEU C 486 -38.33 13.27 -0.93
N VAL C 487 -37.66 12.29 -0.31
CA VAL C 487 -37.16 11.11 -1.04
C VAL C 487 -38.30 10.37 -1.73
N LEU C 488 -39.44 10.18 -1.06
CA LEU C 488 -40.63 9.54 -1.65
C LEU C 488 -41.20 10.37 -2.81
N ALA C 489 -41.35 11.69 -2.63
CA ALA C 489 -41.81 12.57 -3.70
C ALA C 489 -40.89 12.57 -4.93
N MET C 490 -39.58 12.35 -4.73
CA MET C 490 -38.59 12.23 -5.81
C MET C 490 -38.54 10.85 -6.48
N THR C 491 -39.22 9.81 -5.96
CA THR C 491 -38.99 8.41 -6.38
C THR C 491 -40.23 7.54 -6.62
N LEU C 492 -41.42 7.88 -6.10
CA LEU C 492 -42.59 6.99 -6.17
C LEU C 492 -43.18 6.74 -7.59
N GLY C 493 -42.68 7.39 -8.64
CA GLY C 493 -43.21 7.30 -10.00
C GLY C 493 -42.87 6.02 -10.81
N VAL C 494 -42.10 5.07 -10.26
CA VAL C 494 -41.53 3.93 -11.03
C VAL C 494 -42.56 2.88 -11.46
N GLY C 495 -43.26 2.23 -10.52
CA GLY C 495 -44.15 1.09 -10.82
C GLY C 495 -44.30 0.08 -9.66
N ALA C 496 -44.63 -1.17 -10.00
CA ALA C 496 -44.82 -2.31 -9.09
C ALA C 496 -44.34 -3.64 -9.68
N VAL D 1 11.76 -5.00 2.31
CA VAL D 1 10.77 -5.62 3.24
C VAL D 1 11.41 -5.93 4.60
N LEU D 2 10.65 -5.83 5.69
CA LEU D 2 11.11 -6.11 7.05
C LEU D 2 11.32 -7.60 7.34
N ILE D 3 12.19 -7.91 8.31
CA ILE D 3 12.34 -9.23 8.93
C ILE D 3 12.09 -9.06 10.43
N PRO D 4 11.09 -9.74 11.04
CA PRO D 4 10.81 -9.62 12.47
C PRO D 4 11.97 -10.06 13.37
N SER D 5 12.10 -9.47 14.55
CA SER D 5 13.05 -9.97 15.56
C SER D 5 12.64 -11.34 16.09
N HIS D 6 13.57 -12.29 16.15
CA HIS D 6 13.30 -13.68 16.57
C HIS D 6 13.07 -13.83 18.08
N ALA D 7 13.59 -12.91 18.89
CA ALA D 7 13.81 -13.09 20.33
C ALA D 7 12.54 -13.51 21.11
N GLN D 8 12.63 -14.63 21.83
CA GLN D 8 11.55 -15.24 22.60
C GLN D 8 12.10 -16.31 23.58
N ARG D 9 11.21 -17.12 24.16
CA ARG D 9 11.53 -18.40 24.83
C ARG D 9 11.98 -19.43 23.78
N ASP D 10 13.22 -19.30 23.36
CA ASP D 10 13.82 -20.04 22.24
C ASP D 10 14.15 -21.51 22.56
N LEU D 11 14.79 -22.20 21.62
CA LEU D 11 15.26 -23.59 21.78
C LEU D 11 16.54 -23.65 22.67
N THR D 12 16.49 -23.08 23.87
CA THR D 12 17.64 -22.57 24.64
C THR D 12 18.85 -23.51 24.77
N GLY D 13 18.68 -24.69 25.37
CA GLY D 13 19.62 -25.83 25.26
C GLY D 13 21.09 -25.67 25.69
N ARG D 14 21.47 -24.58 26.38
CA ARG D 14 22.74 -24.39 27.13
C ARG D 14 24.07 -24.33 26.37
N GLY D 15 24.10 -24.43 25.04
CA GLY D 15 25.34 -24.32 24.26
C GLY D 15 25.75 -22.87 23.93
N HIS D 16 26.67 -22.71 22.99
CA HIS D 16 27.08 -21.39 22.49
C HIS D 16 25.97 -20.71 21.70
N GLN D 17 25.86 -19.40 21.83
CA GLN D 17 24.83 -18.58 21.23
C GLN D 17 25.42 -17.49 20.32
N TRP D 18 24.67 -17.09 19.30
CA TRP D 18 24.94 -15.84 18.59
C TRP D 18 24.68 -14.63 19.51
N LEU D 19 25.00 -13.42 19.06
CA LEU D 19 25.14 -12.23 19.90
C LEU D 19 23.91 -11.95 20.78
N GLU D 20 24.12 -11.81 22.10
CA GLU D 20 23.00 -11.75 23.06
C GLU D 20 22.10 -10.51 22.94
N GLY D 21 20.85 -10.66 23.38
CA GLY D 21 19.75 -9.75 23.08
C GLY D 21 19.77 -8.44 23.87
N GLU D 22 19.16 -7.41 23.29
CA GLU D 22 19.06 -6.06 23.86
C GLU D 22 17.96 -5.96 24.95
N ALA D 23 18.17 -6.69 26.06
CA ALA D 23 17.35 -6.63 27.28
C ALA D 23 17.52 -5.28 28.03
N VAL D 24 16.86 -5.12 29.19
CA VAL D 24 16.76 -3.84 29.94
C VAL D 24 18.12 -3.15 30.15
N LYS D 25 19.16 -3.91 30.52
CA LYS D 25 20.53 -3.38 30.72
C LYS D 25 21.11 -2.73 29.46
N ALA D 26 20.76 -3.23 28.27
CA ALA D 26 21.10 -2.61 26.99
C ALA D 26 20.14 -1.47 26.63
N HIS D 27 18.83 -1.65 26.84
CA HIS D 27 17.79 -0.65 26.50
C HIS D 27 18.03 0.71 27.14
N LEU D 28 18.50 0.74 28.39
CA LEU D 28 18.84 2.00 29.08
C LEU D 28 19.91 2.82 28.32
N THR D 29 20.82 2.18 27.57
CA THR D 29 21.78 2.92 26.74
C THR D 29 21.10 3.67 25.59
N ARG D 30 19.98 3.15 25.05
CA ARG D 30 19.18 3.80 24.02
C ARG D 30 18.47 5.04 24.58
N VAL D 31 17.98 4.95 25.82
CA VAL D 31 17.41 6.10 26.55
C VAL D 31 18.46 7.18 26.75
N GLU D 32 19.63 6.85 27.30
CA GLU D 32 20.72 7.82 27.50
C GLU D 32 21.15 8.48 26.19
N GLY D 33 21.28 7.70 25.11
CA GLY D 33 21.58 8.22 23.78
C GLY D 33 20.56 9.25 23.29
N TRP D 34 19.26 8.97 23.43
CA TRP D 34 18.21 9.92 23.06
C TRP D 34 18.19 11.17 23.96
N VAL D 35 18.40 11.01 25.27
CA VAL D 35 18.52 12.14 26.20
C VAL D 35 19.67 13.08 25.80
N TRP D 36 20.81 12.54 25.36
CA TRP D 36 21.92 13.36 24.86
C TRP D 36 21.64 13.98 23.49
N LYS D 37 21.15 13.19 22.51
CA LYS D 37 20.92 13.66 21.13
C LYS D 37 19.76 14.66 21.01
N ASN D 38 18.74 14.55 21.85
CA ASN D 38 17.54 15.39 21.83
C ASN D 38 17.47 16.37 23.03
N LYS D 39 18.63 16.75 23.59
CA LYS D 39 18.77 17.39 24.92
C LYS D 39 17.79 18.54 25.17
N LEU D 40 17.67 19.48 24.25
CA LEU D 40 16.86 20.70 24.43
C LEU D 40 15.36 20.40 24.65
N PHE D 41 14.85 19.29 24.11
CA PHE D 41 13.46 18.87 24.28
C PHE D 41 13.19 18.24 25.66
N THR D 42 14.19 17.61 26.28
CA THR D 42 14.01 16.70 27.42
C THR D 42 13.36 17.36 28.65
N LEU D 43 13.57 18.66 28.85
CA LEU D 43 12.95 19.43 29.94
C LEU D 43 11.41 19.45 29.83
N SER D 44 10.85 19.42 28.62
CA SER D 44 9.41 19.59 28.41
C SER D 44 8.57 18.50 29.08
N LEU D 45 8.95 17.22 28.92
CA LEU D 45 8.23 16.09 29.53
C LEU D 45 8.27 16.16 31.06
N VAL D 46 9.44 16.50 31.63
CA VAL D 46 9.62 16.65 33.08
C VAL D 46 8.83 17.84 33.61
N MET D 47 8.90 18.99 32.95
CA MET D 47 8.19 20.20 33.35
C MET D 47 6.67 20.01 33.32
N VAL D 48 6.12 19.44 32.25
CA VAL D 48 4.67 19.17 32.15
C VAL D 48 4.24 18.19 33.25
N ALA D 49 4.95 17.07 33.45
CA ALA D 49 4.61 16.13 34.51
C ALA D 49 4.69 16.77 35.91
N TRP D 50 5.70 17.62 36.16
CA TRP D 50 5.87 18.32 37.44
C TRP D 50 4.74 19.30 37.75
N LEU D 51 4.18 19.95 36.72
CA LEU D 51 3.01 20.82 36.86
C LEU D 51 1.70 20.02 37.01
N MET D 52 1.52 18.96 36.22
CA MET D 52 0.22 18.32 36.02
C MET D 52 -0.13 17.20 37.01
N VAL D 53 0.86 16.45 37.52
CA VAL D 53 0.59 15.21 38.28
C VAL D 53 0.77 15.44 39.78
N ASP D 54 -0.26 15.16 40.57
CA ASP D 54 -0.20 15.18 42.03
C ASP D 54 0.29 13.83 42.59
N GLY D 55 1.05 13.86 43.69
CA GLY D 55 1.73 12.70 44.29
C GLY D 55 3.06 12.38 43.61
N LEU D 56 4.15 12.37 44.38
CA LEU D 56 5.50 12.16 43.83
C LEU D 56 5.70 10.77 43.21
N LEU D 57 5.09 9.72 43.79
CA LEU D 57 5.18 8.36 43.27
C LEU D 57 4.60 8.24 41.84
N PRO D 58 3.33 8.60 41.57
CA PRO D 58 2.80 8.55 40.22
C PRO D 58 3.47 9.55 39.28
N ARG D 59 3.87 10.74 39.76
CA ARG D 59 4.65 11.71 38.97
C ARG D 59 5.97 11.12 38.45
N ILE D 60 6.75 10.48 39.33
CA ILE D 60 8.00 9.82 38.96
C ILE D 60 7.74 8.65 38.01
N LEU D 61 6.75 7.80 38.28
CA LEU D 61 6.41 6.66 37.40
C LEU D 61 6.03 7.13 35.99
N ILE D 62 5.22 8.18 35.86
CA ILE D 62 4.85 8.73 34.54
C ILE D 62 6.08 9.27 33.79
N VAL D 63 6.97 10.00 34.46
CA VAL D 63 8.23 10.47 33.84
C VAL D 63 9.11 9.29 33.40
N VAL D 64 9.30 8.29 34.27
CA VAL D 64 10.12 7.11 33.96
C VAL D 64 9.57 6.34 32.76
N VAL D 65 8.26 6.10 32.71
CA VAL D 65 7.61 5.43 31.57
C VAL D 65 7.75 6.27 30.30
N ALA D 66 7.53 7.58 30.36
CA ALA D 66 7.65 8.44 29.18
C ALA D 66 9.07 8.38 28.58
N LEU D 67 10.11 8.56 29.40
CA LEU D 67 11.51 8.51 28.94
C LEU D 67 11.92 7.09 28.50
N ALA D 68 11.38 6.03 29.12
CA ALA D 68 11.65 4.65 28.69
C ALA D 68 11.02 4.33 27.32
N LEU D 69 9.83 4.85 27.03
CA LEU D 69 9.14 4.61 25.76
C LEU D 69 9.68 5.48 24.62
N ALA D 70 10.05 6.74 24.86
CA ALA D 70 10.41 7.71 23.81
C ALA D 70 11.36 7.19 22.70
N PRO D 71 12.50 6.53 23.00
CA PRO D 71 13.42 6.06 21.95
C PRO D 71 12.92 4.85 21.16
N ALA D 72 11.80 4.24 21.55
CA ALA D 72 11.12 3.21 20.75
C ALA D 72 10.24 3.81 19.62
N TYR D 73 9.91 5.10 19.70
CA TYR D 73 9.04 5.78 18.73
C TYR D 73 9.74 6.95 17.99
N ALA D 74 10.70 7.63 18.63
CA ALA D 74 11.46 8.75 18.06
C ALA D 74 12.37 8.33 16.89
N VAL E 1 25.20 -1.98 15.54
CA VAL E 1 24.96 -1.06 14.39
C VAL E 1 23.81 -0.10 14.68
N LEU E 2 22.53 -0.52 14.55
CA LEU E 2 21.35 0.30 14.87
C LEU E 2 21.35 1.70 14.22
N ILE E 3 21.51 1.78 12.90
CA ILE E 3 21.26 3.01 12.14
C ILE E 3 19.76 3.35 12.25
N PRO E 4 19.36 4.54 12.73
CA PRO E 4 17.95 4.90 12.89
C PRO E 4 17.26 5.19 11.54
N SER E 5 15.95 5.47 11.54
CA SER E 5 15.24 5.98 10.35
C SER E 5 15.40 7.51 10.23
N HIS E 6 15.72 8.02 9.05
CA HIS E 6 15.88 9.47 8.82
C HIS E 6 14.59 10.25 9.11
N ALA E 7 14.69 11.47 9.64
CA ALA E 7 13.53 12.32 9.91
C ALA E 7 12.78 12.73 8.62
N GLN E 8 11.47 12.94 8.71
CA GLN E 8 10.60 13.19 7.55
C GLN E 8 10.48 14.68 7.15
N ARG E 9 10.78 15.61 8.05
CA ARG E 9 10.69 17.07 7.83
C ARG E 9 11.82 17.62 6.95
N ASP E 10 13.06 17.26 7.26
CA ASP E 10 14.24 17.85 6.64
C ASP E 10 14.34 17.55 5.14
N LEU E 11 14.89 18.49 4.37
CA LEU E 11 15.12 18.37 2.93
C LEU E 11 13.84 18.00 2.14
N THR E 12 12.69 18.53 2.56
CA THR E 12 11.45 18.47 1.77
C THR E 12 11.62 19.20 0.43
N GLY E 13 11.04 18.67 -0.65
CA GLY E 13 11.10 19.28 -1.99
C GLY E 13 10.35 18.52 -3.08
N ARG E 14 10.36 19.05 -4.31
CA ARG E 14 9.56 18.53 -5.44
C ARG E 14 10.24 17.43 -6.27
N GLY E 15 11.51 17.13 -6.03
CA GLY E 15 12.23 16.05 -6.74
C GLY E 15 11.72 14.65 -6.40
N HIS E 16 12.23 13.62 -7.07
CA HIS E 16 11.89 12.25 -6.71
C HIS E 16 12.36 11.95 -5.29
N GLN E 17 11.47 11.47 -4.43
CA GLN E 17 11.86 10.84 -3.18
C GLN E 17 12.19 9.35 -3.40
N TRP E 18 13.14 8.81 -2.64
CA TRP E 18 13.68 7.46 -2.86
C TRP E 18 12.65 6.34 -2.71
N LEU E 19 11.83 6.40 -1.66
CA LEU E 19 10.77 5.44 -1.30
C LEU E 19 9.64 6.18 -0.59
N GLU E 20 8.47 5.56 -0.44
CA GLU E 20 7.24 6.23 0.01
C GLU E 20 7.32 6.80 1.44
N GLY E 21 8.15 6.23 2.31
CA GLY E 21 8.30 6.69 3.70
C GLY E 21 7.22 6.16 4.65
N GLU E 22 7.02 6.83 5.79
CA GLU E 22 6.25 6.31 6.92
C GLU E 22 5.43 7.39 7.67
N ALA E 23 4.94 8.41 6.96
CA ALA E 23 3.95 9.36 7.48
C ALA E 23 2.56 8.72 7.71
N VAL E 24 1.60 9.46 8.29
CA VAL E 24 0.25 8.93 8.62
C VAL E 24 -0.52 8.39 7.41
N LYS E 25 -0.30 8.94 6.21
CA LYS E 25 -0.82 8.40 4.94
C LYS E 25 -0.45 6.93 4.71
N ALA E 26 0.72 6.49 5.18
CA ALA E 26 1.10 5.09 5.24
C ALA E 26 0.58 4.41 6.52
N HIS E 27 0.84 5.00 7.70
CA HIS E 27 0.58 4.34 9.00
C HIS E 27 -0.89 3.95 9.23
N LEU E 28 -1.85 4.72 8.75
CA LEU E 28 -3.27 4.38 8.87
C LEU E 28 -3.59 3.03 8.19
N THR E 29 -2.95 2.73 7.05
CA THR E 29 -3.11 1.43 6.37
C THR E 29 -2.50 0.27 7.18
N ARG E 30 -1.41 0.53 7.92
CA ARG E 30 -0.76 -0.44 8.80
C ARG E 30 -1.64 -0.79 10.00
N VAL E 31 -2.31 0.20 10.58
CA VAL E 31 -3.28 -0.02 11.68
C VAL E 31 -4.46 -0.86 11.20
N GLU E 32 -5.08 -0.53 10.07
CA GLU E 32 -6.16 -1.35 9.52
C GLU E 32 -5.71 -2.77 9.15
N GLY E 33 -4.50 -2.93 8.59
CA GLY E 33 -3.92 -4.23 8.26
C GLY E 33 -3.66 -5.12 9.48
N TRP E 34 -3.26 -4.54 10.61
CA TRP E 34 -3.17 -5.24 11.89
C TRP E 34 -4.56 -5.69 12.38
N VAL E 35 -5.54 -4.79 12.37
CA VAL E 35 -6.90 -5.08 12.86
C VAL E 35 -7.61 -6.14 12.03
N TRP E 36 -7.61 -6.08 10.69
CA TRP E 36 -8.33 -7.06 9.87
C TRP E 36 -7.68 -8.47 9.85
N LYS E 37 -6.43 -8.60 10.29
CA LYS E 37 -5.86 -9.91 10.67
C LYS E 37 -6.28 -10.32 12.08
N ASN E 38 -6.05 -9.45 13.06
CA ASN E 38 -6.34 -9.68 14.48
C ASN E 38 -7.73 -9.16 14.85
N LYS E 39 -8.79 -9.77 14.29
CA LYS E 39 -10.16 -9.22 14.24
C LYS E 39 -10.76 -8.77 15.59
N LEU E 40 -10.39 -9.42 16.71
CA LEU E 40 -10.88 -9.10 18.05
C LEU E 40 -10.05 -8.01 18.79
N PHE E 41 -8.93 -7.55 18.22
CA PHE E 41 -7.94 -6.71 18.91
C PHE E 41 -8.50 -5.41 19.50
N THR E 42 -9.35 -4.68 18.75
CA THR E 42 -9.92 -3.40 19.20
C THR E 42 -11.06 -3.56 20.21
N LEU E 43 -11.64 -4.76 20.36
CA LEU E 43 -12.87 -4.98 21.13
C LEU E 43 -12.67 -4.62 22.61
N SER E 44 -11.67 -5.21 23.27
CA SER E 44 -11.35 -4.91 24.67
C SER E 44 -10.88 -3.46 24.87
N LEU E 45 -10.07 -2.92 23.95
CA LEU E 45 -9.56 -1.54 24.03
C LEU E 45 -10.69 -0.49 24.01
N VAL E 46 -11.71 -0.69 23.16
CA VAL E 46 -12.92 0.16 23.13
C VAL E 46 -13.83 -0.14 24.32
N MET E 47 -14.17 -1.41 24.57
CA MET E 47 -15.14 -1.79 25.60
C MET E 47 -14.71 -1.40 27.02
N VAL E 48 -13.45 -1.69 27.40
CA VAL E 48 -12.94 -1.36 28.73
C VAL E 48 -12.90 0.16 28.93
N ALA E 49 -12.46 0.93 27.94
CA ALA E 49 -12.49 2.39 28.02
C ALA E 49 -13.92 2.93 28.15
N TRP E 50 -14.88 2.39 27.40
CA TRP E 50 -16.28 2.79 27.46
C TRP E 50 -16.93 2.49 28.82
N LEU E 51 -16.54 1.40 29.48
CA LEU E 51 -16.99 1.05 30.83
C LEU E 51 -16.29 1.88 31.92
N MET E 52 -14.97 2.06 31.83
CA MET E 52 -14.14 2.53 32.94
C MET E 52 -13.90 4.04 33.00
N VAL E 53 -13.92 4.76 31.86
CA VAL E 53 -13.43 6.14 31.78
C VAL E 53 -14.58 7.14 31.70
N ASP E 54 -14.65 8.09 32.63
CA ASP E 54 -15.61 9.19 32.61
C ASP E 54 -15.18 10.33 31.66
N GLY E 55 -16.14 11.02 31.05
CA GLY E 55 -15.93 12.08 30.05
C GLY E 55 -15.63 11.53 28.66
N LEU E 56 -16.46 11.88 27.68
CA LEU E 56 -16.32 11.37 26.30
C LEU E 56 -15.00 11.78 25.65
N LEU E 57 -14.58 13.04 25.79
CA LEU E 57 -13.36 13.56 25.15
C LEU E 57 -12.10 12.79 25.60
N PRO E 58 -11.77 12.67 26.91
CA PRO E 58 -10.61 11.91 27.33
C PRO E 58 -10.74 10.41 27.02
N ARG E 59 -11.93 9.82 27.16
CA ARG E 59 -12.20 8.42 26.77
C ARG E 59 -11.85 8.17 25.30
N ILE E 60 -12.34 9.01 24.38
CA ILE E 60 -12.10 8.89 22.94
C ILE E 60 -10.60 9.06 22.63
N LEU E 61 -9.94 10.06 23.20
CA LEU E 61 -8.50 10.26 22.99
C LEU E 61 -7.67 9.08 23.54
N ILE E 62 -8.04 8.48 24.67
CA ILE E 62 -7.37 7.28 25.20
C ILE E 62 -7.52 6.10 24.22
N VAL E 63 -8.72 5.88 23.66
CA VAL E 63 -8.95 4.85 22.63
C VAL E 63 -8.10 5.14 21.39
N VAL E 64 -8.07 6.39 20.90
CA VAL E 64 -7.26 6.79 19.74
C VAL E 64 -5.77 6.52 19.98
N VAL E 65 -5.22 6.87 21.14
CA VAL E 65 -3.82 6.60 21.49
C VAL E 65 -3.56 5.09 21.56
N ALA E 66 -4.42 4.32 22.23
CA ALA E 66 -4.24 2.88 22.36
C ALA E 66 -4.24 2.15 21.01
N LEU E 67 -5.03 2.61 20.05
CA LEU E 67 -5.04 2.09 18.67
C LEU E 67 -3.86 2.63 17.83
N ALA E 68 -3.47 3.90 17.97
CA ALA E 68 -2.37 4.48 17.20
C ALA E 68 -1.01 3.80 17.48
N LEU E 69 -0.80 3.35 18.73
CA LEU E 69 0.38 2.62 19.17
C LEU E 69 0.40 1.13 18.78
N ALA E 70 -0.72 0.57 18.31
CA ALA E 70 -0.94 -0.87 18.23
C ALA E 70 0.17 -1.72 17.57
N PRO E 71 0.68 -1.42 16.37
CA PRO E 71 1.67 -2.28 15.71
C PRO E 71 3.05 -2.27 16.36
N ALA E 72 3.29 -1.44 17.38
CA ALA E 72 4.51 -1.46 18.19
C ALA E 72 4.45 -2.43 19.39
N TYR E 73 3.29 -3.00 19.72
CA TYR E 73 3.11 -3.89 20.89
C TYR E 73 3.77 -5.28 20.74
N ALA E 74 4.23 -5.66 19.55
CA ALA E 74 4.88 -6.95 19.26
C ALA E 74 5.97 -6.82 18.17
N VAL F 1 -38.31 -14.65 -16.90
CA VAL F 1 -38.23 -16.02 -16.31
C VAL F 1 -37.36 -16.03 -15.07
N LEU F 2 -37.59 -16.99 -14.17
CA LEU F 2 -36.77 -17.27 -12.98
C LEU F 2 -36.66 -18.79 -12.78
N ILE F 3 -35.57 -19.20 -12.12
CA ILE F 3 -35.25 -20.60 -11.81
C ILE F 3 -34.63 -20.68 -10.40
N PRO F 4 -35.39 -20.37 -9.34
CA PRO F 4 -34.82 -20.17 -8.00
C PRO F 4 -34.23 -21.44 -7.39
N SER F 5 -33.16 -21.28 -6.61
CA SER F 5 -32.41 -22.37 -5.99
C SER F 5 -33.05 -22.91 -4.70
N HIS F 6 -32.56 -24.05 -4.22
CA HIS F 6 -33.02 -24.73 -3.00
C HIS F 6 -31.82 -25.27 -2.20
N ALA F 7 -31.99 -25.54 -0.91
CA ALA F 7 -30.88 -25.92 -0.02
C ALA F 7 -31.33 -26.65 1.25
N GLN F 8 -30.39 -26.87 2.17
CA GLN F 8 -30.54 -27.37 3.55
C GLN F 8 -31.02 -28.82 3.72
N ARG F 9 -32.02 -29.30 2.97
CA ARG F 9 -32.71 -30.58 3.26
C ARG F 9 -32.97 -31.50 2.06
N ASP F 10 -32.32 -31.25 0.93
CA ASP F 10 -32.03 -32.30 -0.07
C ASP F 10 -30.72 -33.04 0.25
N LEU F 11 -30.22 -32.90 1.48
CA LEU F 11 -28.84 -33.16 1.89
C LEU F 11 -28.37 -34.59 1.57
N THR F 12 -27.48 -34.69 0.60
CA THR F 12 -26.84 -35.95 0.21
C THR F 12 -25.81 -36.42 1.26
N GLY F 13 -25.26 -37.60 1.07
CA GLY F 13 -24.20 -38.16 1.93
C GLY F 13 -22.85 -37.49 1.77
N ARG F 14 -21.80 -38.18 2.22
CA ARG F 14 -20.42 -37.69 2.29
C ARG F 14 -19.68 -37.65 0.94
N GLY F 15 -20.42 -37.74 -0.18
CA GLY F 15 -19.87 -37.66 -1.53
C GLY F 15 -19.59 -36.23 -1.99
N HIS F 16 -19.03 -36.09 -3.19
CA HIS F 16 -18.79 -34.79 -3.84
C HIS F 16 -20.09 -34.03 -4.10
N GLN F 17 -19.99 -32.70 -4.15
CA GLN F 17 -21.12 -31.77 -4.33
C GLN F 17 -20.75 -30.69 -5.36
N TRP F 18 -21.76 -30.05 -5.95
CA TRP F 18 -21.53 -28.95 -6.89
C TRP F 18 -21.01 -27.70 -6.18
N LEU F 19 -20.54 -26.73 -6.96
CA LEU F 19 -19.80 -25.56 -6.49
C LEU F 19 -20.52 -24.79 -5.37
N GLU F 20 -19.85 -24.60 -4.23
CA GLU F 20 -20.26 -23.67 -3.16
C GLU F 20 -21.71 -23.84 -2.69
N GLY F 21 -22.09 -25.10 -2.42
CA GLY F 21 -23.44 -25.49 -2.00
C GLY F 21 -23.82 -25.10 -0.56
N GLU F 22 -23.60 -23.85 -0.16
CA GLU F 22 -23.73 -23.36 1.23
C GLU F 22 -24.43 -21.99 1.31
N ALA F 23 -24.92 -21.65 2.51
CA ALA F 23 -25.63 -20.40 2.79
C ALA F 23 -25.01 -19.58 3.93
N VAL F 24 -24.77 -20.18 5.12
CA VAL F 24 -24.24 -19.44 6.29
C VAL F 24 -22.79 -19.00 6.09
N LYS F 25 -21.91 -19.88 5.59
CA LYS F 25 -20.52 -19.55 5.24
C LYS F 25 -20.46 -18.42 4.21
N ALA F 26 -21.29 -18.50 3.18
CA ALA F 26 -21.40 -17.47 2.15
C ALA F 26 -21.90 -16.13 2.73
N HIS F 27 -22.98 -16.13 3.53
CA HIS F 27 -23.52 -14.91 4.13
C HIS F 27 -22.54 -14.26 5.11
N LEU F 28 -21.87 -15.04 5.97
CA LEU F 28 -20.86 -14.51 6.90
C LEU F 28 -19.69 -13.88 6.14
N THR F 29 -19.10 -14.59 5.17
CA THR F 29 -17.97 -14.06 4.40
C THR F 29 -18.36 -12.86 3.54
N ARG F 30 -19.59 -12.83 2.99
CA ARG F 30 -20.15 -11.65 2.31
C ARG F 30 -20.31 -10.46 3.25
N VAL F 31 -20.88 -10.66 4.44
CA VAL F 31 -21.10 -9.59 5.43
C VAL F 31 -19.78 -9.00 5.90
N GLU F 32 -18.81 -9.83 6.29
CA GLU F 32 -17.50 -9.34 6.76
C GLU F 32 -16.68 -8.71 5.62
N GLY F 33 -16.83 -9.19 4.38
CA GLY F 33 -16.18 -8.62 3.21
C GLY F 33 -16.78 -7.28 2.75
N TRP F 34 -18.08 -7.05 2.95
CA TRP F 34 -18.76 -5.86 2.46
C TRP F 34 -18.32 -4.57 3.15
N VAL F 35 -17.85 -4.64 4.41
CA VAL F 35 -17.53 -3.47 5.25
C VAL F 35 -16.57 -2.46 4.56
N TRP F 36 -15.67 -2.94 3.71
CA TRP F 36 -14.74 -2.11 2.95
C TRP F 36 -15.41 -1.23 1.88
N LYS F 37 -16.60 -1.58 1.37
CA LYS F 37 -17.24 -0.88 0.25
C LYS F 37 -17.67 0.54 0.60
N ASN F 38 -18.35 0.71 1.74
CA ASN F 38 -18.90 2.00 2.17
C ASN F 38 -19.07 2.04 3.70
N LYS F 39 -18.13 2.68 4.41
CA LYS F 39 -18.20 2.87 5.87
C LYS F 39 -19.34 3.80 6.28
N LEU F 40 -19.57 4.89 5.54
CA LEU F 40 -20.54 5.93 5.89
C LEU F 40 -21.99 5.43 5.92
N PHE F 41 -22.34 4.45 5.07
CA PHE F 41 -23.67 3.83 5.08
C PHE F 41 -23.98 3.17 6.43
N THR F 42 -23.18 2.19 6.87
CA THR F 42 -23.38 1.56 8.19
C THR F 42 -23.10 2.52 9.34
N LEU F 43 -22.11 3.41 9.24
CA LEU F 43 -21.79 4.38 10.31
C LEU F 43 -22.96 5.34 10.57
N SER F 44 -23.57 5.89 9.52
CA SER F 44 -24.73 6.78 9.68
C SER F 44 -25.97 6.04 10.17
N LEU F 45 -26.24 4.82 9.72
CA LEU F 45 -27.31 3.98 10.27
C LEU F 45 -27.08 3.66 11.76
N VAL F 46 -25.86 3.30 12.15
CA VAL F 46 -25.47 3.08 13.55
C VAL F 46 -25.66 4.35 14.37
N MET F 47 -25.18 5.50 13.89
CA MET F 47 -25.33 6.78 14.59
C MET F 47 -26.80 7.15 14.80
N VAL F 48 -27.64 7.04 13.77
CA VAL F 48 -29.09 7.28 13.89
C VAL F 48 -29.72 6.31 14.89
N ALA F 49 -29.43 5.00 14.82
CA ALA F 49 -29.96 4.03 15.77
C ALA F 49 -29.50 4.32 17.21
N TRP F 50 -28.23 4.70 17.41
CA TRP F 50 -27.66 5.06 18.71
C TRP F 50 -28.30 6.32 19.31
N LEU F 51 -28.74 7.27 18.48
CA LEU F 51 -29.47 8.47 18.92
C LEU F 51 -30.98 8.21 19.14
N MET F 52 -31.61 7.39 18.29
CA MET F 52 -33.07 7.21 18.27
C MET F 52 -33.61 6.19 19.28
N VAL F 53 -32.92 5.07 19.48
CA VAL F 53 -33.42 3.99 20.36
C VAL F 53 -33.13 4.31 21.83
N ASP F 54 -34.08 4.05 22.72
CA ASP F 54 -33.97 4.28 24.17
C ASP F 54 -33.73 2.97 24.94
N GLY F 55 -32.76 2.98 25.86
CA GLY F 55 -32.25 1.78 26.54
C GLY F 55 -31.12 1.10 25.75
N LEU F 56 -29.99 0.83 26.41
CA LEU F 56 -28.78 0.31 25.76
C LEU F 56 -28.97 -1.08 25.14
N LEU F 57 -29.74 -1.97 25.78
CA LEU F 57 -29.97 -3.33 25.29
C LEU F 57 -30.63 -3.33 23.90
N PRO F 58 -31.83 -2.74 23.68
CA PRO F 58 -32.41 -2.68 22.35
C PRO F 58 -31.58 -1.83 21.38
N ARG F 59 -30.95 -0.74 21.86
CA ARG F 59 -30.07 0.11 21.04
C ARG F 59 -28.89 -0.66 20.42
N ILE F 60 -28.32 -1.61 21.16
CA ILE F 60 -27.29 -2.54 20.66
C ILE F 60 -27.92 -3.63 19.76
N LEU F 61 -29.03 -4.24 20.19
CA LEU F 61 -29.58 -5.44 19.54
C LEU F 61 -30.26 -5.18 18.18
N ILE F 62 -31.04 -4.11 18.05
CA ILE F 62 -31.92 -3.91 16.87
C ILE F 62 -31.14 -3.81 15.55
N VAL F 63 -29.94 -3.24 15.60
CA VAL F 63 -29.08 -2.99 14.42
C VAL F 63 -28.68 -4.28 13.69
N VAL F 64 -28.59 -5.40 14.39
CA VAL F 64 -28.08 -6.68 13.84
C VAL F 64 -28.88 -7.16 12.64
N VAL F 65 -30.22 -7.07 12.70
CA VAL F 65 -31.09 -7.47 11.59
C VAL F 65 -30.88 -6.61 10.35
N ALA F 66 -30.75 -5.29 10.54
CA ALA F 66 -30.51 -4.37 9.43
C ALA F 66 -29.18 -4.66 8.73
N LEU F 67 -28.10 -4.88 9.49
CA LEU F 67 -26.80 -5.22 8.92
C LEU F 67 -26.80 -6.62 8.29
N ALA F 68 -27.57 -7.58 8.80
CA ALA F 68 -27.72 -8.90 8.17
C ALA F 68 -28.44 -8.82 6.82
N LEU F 69 -29.37 -7.88 6.65
CA LEU F 69 -30.08 -7.63 5.39
C LEU F 69 -29.29 -6.75 4.41
N ALA F 70 -28.45 -5.84 4.90
CA ALA F 70 -27.78 -4.80 4.10
C ALA F 70 -27.16 -5.26 2.76
N PRO F 71 -26.35 -6.33 2.68
CA PRO F 71 -25.73 -6.72 1.41
C PRO F 71 -26.71 -7.26 0.36
N ALA F 72 -27.96 -7.55 0.71
CA ALA F 72 -29.01 -7.86 -0.26
C ALA F 72 -29.50 -6.62 -1.05
N TYR F 73 -29.08 -5.42 -0.65
CA TYR F 73 -29.50 -4.13 -1.24
C TYR F 73 -28.32 -3.21 -1.62
N ALA F 74 -27.07 -3.71 -1.56
CA ALA F 74 -25.85 -2.94 -1.84
C ALA F 74 -24.71 -3.81 -2.45
C1 NAG G . 12.20 13.42 -30.91
C2 NAG G . 13.28 12.86 -31.87
C3 NAG G . 12.63 12.36 -33.17
C4 NAG G . 11.49 11.37 -32.87
C5 NAG G . 10.49 11.93 -31.84
C6 NAG G . 9.42 10.91 -31.44
C7 NAG G . 14.23 15.01 -32.63
C8 NAG G . 15.49 15.86 -32.75
N2 NAG G . 14.38 13.80 -32.10
O3 NAG G . 13.62 11.70 -34.01
O4 NAG G . 10.74 11.13 -34.12
O5 NAG G . 11.22 12.38 -30.64
O6 NAG G . 10.02 9.71 -30.93
O7 NAG G . 13.12 15.41 -33.00
C1 NAG G . 10.92 9.81 -34.71
C2 NAG G . 9.79 9.54 -35.72
C3 NAG G . 10.01 8.18 -36.40
C4 NAG G . 11.39 8.14 -37.09
C5 NAG G . 12.52 8.47 -36.09
C6 NAG G . 13.89 8.59 -36.76
C7 NAG G . 7.58 10.51 -35.21
C8 NAG G . 6.31 10.41 -34.36
N2 NAG G . 8.47 9.54 -35.05
O3 NAG G . 8.99 7.92 -37.41
O4 NAG G . 11.58 6.80 -37.60
O5 NAG G . 12.22 9.74 -35.39
O6 NAG G . 13.92 9.71 -37.67
O7 NAG G . 7.77 11.44 -36.00
C1 NAG H . 48.03 -32.42 23.45
C2 NAG H . 49.02 -32.74 22.31
C3 NAG H . 50.46 -32.77 22.86
C4 NAG H . 50.80 -31.46 23.57
C5 NAG H . 49.73 -31.02 24.58
C6 NAG H . 49.95 -29.59 25.10
C7 NAG H . 48.57 -35.15 22.10
C8 NAG H . 48.16 -36.29 21.17
N2 NAG H . 48.66 -33.95 21.56
O3 NAG H . 51.41 -32.99 21.77
O4 NAG H . 52.05 -31.68 24.33
O5 NAG H . 48.37 -31.11 23.99
O6 NAG H . 50.00 -28.66 24.01
O7 NAG H . 48.79 -35.34 23.30
C1 NAG H . 53.22 -30.97 23.85
C2 NAG H . 54.36 -31.14 24.88
C3 NAG H . 55.67 -30.49 24.38
C4 NAG H . 56.04 -31.07 23.01
C5 NAG H . 54.89 -30.93 22.00
C6 NAG H . 55.21 -31.59 20.65
C7 NAG H . 53.57 -29.45 26.52
C8 NAG H . 53.11 -29.23 27.97
N2 NAG H . 53.99 -30.69 26.23
O3 NAG H . 56.76 -30.73 25.31
O4 NAG H . 57.20 -30.36 22.54
O5 NAG H . 53.67 -31.56 22.58
O6 NAG H . 54.11 -31.40 19.74
O7 NAG H . 53.55 -28.56 25.68
C1 NAG I . -46.50 3.38 -50.54
C2 NAG I . -45.60 2.29 -51.17
C3 NAG I . -46.49 1.35 -52.00
C4 NAG I . -47.61 0.77 -51.13
C5 NAG I . -48.44 1.84 -50.38
C6 NAG I . -49.35 1.22 -49.30
C7 NAG I . -44.61 3.65 -52.99
C8 NAG I . -43.31 4.15 -53.62
N2 NAG I . -44.48 2.86 -51.92
O3 NAG I . -45.72 0.26 -52.56
O4 NAG I . -48.43 -0.10 -51.99
O5 NAG I . -47.53 2.76 -49.69
O6 NAG I . -50.38 2.17 -48.93
O7 NAG I . -45.71 3.97 -53.43
C1 NAG I . -49.54 0.47 -52.78
C2 NAG I . -49.75 -0.34 -54.07
C3 NAG I . -51.12 -0.04 -54.71
C4 NAG I . -52.27 -0.13 -53.70
C5 NAG I . -52.01 0.86 -52.56
C6 NAG I . -53.12 0.84 -51.49
C7 NAG I . -47.53 -0.66 -55.10
C8 NAG I . -46.58 -0.21 -56.22
N2 NAG I . -48.70 -0.04 -55.05
O3 NAG I . -51.38 -0.99 -55.80
O4 NAG I . -53.48 0.24 -54.39
O5 NAG I . -50.74 0.46 -51.93
O6 NAG I . -52.75 1.73 -50.41
O7 NAG I . -47.22 -1.53 -54.29
C1 CPL J . 10.91 -23.04 33.09
C2 CPL J . 10.23 -22.18 34.21
C3 CPL J . 10.94 -20.83 34.52
C4 CPL J . 13.84 -22.52 29.49
C5 CPL J . 13.10 -22.43 28.12
C6 CPL J . 12.34 -24.86 28.28
C7 CPL J . 11.99 -23.56 26.17
C8 CPL J . 14.26 -24.26 26.83
C11 CPL J . 10.76 -18.98 36.07
C12 CPL J . 9.78 -18.26 37.01
C13 CPL J . 9.31 -19.15 38.19
C14 CPL J . 8.37 -18.40 39.17
C15 CPL J . 7.01 -18.06 38.56
C31 CPL J . 7.90 -21.82 34.80
C32 CPL J . 6.59 -21.27 34.25
C33 CPL J . 5.92 -20.28 35.25
C34 CPL J . 4.77 -19.49 34.58
C35 CPL J . 4.12 -18.49 35.56
N CPL J . 12.92 -23.77 27.38
O2 CPL J . 8.85 -21.92 33.83
O3 CPL J . 10.23 -20.12 35.56
O11 CPL J . 11.88 -18.57 35.82
O31 CPL J . 8.07 -22.14 35.97
O1P CPL J . 11.62 -20.62 30.20
O2P CPL J . 12.90 -20.91 32.29
O3P CPL J . 10.85 -22.40 31.79
O4P CPL J . 12.90 -22.79 30.54
P CPL J . 12.11 -21.57 31.23
C1 CPL K . 18.15 -29.12 43.01
C2 CPL K . 17.16 -28.22 43.79
C3 CPL K . 15.70 -28.39 43.27
C4 CPL K . 16.45 -32.36 40.96
C5 CPL K . 15.48 -32.03 42.13
C6 CPL K . 13.52 -31.18 40.80
C7 CPL K . 13.72 -33.64 41.32
C8 CPL K . 13.20 -32.01 43.12
C11 CPL K . 15.18 -26.07 42.85
C12 CPL K . 14.35 -24.88 43.33
C13 CPL K . 14.92 -24.28 44.64
C14 CPL K . 14.16 -22.99 45.05
C15 CPL K . 14.72 -22.39 46.35
C31 CPL K . 18.23 -28.25 45.99
C32 CPL K . 17.96 -28.59 47.45
C33 CPL K . 16.81 -27.74 48.06
C34 CPL K . 17.13 -26.22 48.06
C35 CPL K . 15.97 -25.39 48.65
N CPL K . 13.99 -32.22 41.83
O2 CPL K . 17.15 -28.55 45.21
O3 CPL K . 14.94 -27.20 43.57
O11 CPL K . 15.96 -26.02 41.92
O31 CPL K . 19.27 -27.76 45.57
O1P CPL K . 19.96 -31.16 41.96
O2P CPL K . 18.64 -32.94 42.98
O3P CPL K . 17.85 -30.51 43.25
O4P CPL K . 17.64 -31.55 41.06
P CPL K . 18.60 -31.60 42.35
C1 CPL L . 4.92 26.09 7.52
C2 CPL L . 3.91 25.28 8.39
C3 CPL L . 3.90 25.65 9.90
C4 CPL L . 9.08 25.51 6.96
C5 CPL L . 8.92 24.55 5.74
C6 CPL L . 9.45 22.35 6.84
C7 CPL L . 9.51 22.58 4.38
C8 CPL L . 11.28 23.67 5.73
C11 CPL L . 3.18 27.98 10.08
C12 CPL L . 1.96 28.84 10.38
C13 CPL L . 2.23 30.37 10.51
C14 CPL L . 2.49 31.06 9.15
C15 CPL L . 2.53 32.60 9.31
C31 CPL L . 2.16 24.91 6.71
C32 CPL L . 0.72 25.27 6.39
C33 CPL L . 0.07 24.47 5.23
C34 CPL L . -0.07 22.97 5.55
C35 CPL L . -0.77 22.18 4.42
N CPL L . 9.80 23.31 5.69
O2 CPL L . 2.57 25.48 7.87
O3 CPL L . 2.89 26.65 10.19
O11 CPL L . 4.29 28.41 9.82
O31 CPL L . 2.87 24.19 6.01
O1P CPL L . 6.65 24.10 9.68
O2P CPL L . 6.58 23.55 7.32
O3P CPL L . 6.29 26.00 8.02
O4P CPL L . 8.53 24.98 8.18
P CPL L . 6.98 24.57 8.31
C1 CPL M . -0.88 32.26 -1.41
C2 CPL M . -2.16 32.32 -0.55
C3 CPL M . -2.23 33.65 0.29
C4 CPL M . 1.86 34.86 -2.94
C5 CPL M . 0.92 35.66 -1.99
C6 CPL M . 1.18 37.92 -3.05
C7 CPL M . 0.29 37.72 -0.75
C8 CPL M . 2.70 37.27 -1.19
C11 CPL M . -3.88 33.21 2.14
C12 CPL M . -2.79 32.39 2.87
C13 CPL M . -3.29 31.80 4.22
C14 CPL M . -2.25 30.87 4.89
C15 CPL M . -0.97 31.62 5.37
C31 CPL M . -4.46 31.63 -1.02
C32 CPL M . -5.54 31.67 -2.09
C33 CPL M . -5.98 33.10 -2.48
C34 CPL M . -7.25 33.13 -3.38
C35 CPL M . -7.09 32.36 -4.70
N CPL M . 1.29 37.13 -1.75
O2 CPL M . -3.31 32.23 -1.43
O3 CPL M . -3.51 33.81 0.96
O11 CPL M . -5.00 33.37 2.59
O31 CPL M . -4.60 31.08 0.06
O1P CPL M . -0.12 31.82 -4.30
O2P CPL M . -0.41 34.19 -4.76
O3P CPL M . -0.92 33.31 -2.40
O4P CPL M . 1.40 33.50 -3.11
P CPL M . -0.04 33.19 -3.73
C1 CPL N . -32.03 8.85 -15.36
C2 CPL N . -33.30 8.84 -14.43
C3 CPL N . -33.65 10.21 -13.78
C4 CPL N . -29.80 5.45 -17.11
C5 CPL N . -29.92 6.69 -18.04
C6 CPL N . -30.46 5.51 -20.19
C7 CPL N . -32.33 6.28 -18.73
C8 CPL N . -30.92 7.94 -19.93
C11 CPL N . -33.47 12.63 -14.35
C12 CPL N . -34.34 12.89 -13.11
C13 CPL N . -34.60 14.39 -12.83
C14 CPL N . -35.51 14.59 -11.59
C15 CPL N . -35.79 16.08 -11.29
C31 CPL N . -34.98 8.84 -16.27
C32 CPL N . -36.18 8.01 -16.76
C33 CPL N . -36.87 8.60 -18.00
C34 CPL N . -38.00 7.68 -18.56
C35 CPL N . -39.21 7.56 -17.61
N CPL N . -30.91 6.59 -19.21
O2 CPL N . -34.46 8.29 -15.12
O3 CPL N . -33.21 11.32 -14.63
O11 CPL N . -33.02 13.53 -15.04
O31 CPL N . -34.57 9.83 -16.82
O1P CPL N . -30.00 6.66 -14.36
O2P CPL N . -32.26 5.78 -14.13
O3P CPL N . -31.81 7.55 -15.94
O4P CPL N . -30.95 5.30 -16.27
P CPL N . -31.25 6.33 -15.08
C1 CPL O . -40.00 4.56 -27.05
C2 CPL O . -38.59 4.62 -27.73
C3 CPL O . -37.69 5.80 -27.24
C4 CPL O . -39.71 8.60 -27.35
C5 CPL O . -40.85 9.59 -27.03
C6 CPL O . -41.73 11.49 -25.66
C7 CPL O . -40.77 9.52 -24.51
C8 CPL O . -39.28 11.11 -25.74
C11 CPL O . -37.32 7.09 -25.24
C12 CPL O . -37.19 7.00 -23.72
C13 CPL O . -35.93 7.73 -23.19
C14 CPL O . -35.70 7.49 -21.67
C15 CPL O . -34.37 8.09 -21.19
C31 CPL O . -38.22 2.20 -27.98
C32 CPL O . -37.36 1.06 -27.45
C33 CPL O . -37.55 0.83 -25.93
C34 CPL O . -36.75 -0.38 -25.42
C35 CPL O . -36.92 -0.57 -23.90
N CPL O . -40.65 10.42 -25.74
O2 CPL O . -37.86 3.40 -27.43
O3 CPL O . -37.77 5.93 -25.80
O11 CPL O . -37.04 8.09 -25.88
O31 CPL O . -39.09 2.05 -28.83
O1P CPL O . -41.22 5.72 -29.53
O2P CPL O . -42.52 7.26 -28.18
O3P CPL O . -40.71 5.84 -27.02
O4P CPL O . -40.01 7.71 -28.45
P CPL O . -41.19 6.61 -28.35
#